data_2XP7
# 
_entry.id   2XP7 
# 
_audit_conform.dict_name       mmcif_pdbx.dic 
_audit_conform.dict_version    5.383 
_audit_conform.dict_location   http://mmcif.pdb.org/dictionaries/ascii/mmcif_pdbx.dic 
# 
loop_
_database_2.database_id 
_database_2.database_code 
_database_2.pdbx_database_accession 
_database_2.pdbx_DOI 
PDB   2XP7         pdb_00002xp7 10.2210/pdb2xp7/pdb 
PDBE  EBI-45160    ?            ?                   
WWPDB D_1290045160 ?            ?                   
# 
loop_
_pdbx_database_related.db_name 
_pdbx_database_related.db_id 
_pdbx_database_related.content_type 
_pdbx_database_related.details 
PDB 1F8A unspecified 'STRUCTURAL BASIS FOR THE PHOSPHOSERINE-PROLINE RECOGNITIONBY GROUP IV WW DOMAINS'                 
PDB 1I8G unspecified 'SOLUTION STRUCTURE OF PIN1 WW DOMAIN COMPLEXED WITH CDC25PHOSPHOTHREONINE PEPTIDE'                
PDB 2XPB unspecified 'DISCOVERY OF CELL-ACTIVE PHENYL-IMIDAZOLE PIN1 INHIBITORS BY STRUCTURE-GUIDED FRAGMENT EVOLUTION' 
PDB 1PIN unspecified 'PIN1 PEPTIDYL-PROLYL CIS-TRANS ISOMERASE FROM HOMO SAPIENS'                                       
PDB 2XP3 unspecified 'DISCOVERY OF CELL-ACTIVE PHENYL-IMIDAZOLE PIN1 INHIBITORS BY STRUCTURE-GUIDED FRAGMENT EVOLUTION' 
PDB 2XP5 unspecified 'DISCOVERY OF CELL-ACTIVE PHENYL-IMIDAZOLE PIN1 INHIBITORS BY STRUCTURE-GUIDED FRAGMENT EVOLUTION' 
PDB 1NMW unspecified 'SOLUTION STRUCTURE OF THE PPIASE DOMAIN OF HUMAN PIN1'                                            
PDB 2XP4 unspecified 'DISCOVERY OF CELL-ACTIVE PHENYL-IMIDAZOLE PIN1 INHIBITORS BY STRUCTURE-GUIDED FRAGMENT EVOLUTION' 
PDB 1ZCN unspecified 'HUMAN PIN1 NG MUTANT'                                                                             
PDB 2F21 unspecified 'HUMAN PIN1 FIP MUTANT'                                                                            
PDB 2XP6 unspecified 'DISCOVERY OF CELL-ACTIVE PHENYL-IMIDAZOLE PIN1 INHIBITORS BY STRUCTURE-GUIDED FRAGMENT EVOLUTION' 
PDB 2XP8 unspecified 'DISCOVERY OF CELL-ACTIVE PHENYL-IMIDAZOLE PIN1 INHIBITORS BY STRUCTURE-GUIDED FRAGMENT EVOLUTION' 
PDB 1NMV unspecified 'SOLUTION STRUCTURE OF HUMAN PIN1'                                                                 
PDB 2XP9 unspecified 'DISCOVERY OF CELL-ACTIVE PHENYL-IMIDAZOLE PIN1 INHIBITORS BY STRUCTURE-GUIDED FRAGMENT EVOLUTION' 
PDB 1I8H unspecified 'SOLUTION STRUCTURE OF PIN1 WW DOMAIN COMPLEXED WITH HUMANTAU PHOSPHOTHREONINE PEPTIDE'            
PDB 2XPA unspecified 'DISCOVERY OF CELL-ACTIVE PHENYL-IMIDAZOLE PIN1 INHIBITORS BY STRUCTURE-GUIDED FRAGMENT EVOLUTION' 
PDB 1I6C unspecified 'SOLUTION STRUCTURE OF PIN1 WW DOMAIN'                                                             
# 
_pdbx_database_status.status_code                     REL 
_pdbx_database_status.entry_id                        2XP7 
_pdbx_database_status.deposit_site                    PDBE 
_pdbx_database_status.process_site                    PDBE 
_pdbx_database_status.SG_entry                        . 
_pdbx_database_status.recvd_initial_deposition_date   2010-08-25 
_pdbx_database_status.pdb_format_compatible           Y 
_pdbx_database_status.status_code_sf                  REL 
_pdbx_database_status.status_code_mr                  ? 
_pdbx_database_status.status_code_cs                  ? 
_pdbx_database_status.methods_development_category    ? 
_pdbx_database_status.status_code_nmr_data            ? 
# 
loop_
_audit_author.name 
_audit_author.pdbx_ordinal 
'Potter, A.'       1  
'Oldfield, V.'     2  
'Nunns, C.'        3  
'Fromont, C.'      4  
'Ray, S.'          5  
'Northfield, C.J.' 6  
'Bryant, C.J.'     7  
'Scrace, S.F.'     8  
'Robinson, D.'     9  
'Matossova, N.'    10 
'Baker, L.'        11 
'Dokurno, P.'      12 
'Surgenor, A.E.'   13 
'Davis, B.E.'      14 
'Richardson, C.M.' 15 
'Murray, J.B.'     16 
'Moore, J.D.'      17 
# 
_citation.id                        primary 
_citation.title                     
'Discovery of Cell-Active Phenyl-Imidazole Pin1 Inhibitors by Structure-Guided Fragment Evolution.' 
_citation.journal_abbrev            Bioorg.Med.Chem.Lett. 
_citation.journal_volume            20 
_citation.page_first                6483 
_citation.page_last                 ? 
_citation.year                      2010 
_citation.journal_id_ASTM           BMCLE8 
_citation.country                   UK 
_citation.journal_id_ISSN           0960-894X 
_citation.journal_id_CSD            1127 
_citation.book_publisher            ? 
_citation.pdbx_database_id_PubMed   20932746 
_citation.pdbx_database_id_DOI      10.1016/J.BMCL.2010.09.063 
# 
loop_
_citation_author.citation_id 
_citation_author.name 
_citation_author.ordinal 
_citation_author.identifier_ORCID 
primary 'Potter, A.'       1  ? 
primary 'Oldfield, V.'     2  ? 
primary 'Nunns, C.'        3  ? 
primary 'Fromont, C.'      4  ? 
primary 'Ray, S.'          5  ? 
primary 'Northfield, C.J.' 6  ? 
primary 'Bryant, C.J.'     7  ? 
primary 'Scrace, S.F.'     8  ? 
primary 'Robinson, D.'     9  ? 
primary 'Matossova, N.'    10 ? 
primary 'Baker, L.'        11 ? 
primary 'Dokurno, P.'      12 ? 
primary 'Surgenor, A.E.'   13 ? 
primary 'Davis, B.'        14 ? 
primary 'Richardson, C.M.' 15 ? 
primary 'Murray, J.B.'     16 ? 
primary 'Moore, J.D.'      17 ? 
# 
_cell.entry_id           2XP7 
_cell.length_a           68.735 
_cell.length_b           68.735 
_cell.length_c           79.467 
_cell.angle_alpha        90.00 
_cell.angle_beta         90.00 
_cell.angle_gamma        120.00 
_cell.Z_PDB              6 
_cell.pdbx_unique_axis   ? 
# 
_symmetry.entry_id                         2XP7 
_symmetry.space_group_name_H-M             'P 31 2 1' 
_symmetry.pdbx_full_space_group_name_H-M   ? 
_symmetry.cell_setting                     ? 
_symmetry.Int_Tables_number                152 
# 
loop_
_entity.id 
_entity.type 
_entity.src_method 
_entity.pdbx_description 
_entity.formula_weight 
_entity.pdbx_number_of_molecules 
_entity.pdbx_ec 
_entity.pdbx_mutation 
_entity.pdbx_fragment 
_entity.details 
1 polymer     man 'PEPTIDYL-PROLYL CIS-TRANS ISOMERASE NIMA-INTERACTING 1' 18524.525 1   5.2.1.8 YES ? ? 
2 non-polymer syn '2-PHENYL-1H-IMIDAZOLE-4,5-DICARBOXYLIC ACID'            232.192   1   ?       ?   ? ? 
3 non-polymer syn 'DODECAETHYLENE GLYCOL'                                  546.646   1   ?       ?   ? ? 
4 water       nat water                                                    18.015    138 ?       ?   ? ? 
# 
_entity_name_com.entity_id   1 
_entity_name_com.name        'PIN1, PEPTIDYL-PROLYL CIS-TRANS ISOMERASE PIN1, PPIASE PIN1, ROTAMASE PIN1' 
# 
_entity_poly.entity_id                      1 
_entity_poly.type                           'polypeptide(L)' 
_entity_poly.nstd_linkage                   no 
_entity_poly.nstd_monomer                   no 
_entity_poly.pdbx_seq_one_letter_code       
;GSHGMADEEKLPPGWEKAMSRSSGRVYYFNHITNASQWERPSGNSSSGGKNGQGEPARVRCSHLLVKHSQSRRPSSWRQE
KITRTKEEALELINGYIQKIKSGEEDFESLASQFSDCSSAKARGDLGAFSRGQMQKPFEDASFALRTGEMSGPVFTDSGI
HIILRTE
;
_entity_poly.pdbx_seq_one_letter_code_can   
;GSHGMADEEKLPPGWEKAMSRSSGRVYYFNHITNASQWERPSGNSSSGGKNGQGEPARVRCSHLLVKHSQSRRPSSWRQE
KITRTKEEALELINGYIQKIKSGEEDFESLASQFSDCSSAKARGDLGAFSRGQMQKPFEDASFALRTGEMSGPVFTDSGI
HIILRTE
;
_entity_poly.pdbx_strand_id                 A 
_entity_poly.pdbx_target_identifier         ? 
# 
loop_
_entity_poly_seq.entity_id 
_entity_poly_seq.num 
_entity_poly_seq.mon_id 
_entity_poly_seq.hetero 
1 1   GLY n 
1 2   SER n 
1 3   HIS n 
1 4   GLY n 
1 5   MET n 
1 6   ALA n 
1 7   ASP n 
1 8   GLU n 
1 9   GLU n 
1 10  LYS n 
1 11  LEU n 
1 12  PRO n 
1 13  PRO n 
1 14  GLY n 
1 15  TRP n 
1 16  GLU n 
1 17  LYS n 
1 18  ALA n 
1 19  MET n 
1 20  SER n 
1 21  ARG n 
1 22  SER n 
1 23  SER n 
1 24  GLY n 
1 25  ARG n 
1 26  VAL n 
1 27  TYR n 
1 28  TYR n 
1 29  PHE n 
1 30  ASN n 
1 31  HIS n 
1 32  ILE n 
1 33  THR n 
1 34  ASN n 
1 35  ALA n 
1 36  SER n 
1 37  GLN n 
1 38  TRP n 
1 39  GLU n 
1 40  ARG n 
1 41  PRO n 
1 42  SER n 
1 43  GLY n 
1 44  ASN n 
1 45  SER n 
1 46  SER n 
1 47  SER n 
1 48  GLY n 
1 49  GLY n 
1 50  LYS n 
1 51  ASN n 
1 52  GLY n 
1 53  GLN n 
1 54  GLY n 
1 55  GLU n 
1 56  PRO n 
1 57  ALA n 
1 58  ARG n 
1 59  VAL n 
1 60  ARG n 
1 61  CYS n 
1 62  SER n 
1 63  HIS n 
1 64  LEU n 
1 65  LEU n 
1 66  VAL n 
1 67  LYS n 
1 68  HIS n 
1 69  SER n 
1 70  GLN n 
1 71  SER n 
1 72  ARG n 
1 73  ARG n 
1 74  PRO n 
1 75  SER n 
1 76  SER n 
1 77  TRP n 
1 78  ARG n 
1 79  GLN n 
1 80  GLU n 
1 81  LYS n 
1 82  ILE n 
1 83  THR n 
1 84  ARG n 
1 85  THR n 
1 86  LYS n 
1 87  GLU n 
1 88  GLU n 
1 89  ALA n 
1 90  LEU n 
1 91  GLU n 
1 92  LEU n 
1 93  ILE n 
1 94  ASN n 
1 95  GLY n 
1 96  TYR n 
1 97  ILE n 
1 98  GLN n 
1 99  LYS n 
1 100 ILE n 
1 101 LYS n 
1 102 SER n 
1 103 GLY n 
1 104 GLU n 
1 105 GLU n 
1 106 ASP n 
1 107 PHE n 
1 108 GLU n 
1 109 SER n 
1 110 LEU n 
1 111 ALA n 
1 112 SER n 
1 113 GLN n 
1 114 PHE n 
1 115 SER n 
1 116 ASP n 
1 117 CYS n 
1 118 SER n 
1 119 SER n 
1 120 ALA n 
1 121 LYS n 
1 122 ALA n 
1 123 ARG n 
1 124 GLY n 
1 125 ASP n 
1 126 LEU n 
1 127 GLY n 
1 128 ALA n 
1 129 PHE n 
1 130 SER n 
1 131 ARG n 
1 132 GLY n 
1 133 GLN n 
1 134 MET n 
1 135 GLN n 
1 136 LYS n 
1 137 PRO n 
1 138 PHE n 
1 139 GLU n 
1 140 ASP n 
1 141 ALA n 
1 142 SER n 
1 143 PHE n 
1 144 ALA n 
1 145 LEU n 
1 146 ARG n 
1 147 THR n 
1 148 GLY n 
1 149 GLU n 
1 150 MET n 
1 151 SER n 
1 152 GLY n 
1 153 PRO n 
1 154 VAL n 
1 155 PHE n 
1 156 THR n 
1 157 ASP n 
1 158 SER n 
1 159 GLY n 
1 160 ILE n 
1 161 HIS n 
1 162 ILE n 
1 163 ILE n 
1 164 LEU n 
1 165 ARG n 
1 166 THR n 
1 167 GLU n 
# 
_entity_src_gen.entity_id                          1 
_entity_src_gen.pdbx_src_id                        1 
_entity_src_gen.pdbx_alt_source_flag               sample 
_entity_src_gen.pdbx_seq_type                      ? 
_entity_src_gen.pdbx_beg_seq_num                   ? 
_entity_src_gen.pdbx_end_seq_num                   ? 
_entity_src_gen.gene_src_common_name               HUMAN 
_entity_src_gen.gene_src_genus                     ? 
_entity_src_gen.pdbx_gene_src_gene                 ? 
_entity_src_gen.gene_src_species                   ? 
_entity_src_gen.gene_src_strain                    ? 
_entity_src_gen.gene_src_tissue                    ? 
_entity_src_gen.gene_src_tissue_fraction           ? 
_entity_src_gen.gene_src_details                   ? 
_entity_src_gen.pdbx_gene_src_fragment             ? 
_entity_src_gen.pdbx_gene_src_scientific_name      'HOMO SAPIENS' 
_entity_src_gen.pdbx_gene_src_ncbi_taxonomy_id     9606 
_entity_src_gen.pdbx_gene_src_variant              ? 
_entity_src_gen.pdbx_gene_src_cell_line            ? 
_entity_src_gen.pdbx_gene_src_atcc                 ? 
_entity_src_gen.pdbx_gene_src_organ                ? 
_entity_src_gen.pdbx_gene_src_organelle            ? 
_entity_src_gen.pdbx_gene_src_cell                 ? 
_entity_src_gen.pdbx_gene_src_cellular_location    ? 
_entity_src_gen.host_org_common_name               ? 
_entity_src_gen.pdbx_host_org_scientific_name      'ESCHERICHIA COLI' 
_entity_src_gen.pdbx_host_org_ncbi_taxonomy_id     469008 
_entity_src_gen.host_org_genus                     ? 
_entity_src_gen.pdbx_host_org_gene                 ? 
_entity_src_gen.pdbx_host_org_organ                ? 
_entity_src_gen.host_org_species                   ? 
_entity_src_gen.pdbx_host_org_tissue               ? 
_entity_src_gen.pdbx_host_org_tissue_fraction      ? 
_entity_src_gen.pdbx_host_org_strain               'BL21(DE3)' 
_entity_src_gen.pdbx_host_org_variant              ? 
_entity_src_gen.pdbx_host_org_cell_line            ? 
_entity_src_gen.pdbx_host_org_atcc                 ? 
_entity_src_gen.pdbx_host_org_culture_collection   ? 
_entity_src_gen.pdbx_host_org_cell                 ? 
_entity_src_gen.pdbx_host_org_organelle            ? 
_entity_src_gen.pdbx_host_org_cellular_location    ? 
_entity_src_gen.pdbx_host_org_vector_type          PLASMID 
_entity_src_gen.pdbx_host_org_vector               ? 
_entity_src_gen.host_org_details                   ? 
_entity_src_gen.expression_system_id               ? 
_entity_src_gen.plasmid_name                       PET28A 
_entity_src_gen.plasmid_details                    ? 
_entity_src_gen.pdbx_description                   ? 
# 
_struct_ref.id                         1 
_struct_ref.db_name                    UNP 
_struct_ref.db_code                    PIN1_HUMAN 
_struct_ref.entity_id                  1 
_struct_ref.pdbx_seq_one_letter_code   ? 
_struct_ref.pdbx_align_begin           ? 
_struct_ref.pdbx_db_accession          Q13526 
_struct_ref.pdbx_db_isoform            ? 
# 
_struct_ref_seq.align_id                      1 
_struct_ref_seq.ref_id                        1 
_struct_ref_seq.pdbx_PDB_id_code              2XP7 
_struct_ref_seq.pdbx_strand_id                A 
_struct_ref_seq.seq_align_beg                 5 
_struct_ref_seq.pdbx_seq_align_beg_ins_code   ? 
_struct_ref_seq.seq_align_end                 167 
_struct_ref_seq.pdbx_seq_align_end_ins_code   ? 
_struct_ref_seq.pdbx_db_accession             Q13526 
_struct_ref_seq.db_align_beg                  1 
_struct_ref_seq.pdbx_db_align_beg_ins_code    ? 
_struct_ref_seq.db_align_end                  163 
_struct_ref_seq.pdbx_db_align_end_ins_code    ? 
_struct_ref_seq.pdbx_auth_seq_align_beg       1 
_struct_ref_seq.pdbx_auth_seq_align_end       163 
# 
loop_
_struct_ref_seq_dif.align_id 
_struct_ref_seq_dif.pdbx_pdb_id_code 
_struct_ref_seq_dif.mon_id 
_struct_ref_seq_dif.pdbx_pdb_strand_id 
_struct_ref_seq_dif.seq_num 
_struct_ref_seq_dif.pdbx_pdb_ins_code 
_struct_ref_seq_dif.pdbx_seq_db_name 
_struct_ref_seq_dif.pdbx_seq_db_accession_code 
_struct_ref_seq_dif.db_mon_id 
_struct_ref_seq_dif.pdbx_seq_db_seq_num 
_struct_ref_seq_dif.details 
_struct_ref_seq_dif.pdbx_auth_seq_num 
_struct_ref_seq_dif.pdbx_ordinal 
1 2XP7 GLY A 1  ? UNP Q13526 ?   ?  'expression tag'      -3 1 
1 2XP7 SER A 2  ? UNP Q13526 ?   ?  'expression tag'      -2 2 
1 2XP7 HIS A 3  ? UNP Q13526 ?   ?  'expression tag'      -1 3 
1 2XP7 GLY A 4  ? UNP Q13526 ?   ?  'expression tag'      0  4 
1 2XP7 ALA A 18 ? UNP Q13526 ARG 14 'engineered mutation' 14 5 
# 
loop_
_chem_comp.id 
_chem_comp.type 
_chem_comp.mon_nstd_flag 
_chem_comp.name 
_chem_comp.pdbx_synonyms 
_chem_comp.formula 
_chem_comp.formula_weight 
12P non-polymer         . 'DODECAETHYLENE GLYCOL'                       'POLYETHYLENE GLYCOL PEG400' 'C24 H50 O13'    546.646 
4F8 non-polymer         . '2-PHENYL-1H-IMIDAZOLE-4,5-DICARBOXYLIC ACID' ?                            'C11 H8 N2 O4'   232.192 
ALA 'L-peptide linking' y ALANINE                                       ?                            'C3 H7 N O2'     89.093  
ARG 'L-peptide linking' y ARGININE                                      ?                            'C6 H15 N4 O2 1' 175.209 
ASN 'L-peptide linking' y ASPARAGINE                                    ?                            'C4 H8 N2 O3'    132.118 
ASP 'L-peptide linking' y 'ASPARTIC ACID'                               ?                            'C4 H7 N O4'     133.103 
CYS 'L-peptide linking' y CYSTEINE                                      ?                            'C3 H7 N O2 S'   121.158 
GLN 'L-peptide linking' y GLUTAMINE                                     ?                            'C5 H10 N2 O3'   146.144 
GLU 'L-peptide linking' y 'GLUTAMIC ACID'                               ?                            'C5 H9 N O4'     147.129 
GLY 'peptide linking'   y GLYCINE                                       ?                            'C2 H5 N O2'     75.067  
HIS 'L-peptide linking' y HISTIDINE                                     ?                            'C6 H10 N3 O2 1' 156.162 
HOH non-polymer         . WATER                                         ?                            'H2 O'           18.015  
ILE 'L-peptide linking' y ISOLEUCINE                                    ?                            'C6 H13 N O2'    131.173 
LEU 'L-peptide linking' y LEUCINE                                       ?                            'C6 H13 N O2'    131.173 
LYS 'L-peptide linking' y LYSINE                                        ?                            'C6 H15 N2 O2 1' 147.195 
MET 'L-peptide linking' y METHIONINE                                    ?                            'C5 H11 N O2 S'  149.211 
PHE 'L-peptide linking' y PHENYLALANINE                                 ?                            'C9 H11 N O2'    165.189 
PRO 'L-peptide linking' y PROLINE                                       ?                            'C5 H9 N O2'     115.130 
SER 'L-peptide linking' y SERINE                                        ?                            'C3 H7 N O3'     105.093 
THR 'L-peptide linking' y THREONINE                                     ?                            'C4 H9 N O3'     119.119 
TRP 'L-peptide linking' y TRYPTOPHAN                                    ?                            'C11 H12 N2 O2'  204.225 
TYR 'L-peptide linking' y TYROSINE                                      ?                            'C9 H11 N O3'    181.189 
VAL 'L-peptide linking' y VALINE                                        ?                            'C5 H11 N O2'    117.146 
# 
_exptl.entry_id          2XP7 
_exptl.method            'X-RAY DIFFRACTION' 
_exptl.crystals_number   1 
# 
_exptl_crystal.id                    1 
_exptl_crystal.density_meas          ? 
_exptl_crystal.density_Matthews      2.87 
_exptl_crystal.density_percent_sol   57 
_exptl_crystal.description           NONE 
_exptl_crystal.preparation           ? 
# 
_exptl_crystal_grow.crystal_id      1 
_exptl_crystal_grow.method          'VAPOR DIFFUSION, HANGING DROP' 
_exptl_crystal_grow.temp            277.0 
_exptl_crystal_grow.temp_details    ? 
_exptl_crystal_grow.pH              7.5 
_exptl_crystal_grow.pdbx_pH_range   ? 
_exptl_crystal_grow.pdbx_details    
'2.2M AMMONIUM SULPHATE, 0.1M HEPES BUFFER, 1% PEG 400, 5MM DTT, PH 7.5, VAPOR DIFFUSION, HANGING DROP, TEMPERATURE 277.0K' 
# 
_diffrn.id                               1 
_diffrn.ambient_temp                     277.0 
_diffrn.ambient_temp_details             ? 
_diffrn.crystal_id                       1 
_diffrn.pdbx_serial_crystal_experiment   ? 
# 
_diffrn_detector.diffrn_id              1 
_diffrn_detector.detector               'IMAGE PLATE' 
_diffrn_detector.type                   'RIGAKU IMAGE PLATE' 
_diffrn_detector.pdbx_collection_date   ? 
_diffrn_detector.details                MIRRORS 
# 
_diffrn_radiation.diffrn_id                        1 
_diffrn_radiation.wavelength_id                    1 
_diffrn_radiation.pdbx_monochromatic_or_laue_m_l   M 
_diffrn_radiation.monochromator                    'CU FILTER' 
_diffrn_radiation.pdbx_diffrn_protocol             'SINGLE WAVELENGTH' 
_diffrn_radiation.pdbx_scattering_type             x-ray 
# 
_diffrn_radiation_wavelength.id           1 
_diffrn_radiation_wavelength.wavelength   1.5418 
_diffrn_radiation_wavelength.wt           1.0 
# 
_diffrn_source.diffrn_id                   1 
_diffrn_source.source                      'ROTATING ANODE' 
_diffrn_source.type                        'RIGAKU RUH3R' 
_diffrn_source.pdbx_synchrotron_site       ? 
_diffrn_source.pdbx_synchrotron_beamline   ? 
_diffrn_source.pdbx_wavelength             1.5418 
_diffrn_source.pdbx_wavelength_list        ? 
# 
_reflns.pdbx_diffrn_id               1 
_reflns.pdbx_ordinal                 1 
_reflns.entry_id                     2XP7 
_reflns.observed_criterion_sigma_I   2.0 
_reflns.observed_criterion_sigma_F   ? 
_reflns.d_resolution_low             30.00 
_reflns.d_resolution_high            2.00 
_reflns.number_obs                   17194 
_reflns.number_all                   ? 
_reflns.percent_possible_obs         97.2 
_reflns.pdbx_Rmerge_I_obs            0.13 
_reflns.pdbx_Rsym_value              ? 
_reflns.pdbx_netI_over_sigmaI        4.40 
_reflns.B_iso_Wilson_estimate        ? 
_reflns.pdbx_redundancy              2.69 
# 
_reflns_shell.pdbx_diffrn_id         1 
_reflns_shell.pdbx_ordinal           1 
_reflns_shell.d_res_high             2.00 
_reflns_shell.d_res_low              ? 
_reflns_shell.percent_possible_all   94.3 
_reflns_shell.Rmerge_I_obs           0.52 
_reflns_shell.pdbx_Rsym_value        ? 
_reflns_shell.meanI_over_sigI_obs    1.40 
_reflns_shell.pdbx_redundancy        2.34 
# 
_refine.pdbx_refine_id                           'X-RAY DIFFRACTION' 
_refine.entry_id                                 2XP7 
_refine.pdbx_diffrn_id                           1 
_refine.pdbx_TLS_residual_ADP_flag               ? 
_refine.ls_number_reflns_obs                     13312 
_refine.ls_number_reflns_all                     ? 
_refine.pdbx_ls_sigma_I                          ? 
_refine.pdbx_ls_sigma_F                          . 
_refine.pdbx_data_cutoff_high_absF               ? 
_refine.pdbx_data_cutoff_low_absF                ? 
_refine.pdbx_data_cutoff_high_rms_absF           ? 
_refine.ls_d_res_low                             59.55 
_refine.ls_d_res_high                            2.00 
_refine.ls_percent_reflns_obs                    99.95 
_refine.ls_R_factor_obs                          0.22622 
_refine.ls_R_factor_all                          ? 
_refine.ls_R_factor_R_work                       0.22132 
_refine.ls_R_factor_R_free                       0.26989 
_refine.ls_R_factor_R_free_error                 ? 
_refine.ls_R_factor_R_free_error_details         ? 
_refine.ls_percent_reflns_R_free                 9.8 
_refine.ls_number_reflns_R_free                  1449 
_refine.ls_number_parameters                     ? 
_refine.ls_number_restraints                     ? 
_refine.occupancy_min                            ? 
_refine.occupancy_max                            ? 
_refine.correlation_coeff_Fo_to_Fc               0.953 
_refine.correlation_coeff_Fo_to_Fc_free          0.935 
_refine.B_iso_mean                               35.424 
_refine.aniso_B[1][1]                            0.33 
_refine.aniso_B[2][2]                            0.33 
_refine.aniso_B[3][3]                            -0.50 
_refine.aniso_B[1][2]                            0.17 
_refine.aniso_B[1][3]                            0.00 
_refine.aniso_B[2][3]                            0.00 
_refine.solvent_model_details                    MASK 
_refine.solvent_model_param_ksol                 ? 
_refine.solvent_model_param_bsol                 ? 
_refine.pdbx_solvent_vdw_probe_radii             1.40 
_refine.pdbx_solvent_ion_probe_radii             0.80 
_refine.pdbx_solvent_shrinkage_radii             0.80 
_refine.pdbx_ls_cross_valid_method               THROUGHOUT 
_refine.details                                  'HYDROGENS HAVE BEEN ADDED IN THE RIDING POSITIONS.' 
_refine.pdbx_starting_model                      'PDB ENTRY 3KCE' 
_refine.pdbx_method_to_determine_struct          'MOLECULAR REPLACEMENT' 
_refine.pdbx_isotropic_thermal_model             ? 
_refine.pdbx_stereochemistry_target_values       'MAXIMUM LIKELIHOOD' 
_refine.pdbx_stereochem_target_val_spec_case     ? 
_refine.pdbx_R_Free_selection_details            RANDOM 
_refine.pdbx_overall_ESU_R                       0.188 
_refine.pdbx_overall_ESU_R_Free                  0.177 
_refine.overall_SU_ML                            0.157 
_refine.pdbx_overall_phase_error                 ? 
_refine.overall_SU_B                             6.065 
_refine.overall_SU_R_Cruickshank_DPI             ? 
_refine.pdbx_overall_SU_R_free_Cruickshank_DPI   ? 
_refine.pdbx_overall_SU_R_Blow_DPI               ? 
_refine.pdbx_overall_SU_R_free_Blow_DPI          ? 
# 
_refine_hist.pdbx_refine_id                   'X-RAY DIFFRACTION' 
_refine_hist.cycle_id                         LAST 
_refine_hist.pdbx_number_atoms_protein        1153 
_refine_hist.pdbx_number_atoms_nucleic_acid   0 
_refine_hist.pdbx_number_atoms_ligand         41 
_refine_hist.number_atoms_solvent             138 
_refine_hist.number_atoms_total               1332 
_refine_hist.d_res_high                       2.00 
_refine_hist.d_res_low                        59.55 
# 
loop_
_refine_ls_restr.type 
_refine_ls_restr.dev_ideal 
_refine_ls_restr.dev_ideal_target 
_refine_ls_restr.weight 
_refine_ls_restr.number 
_refine_ls_restr.pdbx_refine_id 
_refine_ls_restr.pdbx_restraint_function 
r_bond_refined_d             0.022  0.021  ? 1226 'X-RAY DIFFRACTION' ? 
r_bond_other_d               ?      ?      ? ?    'X-RAY DIFFRACTION' ? 
r_angle_refined_deg          2.049  1.975  ? 1640 'X-RAY DIFFRACTION' ? 
r_angle_other_deg            ?      ?      ? ?    'X-RAY DIFFRACTION' ? 
r_dihedral_angle_1_deg       7.034  5.000  ? 145  'X-RAY DIFFRACTION' ? 
r_dihedral_angle_2_deg       34.512 22.586 ? 58   'X-RAY DIFFRACTION' ? 
r_dihedral_angle_3_deg       17.011 15.000 ? 212  'X-RAY DIFFRACTION' ? 
r_dihedral_angle_4_deg       25.638 15.000 ? 13   'X-RAY DIFFRACTION' ? 
r_chiral_restr               0.121  0.200  ? 163  'X-RAY DIFFRACTION' ? 
r_gen_planes_refined         0.009  0.021  ? 935  'X-RAY DIFFRACTION' ? 
r_gen_planes_other           ?      ?      ? ?    'X-RAY DIFFRACTION' ? 
r_nbd_refined                ?      ?      ? ?    'X-RAY DIFFRACTION' ? 
r_nbd_other                  ?      ?      ? ?    'X-RAY DIFFRACTION' ? 
r_nbtor_refined              ?      ?      ? ?    'X-RAY DIFFRACTION' ? 
r_nbtor_other                ?      ?      ? ?    'X-RAY DIFFRACTION' ? 
r_xyhbond_nbd_refined        ?      ?      ? ?    'X-RAY DIFFRACTION' ? 
r_xyhbond_nbd_other          ?      ?      ? ?    'X-RAY DIFFRACTION' ? 
r_metal_ion_refined          ?      ?      ? ?    'X-RAY DIFFRACTION' ? 
r_metal_ion_other            ?      ?      ? ?    'X-RAY DIFFRACTION' ? 
r_symmetry_vdw_refined       ?      ?      ? ?    'X-RAY DIFFRACTION' ? 
r_symmetry_vdw_other         ?      ?      ? ?    'X-RAY DIFFRACTION' ? 
r_symmetry_hbond_refined     ?      ?      ? ?    'X-RAY DIFFRACTION' ? 
r_symmetry_hbond_other       ?      ?      ? ?    'X-RAY DIFFRACTION' ? 
r_symmetry_metal_ion_refined ?      ?      ? ?    'X-RAY DIFFRACTION' ? 
r_symmetry_metal_ion_other   ?      ?      ? ?    'X-RAY DIFFRACTION' ? 
r_mcbond_it                  1.091  1.500  ? 724  'X-RAY DIFFRACTION' ? 
r_mcbond_other               ?      ?      ? ?    'X-RAY DIFFRACTION' ? 
r_mcangle_it                 1.947  2.000  ? 1161 'X-RAY DIFFRACTION' ? 
r_mcangle_other              ?      ?      ? ?    'X-RAY DIFFRACTION' ? 
r_scbond_it                  2.972  3.000  ? 502  'X-RAY DIFFRACTION' ? 
r_scbond_other               ?      ?      ? ?    'X-RAY DIFFRACTION' ? 
r_scangle_it                 4.660  4.500  ? 478  'X-RAY DIFFRACTION' ? 
r_scangle_other              ?      ?      ? ?    'X-RAY DIFFRACTION' ? 
r_long_range_B_refined       ?      ?      ? ?    'X-RAY DIFFRACTION' ? 
r_long_range_B_other         ?      ?      ? ?    'X-RAY DIFFRACTION' ? 
r_rigid_bond_restr           ?      ?      ? ?    'X-RAY DIFFRACTION' ? 
r_sphericity_free            ?      ?      ? ?    'X-RAY DIFFRACTION' ? 
r_sphericity_bonded          ?      ?      ? ?    'X-RAY DIFFRACTION' ? 
# 
_refine_ls_shell.pdbx_refine_id                   'X-RAY DIFFRACTION' 
_refine_ls_shell.pdbx_total_number_of_bins_used   20 
_refine_ls_shell.d_res_high                       1.997 
_refine_ls_shell.d_res_low                        2.048 
_refine_ls_shell.number_reflns_R_work             966 
_refine_ls_shell.R_factor_R_work                  0.396 
_refine_ls_shell.percent_reflns_obs               100.00 
_refine_ls_shell.R_factor_R_free                  0.391 
_refine_ls_shell.R_factor_R_free_error            ? 
_refine_ls_shell.percent_reflns_R_free            ? 
_refine_ls_shell.number_reflns_R_free             108 
_refine_ls_shell.number_reflns_all                ? 
_refine_ls_shell.R_factor_all                     ? 
# 
_struct.entry_id                  2XP7 
_struct.title                     
'DISCOVERY OF CELL-ACTIVE PHENYL-IMIDAZOLE PIN1 INHIBITORS BY STRUCTURE-GUIDED FRAGMENT EVOLUTION' 
_struct.pdbx_model_details        ? 
_struct.pdbx_CASP_flag            ? 
_struct.pdbx_model_type_details   ? 
# 
_struct_keywords.entry_id        2XP7 
_struct_keywords.pdbx_keywords   ISOMERASE 
_struct_keywords.text            'ISOMERASE, PROLINE DIRECTED KINASE, CELL CYCLE, ONCOGENIC TRANSFORMATION' 
# 
loop_
_struct_asym.id 
_struct_asym.pdbx_blank_PDB_chainid_flag 
_struct_asym.pdbx_modified 
_struct_asym.entity_id 
_struct_asym.details 
A N N 1 ? 
B N N 2 ? 
C N N 3 ? 
D N N 4 ? 
# 
loop_
_struct_conf.conf_type_id 
_struct_conf.id 
_struct_conf.pdbx_PDB_helix_id 
_struct_conf.beg_label_comp_id 
_struct_conf.beg_label_asym_id 
_struct_conf.beg_label_seq_id 
_struct_conf.pdbx_beg_PDB_ins_code 
_struct_conf.end_label_comp_id 
_struct_conf.end_label_asym_id 
_struct_conf.end_label_seq_id 
_struct_conf.pdbx_end_PDB_ins_code 
_struct_conf.beg_auth_comp_id 
_struct_conf.beg_auth_asym_id 
_struct_conf.beg_auth_seq_id 
_struct_conf.end_auth_comp_id 
_struct_conf.end_auth_asym_id 
_struct_conf.end_auth_seq_id 
_struct_conf.pdbx_PDB_helix_class 
_struct_conf.details 
_struct_conf.pdbx_PDB_helix_length 
HELX_P HELX_P1 1 THR A 85  ? SER A 102 ? THR A 81  SER A 98  1 ? 18 
HELX_P HELX_P2 2 ASP A 106 ? SER A 115 ? ASP A 102 SER A 111 1 ? 10 
HELX_P HELX_P3 3 CYS A 117 ? ARG A 123 ? CYS A 113 ARG A 119 5 ? 7  
HELX_P HELX_P4 4 GLN A 135 ? LEU A 145 ? GLN A 131 LEU A 141 1 ? 11 
# 
_struct_conf_type.id          HELX_P 
_struct_conf_type.criteria    ? 
_struct_conf_type.reference   ? 
# 
loop_
_struct_sheet.id 
_struct_sheet.type 
_struct_sheet.number_strands 
_struct_sheet.details 
AA ? 3 ? 
AB ? 4 ? 
# 
loop_
_struct_sheet_order.sheet_id 
_struct_sheet_order.range_id_1 
_struct_sheet_order.range_id_2 
_struct_sheet_order.offset 
_struct_sheet_order.sense 
AA 1 2 ? anti-parallel 
AA 2 3 ? anti-parallel 
AB 1 2 ? anti-parallel 
AB 2 3 ? anti-parallel 
AB 3 4 ? anti-parallel 
# 
loop_
_struct_sheet_range.sheet_id 
_struct_sheet_range.id 
_struct_sheet_range.beg_label_comp_id 
_struct_sheet_range.beg_label_asym_id 
_struct_sheet_range.beg_label_seq_id 
_struct_sheet_range.pdbx_beg_PDB_ins_code 
_struct_sheet_range.end_label_comp_id 
_struct_sheet_range.end_label_asym_id 
_struct_sheet_range.end_label_seq_id 
_struct_sheet_range.pdbx_end_PDB_ins_code 
_struct_sheet_range.beg_auth_comp_id 
_struct_sheet_range.beg_auth_asym_id 
_struct_sheet_range.beg_auth_seq_id 
_struct_sheet_range.end_auth_comp_id 
_struct_sheet_range.end_auth_asym_id 
_struct_sheet_range.end_auth_seq_id 
AA 1 TRP A 15  ? MET A 19  ? TRP A 11  MET A 15  
AA 2 VAL A 26  ? ASN A 30  ? VAL A 22  ASN A 26  
AA 3 SER A 36  ? GLN A 37  ? SER A 32  GLN A 33  
AB 1 ASP A 125 ? SER A 130 ? ASP A 121 SER A 126 
AB 2 ARG A 58  ? VAL A 66  ? ARG A 54  VAL A 62  
AB 3 GLY A 159 ? GLU A 167 ? GLY A 155 GLU A 163 
AB 4 VAL A 154 ? THR A 156 ? VAL A 150 THR A 152 
# 
loop_
_pdbx_struct_sheet_hbond.sheet_id 
_pdbx_struct_sheet_hbond.range_id_1 
_pdbx_struct_sheet_hbond.range_id_2 
_pdbx_struct_sheet_hbond.range_1_label_atom_id 
_pdbx_struct_sheet_hbond.range_1_label_comp_id 
_pdbx_struct_sheet_hbond.range_1_label_asym_id 
_pdbx_struct_sheet_hbond.range_1_label_seq_id 
_pdbx_struct_sheet_hbond.range_1_PDB_ins_code 
_pdbx_struct_sheet_hbond.range_1_auth_atom_id 
_pdbx_struct_sheet_hbond.range_1_auth_comp_id 
_pdbx_struct_sheet_hbond.range_1_auth_asym_id 
_pdbx_struct_sheet_hbond.range_1_auth_seq_id 
_pdbx_struct_sheet_hbond.range_2_label_atom_id 
_pdbx_struct_sheet_hbond.range_2_label_comp_id 
_pdbx_struct_sheet_hbond.range_2_label_asym_id 
_pdbx_struct_sheet_hbond.range_2_label_seq_id 
_pdbx_struct_sheet_hbond.range_2_PDB_ins_code 
_pdbx_struct_sheet_hbond.range_2_auth_atom_id 
_pdbx_struct_sheet_hbond.range_2_auth_comp_id 
_pdbx_struct_sheet_hbond.range_2_auth_asym_id 
_pdbx_struct_sheet_hbond.range_2_auth_seq_id 
AA 1 2 N ALA A 18  ? N ALA A 14  O TYR A 27  ? O TYR A 23  
AA 2 3 N TYR A 28  ? N TYR A 24  O GLN A 37  ? O GLN A 33  
AB 1 2 N PHE A 129 ? N PHE A 125 O VAL A 59  ? O VAL A 55  
AB 2 3 N VAL A 66  ? N VAL A 62  O ILE A 160 ? O ILE A 156 
AB 3 4 N HIS A 161 ? N HIS A 157 O VAL A 154 ? O VAL A 150 
# 
loop_
_struct_site.id 
_struct_site.pdbx_evidence_code 
_struct_site.pdbx_auth_asym_id 
_struct_site.pdbx_auth_comp_id 
_struct_site.pdbx_auth_seq_id 
_struct_site.pdbx_auth_ins_code 
_struct_site.pdbx_num_residues 
_struct_site.details 
AC1 Software A 4F8 1164 ? 8  'BINDING SITE FOR RESIDUE 4F8 A 1164' 
AC2 Software A 12P 1165 ? 17 'BINDING SITE FOR RESIDUE 12P A 1165' 
# 
loop_
_struct_site_gen.id 
_struct_site_gen.site_id 
_struct_site_gen.pdbx_num_res 
_struct_site_gen.label_comp_id 
_struct_site_gen.label_asym_id 
_struct_site_gen.label_seq_id 
_struct_site_gen.pdbx_auth_ins_code 
_struct_site_gen.auth_comp_id 
_struct_site_gen.auth_asym_id 
_struct_site_gen.auth_seq_id 
_struct_site_gen.label_atom_id 
_struct_site_gen.label_alt_id 
_struct_site_gen.symmetry 
_struct_site_gen.details 
1  AC1 8  LYS A 67  ? LYS A 63   . ? 1_555 ? 
2  AC1 8  ARG A 72  ? ARG A 68   . ? 1_555 ? 
3  AC1 8  ARG A 73  ? ARG A 69   . ? 1_555 ? 
4  AC1 8  CYS A 117 ? CYS A 113  . ? 1_555 ? 
5  AC1 8  SER A 118 ? SER A 114  . ? 1_555 ? 
6  AC1 8  SER A 158 ? SER A 154  . ? 1_555 ? 
7  AC1 8  HIS A 161 ? HIS A 157  . ? 1_555 ? 
8  AC1 8  HOH D .   ? HOH A 2135 . ? 1_555 ? 
9  AC2 17 TYR A 27  ? TYR A 23   . ? 1_555 ? 
10 AC2 17 ALA A 35  ? ALA A 31   . ? 1_555 ? 
11 AC2 17 SER A 36  ? SER A 32   . ? 1_555 ? 
12 AC2 17 TRP A 38  ? TRP A 34   . ? 1_555 ? 
13 AC2 17 ILE A 97  ? ILE A 93   . ? 1_555 ? 
14 AC2 17 LYS A 101 ? LYS A 97   . ? 1_555 ? 
15 AC2 17 LYS A 101 ? LYS A 97   . ? 6_555 ? 
16 AC2 17 SER A 102 ? SER A 98   . ? 6_555 ? 
17 AC2 17 MET A 150 ? MET A 146  . ? 1_555 ? 
18 AC2 17 SER A 151 ? SER A 147  . ? 1_555 ? 
19 AC2 17 GLY A 152 ? GLY A 148  . ? 1_555 ? 
20 AC2 17 HOH D .   ? HOH A 2002 . ? 1_555 ? 
21 AC2 17 HOH D .   ? HOH A 2031 . ? 1_555 ? 
22 AC2 17 HOH D .   ? HOH A 2032 . ? 1_555 ? 
23 AC2 17 HOH D .   ? HOH A 2136 . ? 1_555 ? 
24 AC2 17 HOH D .   ? HOH A 2137 . ? 1_555 ? 
25 AC2 17 HOH D .   ? HOH A 2138 . ? 1_555 ? 
# 
_atom_sites.entry_id                    2XP7 
_atom_sites.fract_transf_matrix[1][1]   0.00016325 
_atom_sites.fract_transf_matrix[1][2]   -0.00805601 
_atom_sites.fract_transf_matrix[1][3]   0.01474135 
_atom_sites.fract_transf_matrix[2][1]   0.00784919 
_atom_sites.fract_transf_matrix[2][2]   -0.01478587 
_atom_sites.fract_transf_matrix[2][3]   0.00140524 
_atom_sites.fract_transf_matrix[3][1]   0.01063955 
_atom_sites.fract_transf_matrix[3][2]   0.00594569 
_atom_sites.fract_transf_matrix[3][3]   0.00313143 
_atom_sites.fract_transf_vector[1]      -0.239474 
_atom_sites.fract_transf_vector[2]      0.368039 
_atom_sites.fract_transf_vector[3]      0.148326 
# 
loop_
_atom_type.symbol 
C 
N 
O 
S 
# 
loop_
_atom_site.group_PDB 
_atom_site.id 
_atom_site.type_symbol 
_atom_site.label_atom_id 
_atom_site.label_alt_id 
_atom_site.label_comp_id 
_atom_site.label_asym_id 
_atom_site.label_entity_id 
_atom_site.label_seq_id 
_atom_site.pdbx_PDB_ins_code 
_atom_site.Cartn_x 
_atom_site.Cartn_y 
_atom_site.Cartn_z 
_atom_site.occupancy 
_atom_site.B_iso_or_equiv 
_atom_site.pdbx_formal_charge 
_atom_site.auth_seq_id 
_atom_site.auth_comp_id 
_atom_site.auth_asym_id 
_atom_site.auth_atom_id 
_atom_site.pdbx_PDB_model_num 
ATOM   1    N N   . LEU A 1 11  ? -17.461 3.648   13.912  1.00 53.27 ? 7    LEU A N   1 
ATOM   2    C CA  . LEU A 1 11  ? -15.977 3.812   13.804  1.00 54.07 ? 7    LEU A CA  1 
ATOM   3    C C   . LEU A 1 11  ? -15.492 4.830   12.755  1.00 53.92 ? 7    LEU A C   1 
ATOM   4    O O   . LEU A 1 11  ? -16.178 5.113   11.762  1.00 54.51 ? 7    LEU A O   1 
ATOM   5    C CB  . LEU A 1 11  ? -15.344 2.463   13.436  1.00 54.96 ? 7    LEU A CB  1 
ATOM   6    C CG  . LEU A 1 11  ? -15.475 1.229   14.308  1.00 55.52 ? 7    LEU A CG  1 
ATOM   7    C CD1 . LEU A 1 11  ? -15.527 -0.060  13.466  1.00 56.28 ? 7    LEU A CD1 1 
ATOM   8    C CD2 . LEU A 1 11  ? -14.300 1.223   15.263  1.00 57.78 ? 7    LEU A CD2 1 
ATOM   9    N N   . PRO A 1 12  ? -14.250 5.298   12.917  1.00 53.51 ? 8    PRO A N   1 
ATOM   10   C CA  . PRO A 1 12  ? -13.475 6.170   11.995  1.00 53.64 ? 8    PRO A CA  1 
ATOM   11   C C   . PRO A 1 12  ? -13.514 5.713   10.504  1.00 53.26 ? 8    PRO A C   1 
ATOM   12   O O   . PRO A 1 12  ? -13.823 4.538   10.237  1.00 54.13 ? 8    PRO A O   1 
ATOM   13   C CB  . PRO A 1 12  ? -12.033 6.049   12.526  1.00 53.69 ? 8    PRO A CB  1 
ATOM   14   C CG  . PRO A 1 12  ? -12.031 4.742   13.303  1.00 54.19 ? 8    PRO A CG  1 
ATOM   15   C CD  . PRO A 1 12  ? -13.391 4.694   13.947  1.00 53.83 ? 8    PRO A CD  1 
ATOM   16   N N   . PRO A 1 13  ? -13.173 6.616   9.548   1.00 52.09 ? 9    PRO A N   1 
ATOM   17   C CA  . PRO A 1 13  ? -13.603 6.445   8.126   1.00 50.43 ? 9    PRO A CA  1 
ATOM   18   C C   . PRO A 1 13  ? -13.150 5.179   7.351   1.00 48.65 ? 9    PRO A C   1 
ATOM   19   O O   . PRO A 1 13  ? -11.945 4.947   7.145   1.00 47.33 ? 9    PRO A O   1 
ATOM   20   C CB  . PRO A 1 13  ? -13.105 7.761   7.428   1.00 50.67 ? 9    PRO A CB  1 
ATOM   21   C CG  . PRO A 1 13  ? -13.048 8.787   8.557   1.00 51.86 ? 9    PRO A CG  1 
ATOM   22   C CD  . PRO A 1 13  ? -12.527 7.933   9.762   1.00 52.40 ? 9    PRO A CD  1 
ATOM   23   N N   . GLY A 1 14  ? -14.128 4.396   6.885   1.00 46.67 ? 10   GLY A N   1 
ATOM   24   C CA  . GLY A 1 14  ? -13.849 3.224   6.031   1.00 43.84 ? 10   GLY A CA  1 
ATOM   25   C C   . GLY A 1 14  ? -13.755 1.910   6.771   1.00 42.27 ? 10   GLY A C   1 
ATOM   26   O O   . GLY A 1 14  ? -13.557 0.873   6.148   1.00 41.35 ? 10   GLY A O   1 
ATOM   27   N N   . TRP A 1 15  ? -13.888 1.987   8.099   1.00 41.46 ? 11   TRP A N   1 
ATOM   28   C CA  . TRP A 1 15  ? -13.629 0.904   9.045   1.00 40.80 ? 11   TRP A CA  1 
ATOM   29   C C   . TRP A 1 15  ? -14.908 0.184   9.415   1.00 41.83 ? 11   TRP A C   1 
ATOM   30   O O   . TRP A 1 15  ? -15.885 0.800   9.808   1.00 42.04 ? 11   TRP A O   1 
ATOM   31   C CB  . TRP A 1 15  ? -12.994 1.431   10.338  1.00 39.62 ? 11   TRP A CB  1 
ATOM   32   C CG  . TRP A 1 15  ? -11.554 1.741   10.264  1.00 36.03 ? 11   TRP A CG  1 
ATOM   33   C CD1 . TRP A 1 15  ? -10.997 2.974   10.310  1.00 32.55 ? 11   TRP A CD1 1 
ATOM   34   C CD2 . TRP A 1 15  ? -10.462 0.813   10.177  1.00 34.73 ? 11   TRP A CD2 1 
ATOM   35   N NE1 . TRP A 1 15  ? -9.624  2.880   10.200  1.00 33.81 ? 11   TRP A NE1 1 
ATOM   36   C CE2 . TRP A 1 15  ? -9.265  1.573   10.145  1.00 30.00 ? 11   TRP A CE2 1 
ATOM   37   C CE3 . TRP A 1 15  ? -10.378 -0.588  10.127  1.00 34.12 ? 11   TRP A CE3 1 
ATOM   38   C CZ2 . TRP A 1 15  ? -8.010  0.996   10.091  1.00 30.27 ? 11   TRP A CZ2 1 
ATOM   39   C CZ3 . TRP A 1 15  ? -9.128  -1.164  10.046  1.00 29.92 ? 11   TRP A CZ3 1 
ATOM   40   C CH2 . TRP A 1 15  ? -7.955  -0.379  10.041  1.00 29.70 ? 11   TRP A CH2 1 
ATOM   41   N N   . GLU A 1 16  ? -14.894 -1.126  9.227   1.00 43.15 ? 12   GLU A N   1 
ATOM   42   C CA  . GLU A 1 16  ? -16.006 -1.999  9.554   1.00 44.85 ? 12   GLU A CA  1 
ATOM   43   C C   . GLU A 1 16  ? -15.410 -3.118  10.419  1.00 45.15 ? 12   GLU A C   1 
ATOM   44   O O   . GLU A 1 16  ? -14.216 -3.443  10.332  1.00 44.19 ? 12   GLU A O   1 
ATOM   45   C CB  . GLU A 1 16  ? -16.703 -2.566  8.282   1.00 45.88 ? 12   GLU A CB  1 
ATOM   46   C CG  . GLU A 1 16  ? -16.274 -4.019  7.834   1.00 49.02 ? 12   GLU A CG  1 
ATOM   47   C CD  . GLU A 1 16  ? -16.428 -4.337  6.300   1.00 53.30 ? 12   GLU A CD  1 
ATOM   48   O OE1 . GLU A 1 16  ? -15.518 -4.015  5.508   1.00 57.32 ? 12   GLU A OE1 1 
ATOM   49   O OE2 . GLU A 1 16  ? -17.434 -4.951  5.874   1.00 54.36 ? 12   GLU A OE2 1 
ATOM   50   N N   . LYS A 1 17  ? -16.249 -3.680  11.278  1.00 46.16 ? 13   LYS A N   1 
ATOM   51   C CA  . LYS A 1 17  ? -15.839 -4.789  12.131  1.00 47.03 ? 13   LYS A CA  1 
ATOM   52   C C   . LYS A 1 17  ? -16.103 -6.045  11.357  1.00 46.35 ? 13   LYS A C   1 
ATOM   53   O O   . LYS A 1 17  ? -17.052 -6.116  10.606  1.00 46.71 ? 13   LYS A O   1 
ATOM   54   C CB  . LYS A 1 17  ? -16.629 -4.773  13.452  1.00 47.62 ? 13   LYS A CB  1 
ATOM   55   C CG  . LYS A 1 17  ? -17.006 -6.149  14.019  1.00 52.01 ? 13   LYS A CG  1 
ATOM   56   C CD  . LYS A 1 17  ? -17.977 -6.049  15.223  1.00 58.84 ? 13   LYS A CD  1 
ATOM   57   C CE  . LYS A 1 17  ? -17.256 -5.588  16.528  1.00 60.81 ? 13   LYS A CE  1 
ATOM   58   N NZ  . LYS A 1 17  ? -18.252 -5.023  17.496  1.00 61.67 ? 13   LYS A NZ  1 
ATOM   59   N N   . ALA A 1 18  ? -15.246 -7.032  11.550  1.00 45.42 ? 14   ALA A N   1 
ATOM   60   C CA  . ALA A 1 18  ? -15.357 -8.272  10.873  1.00 45.39 ? 14   ALA A CA  1 
ATOM   61   C C   . ALA A 1 18  ? -14.998 -9.426  11.834  1.00 46.25 ? 14   ALA A C   1 
ATOM   62   O O   . ALA A 1 18  ? -14.679 -9.224  13.023  1.00 46.52 ? 14   ALA A O   1 
ATOM   63   C CB  . ALA A 1 18  ? -14.436 -8.258  9.700   1.00 44.48 ? 14   ALA A CB  1 
ATOM   64   N N   . MET A 1 19  ? -15.005 -10.631 11.292  1.00 46.56 ? 15   MET A N   1 
ATOM   65   C CA  . MET A 1 19  ? -14.785 -11.833 12.060  1.00 47.13 ? 15   MET A CA  1 
ATOM   66   C C   . MET A 1 19  ? -13.758 -12.708 11.369  1.00 46.38 ? 15   MET A C   1 
ATOM   67   O O   . MET A 1 19  ? -13.864 -12.956 10.158  1.00 44.60 ? 15   MET A O   1 
ATOM   68   C CB  . MET A 1 19  ? -16.118 -12.581 12.121  1.00 48.87 ? 15   MET A CB  1 
ATOM   69   C CG  . MET A 1 19  ? -16.016 -13.996 12.652  1.00 54.01 ? 15   MET A CG  1 
ATOM   70   S SD  . MET A 1 19  ? -16.085 -13.828 14.418  1.00 66.08 ? 15   MET A SD  1 
ATOM   71   C CE  . MET A 1 19  ? -17.747 -13.183 14.728  1.00 64.53 ? 15   MET A CE  1 
ATOM   72   N N   . SER A 1 20  ? -12.773 -13.188 12.122  1.00 46.01 ? 16   SER A N   1 
ATOM   73   C CA  . SER A 1 20  ? -11.735 -14.041 11.530  1.00 46.54 ? 16   SER A CA  1 
ATOM   74   C C   . SER A 1 20  ? -12.235 -15.443 11.126  1.00 47.24 ? 16   SER A C   1 
ATOM   75   O O   . SER A 1 20  ? -12.828 -16.167 11.946  1.00 46.38 ? 16   SER A O   1 
ATOM   76   C CB  . SER A 1 20  ? -10.562 -14.194 12.488  1.00 46.01 ? 16   SER A CB  1 
ATOM   77   O OG  . SER A 1 20  ? -9.614  -15.126 11.972  1.00 45.76 ? 16   SER A OG  1 
ATOM   78   N N   . ARG A 1 21  ? -11.977 -15.812 9.874   1.00 48.39 ? 17   ARG A N   1 
ATOM   79   C CA  . ARG A 1 21  ? -12.265 -17.169 9.346   1.00 49.43 ? 17   ARG A CA  1 
ATOM   80   C C   . ARG A 1 21  ? -11.453 -18.269 10.021  1.00 49.84 ? 17   ARG A C   1 
ATOM   81   O O   . ARG A 1 21  ? -11.951 -19.385 10.217  1.00 49.15 ? 17   ARG A O   1 
ATOM   82   C CB  . ARG A 1 21  ? -11.902 -17.270 7.868   1.00 49.36 ? 17   ARG A CB  1 
ATOM   83   C CG  . ARG A 1 21  ? -12.828 -16.606 6.954   1.00 50.06 ? 17   ARG A CG  1 
ATOM   84   C CD  . ARG A 1 21  ? -14.151 -17.307 6.865   1.00 52.40 ? 17   ARG A CD  1 
ATOM   85   N NE  . ARG A 1 21  ? -15.101 -16.269 6.527   1.00 51.76 ? 17   ARG A NE  1 
ATOM   86   C CZ  . ARG A 1 21  ? -15.299 -15.822 5.292   1.00 50.42 ? 17   ARG A CZ  1 
ATOM   87   N NH1 . ARG A 1 21  ? -14.691 -16.391 4.247   1.00 50.40 ? 17   ARG A NH1 1 
ATOM   88   N NH2 . ARG A 1 21  ? -16.144 -14.838 5.112   1.00 47.26 ? 17   ARG A NH2 1 
ATOM   89   N N   . SER A 1 22  ? -10.187 -17.962 10.306  1.00 50.02 ? 18   SER A N   1 
ATOM   90   C CA  . SER A 1 22  ? -9.274  -18.927 10.951  1.00 50.49 ? 18   SER A CA  1 
ATOM   91   C C   . SER A 1 22  ? -9.624  -19.185 12.411  1.00 49.96 ? 18   SER A C   1 
ATOM   92   O O   . SER A 1 22  ? -9.599  -20.365 12.861  1.00 50.67 ? 18   SER A O   1 
ATOM   93   C CB  . SER A 1 22  ? -7.799  -18.493 10.846  1.00 50.83 ? 18   SER A CB  1 
ATOM   94   O OG  . SER A 1 22  ? -7.164  -19.076 9.726   1.00 50.00 ? 18   SER A OG  1 
ATOM   95   N N   . SER A 1 23  ? -10.000 -18.113 13.122  1.00 48.36 ? 19   SER A N   1 
ATOM   96   C CA  . SER A 1 23  ? -10.019 -18.127 14.597  1.00 46.85 ? 19   SER A CA  1 
ATOM   97   C C   . SER A 1 23  ? -11.258 -17.699 15.330  1.00 45.90 ? 19   SER A C   1 
ATOM   98   O O   . SER A 1 23  ? -11.442 -18.109 16.464  1.00 45.25 ? 19   SER A O   1 
ATOM   99   C CB  . SER A 1 23  ? -8.783  -17.415 15.216  1.00 47.41 ? 19   SER A CB  1 
ATOM   100  O OG  . SER A 1 23  ? -8.331  -16.270 14.510  1.00 46.58 ? 19   SER A OG  1 
ATOM   101  N N   . GLY A 1 24  ? -12.110 -16.883 14.717  1.00 45.58 ? 20   GLY A N   1 
ATOM   102  C CA  . GLY A 1 24  ? -13.362 -16.447 15.381  1.00 44.21 ? 20   GLY A CA  1 
ATOM   103  C C   . GLY A 1 24  ? -13.308 -15.146 16.199  1.00 44.22 ? 20   GLY A C   1 
ATOM   104  O O   . GLY A 1 24  ? -14.331 -14.672 16.694  1.00 44.92 ? 20   GLY A O   1 
ATOM   105  N N   . ARG A 1 25  ? -12.132 -14.547 16.373  1.00 42.84 ? 21   ARG A N   1 
ATOM   106  C CA  . ARG A 1 25  ? -12.086 -13.229 17.021  1.00 41.84 ? 21   ARG A CA  1 
ATOM   107  C C   . ARG A 1 25  ? -12.465 -12.141 16.003  1.00 40.14 ? 21   ARG A C   1 
ATOM   108  O O   . ARG A 1 25  ? -12.153 -12.238 14.808  1.00 39.84 ? 21   ARG A O   1 
ATOM   109  C CB  . ARG A 1 25  ? -10.671 -12.913 17.551  1.00 42.58 ? 21   ARG A CB  1 
ATOM   110  C CG  . ARG A 1 25  ? -10.441 -12.995 19.082  1.00 44.88 ? 21   ARG A CG  1 
ATOM   111  C CD  . ARG A 1 25  ? -8.902  -12.879 19.406  1.00 45.83 ? 21   ARG A CD  1 
ATOM   112  N NE  . ARG A 1 25  ? -8.056  -13.552 18.393  1.00 46.63 ? 21   ARG A NE  1 
ATOM   113  C CZ  . ARG A 1 25  ? -7.006  -13.043 17.735  1.00 46.01 ? 21   ARG A CZ  1 
ATOM   114  N NH1 . ARG A 1 25  ? -6.541  -11.804 17.965  1.00 43.26 ? 21   ARG A NH1 1 
ATOM   115  N NH2 . ARG A 1 25  ? -6.388  -13.828 16.835  1.00 48.87 ? 21   ARG A NH2 1 
ATOM   116  N N   . VAL A 1 26  ? -13.109 -11.103 16.486  1.00 38.02 ? 22   VAL A N   1 
ATOM   117  C CA  . VAL A 1 26  ? -13.354 -9.961  15.659  1.00 37.66 ? 22   VAL A CA  1 
ATOM   118  C C   . VAL A 1 26  ? -11.993 -9.257  15.296  1.00 36.68 ? 22   VAL A C   1 
ATOM   119  O O   . VAL A 1 26  ? -10.945 -9.456  15.977  1.00 36.06 ? 22   VAL A O   1 
ATOM   120  C CB  . VAL A 1 26  ? -14.364 -9.004  16.319  1.00 37.57 ? 22   VAL A CB  1 
ATOM   121  C CG1 . VAL A 1 26  ? -15.534 -9.818  16.961  1.00 39.21 ? 22   VAL A CG1 1 
ATOM   122  C CG2 . VAL A 1 26  ? -13.710 -8.183  17.338  1.00 36.33 ? 22   VAL A CG2 1 
ATOM   123  N N   . TYR A 1 27  ? -12.025 -8.494  14.203  1.00 34.07 ? 23   TYR A N   1 
ATOM   124  C CA  . TYR A 1 27  ? -10.881 -7.720  13.742  1.00 32.22 ? 23   TYR A CA  1 
ATOM   125  C C   . TYR A 1 27  ? -11.497 -6.596  12.941  1.00 31.86 ? 23   TYR A C   1 
ATOM   126  O O   . TYR A 1 27  ? -12.716 -6.630  12.704  1.00 30.15 ? 23   TYR A O   1 
ATOM   127  C CB  . TYR A 1 27  ? -9.921  -8.555  12.901  1.00 30.59 ? 23   TYR A CB  1 
ATOM   128  C CG  . TYR A 1 27  ? -10.362 -8.925  11.537  1.00 32.13 ? 23   TYR A CG  1 
ATOM   129  C CD1 . TYR A 1 27  ? -9.975  -8.170  10.442  1.00 32.16 ? 23   TYR A CD1 1 
ATOM   130  C CD2 . TYR A 1 27  ? -11.152 -10.071 11.315  1.00 36.45 ? 23   TYR A CD2 1 
ATOM   131  C CE1 . TYR A 1 27  ? -10.378 -8.498  9.156   1.00 32.88 ? 23   TYR A CE1 1 
ATOM   132  C CE2 . TYR A 1 27  ? -11.545 -10.439 10.021  1.00 35.25 ? 23   TYR A CE2 1 
ATOM   133  C CZ  . TYR A 1 27  ? -11.150 -9.639  8.960   1.00 35.76 ? 23   TYR A CZ  1 
ATOM   134  O OH  . TYR A 1 27  ? -11.495 -9.959  7.696   1.00 38.41 ? 23   TYR A OH  1 
ATOM   135  N N   . TYR A 1 28  ? -10.692 -5.601  12.575  1.00 30.24 ? 24   TYR A N   1 
ATOM   136  C CA  . TYR A 1 28  ? -11.202 -4.461  11.851  1.00 31.67 ? 24   TYR A CA  1 
ATOM   137  C C   . TYR A 1 28  ? -10.562 -4.394  10.495  1.00 31.79 ? 24   TYR A C   1 
ATOM   138  O O   . TYR A 1 28  ? -9.391  -4.720  10.354  1.00 30.34 ? 24   TYR A O   1 
ATOM   139  C CB  . TYR A 1 28  ? -11.015 -3.180  12.653  1.00 31.03 ? 24   TYR A CB  1 
ATOM   140  C CG  . TYR A 1 28  ? -11.620 -3.393  14.036  1.00 37.42 ? 24   TYR A CG  1 
ATOM   141  C CD1 . TYR A 1 28  ? -10.982 -4.198  14.976  1.00 40.83 ? 24   TYR A CD1 1 
ATOM   142  C CD2 . TYR A 1 28  ? -12.858 -2.876  14.355  1.00 39.15 ? 24   TYR A CD2 1 
ATOM   143  C CE1 . TYR A 1 28  ? -11.533 -4.422  16.223  1.00 46.03 ? 24   TYR A CE1 1 
ATOM   144  C CE2 . TYR A 1 28  ? -13.423 -3.076  15.597  1.00 46.23 ? 24   TYR A CE2 1 
ATOM   145  C CZ  . TYR A 1 28  ? -12.751 -3.842  16.526  1.00 49.31 ? 24   TYR A CZ  1 
ATOM   146  O OH  . TYR A 1 28  ? -13.300 -4.039  17.756  1.00 55.06 ? 24   TYR A OH  1 
ATOM   147  N N   . PHE A 1 29  ? -11.383 -4.015  9.511   1.00 32.41 ? 25   PHE A N   1 
ATOM   148  C CA  . PHE A 1 29  ? -11.010 -3.957  8.113   1.00 32.81 ? 25   PHE A CA  1 
ATOM   149  C C   . PHE A 1 29  ? -11.343 -2.563  7.625   1.00 31.63 ? 25   PHE A C   1 
ATOM   150  O O   . PHE A 1 29  ? -12.387 -2.006  7.989   1.00 33.81 ? 25   PHE A O   1 
ATOM   151  C CB  . PHE A 1 29  ? -11.803 -4.994  7.323   1.00 32.78 ? 25   PHE A CB  1 
ATOM   152  C CG  . PHE A 1 29  ? -11.610 -4.853  5.869   1.00 37.12 ? 25   PHE A CG  1 
ATOM   153  C CD1 . PHE A 1 29  ? -12.619 -4.278  5.069   1.00 36.62 ? 25   PHE A CD1 1 
ATOM   154  C CD2 . PHE A 1 29  ? -10.373 -5.242  5.268   1.00 40.02 ? 25   PHE A CD2 1 
ATOM   155  C CE1 . PHE A 1 29  ? -12.406 -4.086  3.678   1.00 41.74 ? 25   PHE A CE1 1 
ATOM   156  C CE2 . PHE A 1 29  ? -10.146 -5.070  3.862   1.00 38.74 ? 25   PHE A CE2 1 
ATOM   157  C CZ  . PHE A 1 29  ? -11.153 -4.479  3.073   1.00 42.06 ? 25   PHE A CZ  1 
ATOM   158  N N   . ASN A 1 30  ? -10.463 -1.976  6.829   1.00 31.86 ? 26   ASN A N   1 
ATOM   159  C CA  . ASN A 1 30  ? -10.716 -0.652  6.213   1.00 29.75 ? 26   ASN A CA  1 
ATOM   160  C C   . ASN A 1 30  ? -10.888 -0.770  4.691   1.00 29.14 ? 26   ASN A C   1 
ATOM   161  O O   . ASN A 1 30  ? -9.945  -1.067  3.965   1.00 28.86 ? 26   ASN A O   1 
ATOM   162  C CB  . ASN A 1 30  ? -9.648  0.402   6.573   1.00 29.41 ? 26   ASN A CB  1 
ATOM   163  C CG  . ASN A 1 30  ? -10.101 1.847   6.213   1.00 30.94 ? 26   ASN A CG  1 
ATOM   164  O OD1 . ASN A 1 30  ? -10.553 2.099   5.103   1.00 29.99 ? 26   ASN A OD1 1 
ATOM   165  N ND2 . ASN A 1 30  ? -9.993  2.778   7.157   1.00 31.50 ? 26   ASN A ND2 1 
ATOM   166  N N   . HIS A 1 31  ? -12.089 -0.503  4.195   1.00 27.06 ? 27   HIS A N   1 
ATOM   167  C CA  . HIS A 1 31  ? -12.317 -0.720  2.770   1.00 26.61 ? 27   HIS A CA  1 
ATOM   168  C C   . HIS A 1 31  ? -11.744 0.349   1.839   1.00 26.78 ? 27   HIS A C   1 
ATOM   169  O O   . HIS A 1 31  ? -11.794 0.175   0.658   1.00 27.30 ? 27   HIS A O   1 
ATOM   170  C CB  . HIS A 1 31  ? -13.800 -0.984  2.455   1.00 27.18 ? 27   HIS A CB  1 
ATOM   171  C CG  . HIS A 1 31  ? -14.720 0.156   2.791   1.00 25.59 ? 27   HIS A CG  1 
ATOM   172  N ND1 . HIS A 1 31  ? -15.002 1.185   1.904   1.00 29.67 ? 27   HIS A ND1 1 
ATOM   173  C CD2 . HIS A 1 31  ? -15.445 0.416   3.910   1.00 26.44 ? 27   HIS A CD2 1 
ATOM   174  C CE1 . HIS A 1 31  ? -15.848 2.031   2.466   1.00 30.61 ? 27   HIS A CE1 1 
ATOM   175  N NE2 . HIS A 1 31  ? -16.107 1.604   3.697   1.00 28.78 ? 27   HIS A NE2 1 
ATOM   176  N N   . ILE A 1 32  ? -11.179 1.421   2.363   1.00 26.73 ? 28   ILE A N   1 
ATOM   177  C CA  . ILE A 1 32  ? -10.594 2.435   1.497   1.00 27.86 ? 28   ILE A CA  1 
ATOM   178  C C   . ILE A 1 32  ? -9.094  2.128   1.361   1.00 28.66 ? 28   ILE A C   1 
ATOM   179  O O   . ILE A 1 32  ? -8.545  2.279   0.274   1.00 29.51 ? 28   ILE A O   1 
ATOM   180  C CB  . ILE A 1 32  ? -10.886 3.889   2.023   1.00 27.78 ? 28   ILE A CB  1 
ATOM   181  C CG1 . ILE A 1 32  ? -12.370 4.128   2.192   1.00 24.95 ? 28   ILE A CG1 1 
ATOM   182  C CG2 . ILE A 1 32  ? -10.400 4.958   1.036   1.00 28.33 ? 28   ILE A CG2 1 
ATOM   183  C CD1 . ILE A 1 32  ? -12.689 5.179   3.282   1.00 21.28 ? 28   ILE A CD1 1 
ATOM   184  N N   . THR A 1 33  ? -8.474  1.603   2.432   1.00 28.25 ? 29   THR A N   1 
ATOM   185  C CA  . THR A 1 33  ? -7.032  1.412   2.494   1.00 27.36 ? 29   THR A CA  1 
ATOM   186  C C   . THR A 1 33  ? -6.710  -0.036  2.412   1.00 27.53 ? 29   THR A C   1 
ATOM   187  O O   . THR A 1 33  ? -5.566  -0.397  2.156   1.00 25.99 ? 29   THR A O   1 
ATOM   188  C CB  . THR A 1 33  ? -6.457  1.940   3.794   1.00 27.14 ? 29   THR A CB  1 
ATOM   189  O OG1 . THR A 1 33  ? -6.932  1.105   4.856   1.00 28.42 ? 29   THR A OG1 1 
ATOM   190  C CG2 . THR A 1 33  ? -6.950  3.311   4.035   1.00 26.53 ? 29   THR A CG2 1 
ATOM   191  N N   . ASN A 1 34  ? -7.738  -0.886  2.569   1.00 28.80 ? 30   ASN A N   1 
ATOM   192  C CA  . ASN A 1 34  ? -7.556  -2.359  2.681   1.00 29.13 ? 30   ASN A CA  1 
ATOM   193  C C   . ASN A 1 34  ? -6.708  -2.857  3.868   1.00 29.73 ? 30   ASN A C   1 
ATOM   194  O O   . ASN A 1 34  ? -6.262  -3.999  3.892   1.00 29.79 ? 30   ASN A O   1 
ATOM   195  C CB  . ASN A 1 34  ? -7.089  -2.931  1.336   1.00 26.93 ? 30   ASN A CB  1 
ATOM   196  C CG  . ASN A 1 34  ? -8.219  -2.900  0.281   1.00 28.89 ? 30   ASN A CG  1 
ATOM   197  O OD1 . ASN A 1 34  ? -7.983  -2.646  -0.898  1.00 27.19 ? 30   ASN A OD1 1 
ATOM   198  N ND2 . ASN A 1 34  ? -9.455  -3.217  0.716   1.00 19.38 ? 30   ASN A ND2 1 
ATOM   199  N N   . ALA A 1 35  ? -6.480  -1.985  4.842   1.00 30.28 ? 31   ALA A N   1 
ATOM   200  C CA  . ALA A 1 35  ? -5.836  -2.388  6.091   1.00 31.17 ? 31   ALA A CA  1 
ATOM   201  C C   . ALA A 1 35  ? -6.754  -3.278  6.894   1.00 32.16 ? 31   ALA A C   1 
ATOM   202  O O   . ALA A 1 35  ? -7.994  -3.075  6.946   1.00 32.61 ? 31   ALA A O   1 
ATOM   203  C CB  . ALA A 1 35  ? -5.481  -1.124  6.960   1.00 31.40 ? 31   ALA A CB  1 
ATOM   204  N N   . SER A 1 36  ? -6.149  -4.255  7.545   1.00 31.86 ? 32   SER A N   1 
ATOM   205  C CA  . SER A 1 36  ? -6.847  -4.996  8.569   1.00 32.49 ? 32   SER A CA  1 
ATOM   206  C C   . SER A 1 36  ? -5.983  -5.109  9.771   1.00 33.34 ? 32   SER A C   1 
ATOM   207  O O   . SER A 1 36  ? -4.773  -5.228  9.662   1.00 34.55 ? 32   SER A O   1 
ATOM   208  C CB  . SER A 1 36  ? -7.227  -6.386  8.088   1.00 32.34 ? 32   SER A CB  1 
ATOM   209  O OG  . SER A 1 36  ? -6.250  -6.939  7.242   1.00 31.70 ? 32   SER A OG  1 
ATOM   210  N N   . GLN A 1 37  ? -6.599  -5.096  10.939  1.00 34.23 ? 33   GLN A N   1 
ATOM   211  C CA  . GLN A 1 37  ? -5.857  -5.179  12.184  1.00 34.57 ? 33   GLN A CA  1 
ATOM   212  C C   . GLN A 1 37  ? -6.790  -5.769  13.245  1.00 35.32 ? 33   GLN A C   1 
ATOM   213  O O   . GLN A 1 37  ? -8.007  -5.729  13.072  1.00 34.58 ? 33   GLN A O   1 
ATOM   214  C CB  . GLN A 1 37  ? -5.371  -3.786  12.591  1.00 32.83 ? 33   GLN A CB  1 
ATOM   215  C CG  . GLN A 1 37  ? -6.456  -2.807  12.875  1.00 35.30 ? 33   GLN A CG  1 
ATOM   216  C CD  . GLN A 1 37  ? -5.906  -1.425  13.237  1.00 42.89 ? 33   GLN A CD  1 
ATOM   217  O OE1 . GLN A 1 37  ? -4.851  -1.029  12.741  1.00 43.42 ? 33   GLN A OE1 1 
ATOM   218  N NE2 . GLN A 1 37  ? -6.608  -0.704  14.128  1.00 43.83 ? 33   GLN A NE2 1 
ATOM   219  N N   . TRP A 1 38  ? -6.219  -6.290  14.334  1.00 36.45 ? 34   TRP A N   1 
ATOM   220  C CA  . TRP A 1 38  ? -7.019  -6.767  15.472  1.00 37.25 ? 34   TRP A CA  1 
ATOM   221  C C   . TRP A 1 38  ? -7.578  -5.682  16.384  1.00 38.92 ? 34   TRP A C   1 
ATOM   222  O O   . TRP A 1 38  ? -8.737  -5.784  16.826  1.00 38.08 ? 34   TRP A O   1 
ATOM   223  C CB  . TRP A 1 38  ? -6.240  -7.795  16.327  1.00 36.55 ? 34   TRP A CB  1 
ATOM   224  C CG  . TRP A 1 38  ? -5.785  -9.018  15.609  1.00 34.80 ? 34   TRP A CG  1 
ATOM   225  C CD1 . TRP A 1 38  ? -4.496  -9.328  15.277  1.00 30.81 ? 34   TRP A CD1 1 
ATOM   226  C CD2 . TRP A 1 38  ? -6.594  -10.095 15.128  1.00 32.97 ? 34   TRP A CD2 1 
ATOM   227  N NE1 . TRP A 1 38  ? -4.443  -10.524 14.642  1.00 32.75 ? 34   TRP A NE1 1 
ATOM   228  C CE2 . TRP A 1 38  ? -5.709  -11.034 14.526  1.00 32.73 ? 34   TRP A CE2 1 
ATOM   229  C CE3 . TRP A 1 38  ? -7.968  -10.388 15.183  1.00 31.37 ? 34   TRP A CE3 1 
ATOM   230  C CZ2 . TRP A 1 38  ? -6.153  -12.229 13.922  1.00 30.00 ? 34   TRP A CZ2 1 
ATOM   231  C CZ3 . TRP A 1 38  ? -8.429  -11.598 14.586  1.00 31.74 ? 34   TRP A CZ3 1 
ATOM   232  C CH2 . TRP A 1 38  ? -7.510  -12.503 13.962  1.00 31.41 ? 34   TRP A CH2 1 
ATOM   233  N N   . GLU A 1 39  ? -6.755  -4.682  16.734  1.00 41.96 ? 35   GLU A N   1 
ATOM   234  C CA  . GLU A 1 39  ? -7.145  -3.627  17.697  1.00 44.59 ? 35   GLU A CA  1 
ATOM   235  C C   . GLU A 1 39  ? -8.246  -2.758  17.094  1.00 46.71 ? 35   GLU A C   1 
ATOM   236  O O   . GLU A 1 39  ? -8.277  -2.554  15.870  1.00 47.16 ? 35   GLU A O   1 
ATOM   237  C CB  . GLU A 1 39  ? -5.942  -2.736  18.086  1.00 44.85 ? 35   GLU A CB  1 
ATOM   238  C CG  . GLU A 1 39  ? -4.580  -3.393  18.464  1.00 48.22 ? 35   GLU A CG  1 
ATOM   239  C CD  . GLU A 1 39  ? -3.913  -4.220  17.304  1.00 53.86 ? 35   GLU A CD  1 
ATOM   240  O OE1 . GLU A 1 39  ? -4.137  -3.921  16.077  1.00 49.04 ? 35   GLU A OE1 1 
ATOM   241  O OE2 . GLU A 1 39  ? -3.168  -5.203  17.641  1.00 53.84 ? 35   GLU A OE2 1 
ATOM   242  N N   . ARG A 1 40  ? -9.147  -2.215  17.911  1.00 49.93 ? 36   ARG A N   1 
ATOM   243  C CA  . ARG A 1 40  ? -10.132 -1.292  17.367  1.00 53.25 ? 36   ARG A CA  1 
ATOM   244  C C   . ARG A 1 40  ? -9.344  -0.055  16.888  1.00 55.83 ? 36   ARG A C   1 
ATOM   245  O O   . ARG A 1 40  ? -8.407  0.389   17.584  1.00 56.31 ? 36   ARG A O   1 
ATOM   246  C CB  . ARG A 1 40  ? -11.231 -0.959  18.377  1.00 53.45 ? 36   ARG A CB  1 
ATOM   247  C CG  . ARG A 1 40  ? -12.209 0.166   17.952  1.00 55.26 ? 36   ARG A CG  1 
ATOM   248  C CD  . ARG A 1 40  ? -13.490 0.286   18.835  1.00 56.55 ? 36   ARG A CD  1 
ATOM   249  N NE  . ARG A 1 40  ? -14.614 -0.569  18.393  1.00 58.12 ? 36   ARG A NE  1 
ATOM   250  C CZ  . ARG A 1 40  ? -15.842 -0.140  18.065  1.00 57.71 ? 36   ARG A CZ  1 
ATOM   251  N NH1 . ARG A 1 40  ? -16.149 1.158   18.095  1.00 57.73 ? 36   ARG A NH1 1 
ATOM   252  N NH2 . ARG A 1 40  ? -16.775 -1.019  17.690  1.00 57.48 ? 36   ARG A NH2 1 
ATOM   253  N N   . PRO A 1 41  ? -9.662  0.455   15.668  1.00 57.68 ? 37   PRO A N   1 
ATOM   254  C CA  . PRO A 1 41  ? -9.025  1.637   15.057  1.00 59.09 ? 37   PRO A CA  1 
ATOM   255  C C   . PRO A 1 41  ? -9.084  2.940   15.896  1.00 60.85 ? 37   PRO A C   1 
ATOM   256  O O   . PRO A 1 41  ? -10.185 3.335   16.365  1.00 61.06 ? 37   PRO A O   1 
ATOM   257  C CB  . PRO A 1 41  ? -9.819  1.820   13.749  1.00 59.20 ? 37   PRO A CB  1 
ATOM   258  C CG  . PRO A 1 41  ? -11.023 0.996   13.894  1.00 58.05 ? 37   PRO A CG  1 
ATOM   259  C CD  . PRO A 1 41  ? -10.601 -0.165  14.720  1.00 57.49 ? 37   PRO A CD  1 
ATOM   260  N N   . SER A 1 42  ? -7.913  3.594   16.029  1.00 62.05 ? 38   SER A N   1 
ATOM   261  C CA  . SER A 1 42  ? -7.698  4.795   16.872  1.00 63.17 ? 38   SER A CA  1 
ATOM   262  C C   . SER A 1 42  ? -8.414  4.718   18.252  1.00 63.73 ? 38   SER A C   1 
ATOM   263  O O   . SER A 1 42  ? -8.648  5.739   18.919  1.00 63.96 ? 38   SER A O   1 
ATOM   264  C CB  . SER A 1 42  ? -8.075  6.091   16.123  1.00 63.34 ? 38   SER A CB  1 
ATOM   265  O OG  . SER A 1 42  ? -9.475  6.198   15.869  1.00 63.44 ? 38   SER A OG  1 
ATOM   266  N N   . GLU A 1 55  ? -10.316 17.191  8.063   1.00 56.08 ? 51   GLU A N   1 
ATOM   267  C CA  . GLU A 1 55  ? -9.335  16.396  7.294   1.00 55.96 ? 51   GLU A CA  1 
ATOM   268  C C   . GLU A 1 55  ? -8.115  17.232  6.827   1.00 55.73 ? 51   GLU A C   1 
ATOM   269  O O   . GLU A 1 55  ? -8.283  18.404  6.420   1.00 55.36 ? 51   GLU A O   1 
ATOM   270  C CB  . GLU A 1 55  ? -10.020 15.666  6.121   1.00 55.59 ? 51   GLU A CB  1 
ATOM   271  C CG  . GLU A 1 55  ? -9.072  15.218  5.007   1.00 55.75 ? 51   GLU A CG  1 
ATOM   272  C CD  . GLU A 1 55  ? -9.748  14.369  3.906   1.00 55.97 ? 51   GLU A CD  1 
ATOM   273  O OE1 . GLU A 1 55  ? -9.819  14.846  2.733   1.00 53.80 ? 51   GLU A OE1 1 
ATOM   274  O OE2 . GLU A 1 55  ? -10.183 13.232  4.217   1.00 54.12 ? 51   GLU A OE2 1 
ATOM   275  N N   . PRO A 1 56  ? -6.878  16.640  6.884   1.00 55.23 ? 52   PRO A N   1 
ATOM   276  C CA  . PRO A 1 56  ? -5.684  17.415  6.450   1.00 54.01 ? 52   PRO A CA  1 
ATOM   277  C C   . PRO A 1 56  ? -5.782  17.807  4.964   1.00 52.73 ? 52   PRO A C   1 
ATOM   278  O O   . PRO A 1 56  ? -6.350  17.034  4.153   1.00 53.23 ? 52   PRO A O   1 
ATOM   279  C CB  . PRO A 1 56  ? -4.524  16.425  6.690   1.00 54.56 ? 52   PRO A CB  1 
ATOM   280  C CG  . PRO A 1 56  ? -5.183  15.028  6.678   1.00 53.95 ? 52   PRO A CG  1 
ATOM   281  C CD  . PRO A 1 56  ? -6.505  15.278  7.351   1.00 55.17 ? 52   PRO A CD  1 
ATOM   282  N N   . ALA A 1 57  ? -5.293  19.002  4.632   1.00 50.23 ? 53   ALA A N   1 
ATOM   283  C CA  . ALA A 1 57  ? -5.188  19.478  3.242   1.00 48.33 ? 53   ALA A CA  1 
ATOM   284  C C   . ALA A 1 57  ? -4.176  18.650  2.487   1.00 46.38 ? 53   ALA A C   1 
ATOM   285  O O   . ALA A 1 57  ? -4.286  18.444  1.251   1.00 45.51 ? 53   ALA A O   1 
ATOM   286  C CB  . ALA A 1 57  ? -4.763  20.969  3.194   1.00 48.63 ? 53   ALA A CB  1 
ATOM   287  N N   . ARG A 1 58  ? -3.175  18.199  3.252   1.00 43.94 ? 54   ARG A N   1 
ATOM   288  C CA  . ARG A 1 58  ? -1.979  17.582  2.705   1.00 40.78 ? 54   ARG A CA  1 
ATOM   289  C C   . ARG A 1 58  ? -1.577  16.366  3.543   1.00 38.05 ? 54   ARG A C   1 
ATOM   290  O O   . ARG A 1 58  ? -1.752  16.344  4.777   1.00 36.60 ? 54   ARG A O   1 
ATOM   291  C CB  . ARG A 1 58  ? -0.868  18.614  2.688   1.00 42.18 ? 54   ARG A CB  1 
ATOM   292  C CG  . ARG A 1 58  ? -1.076  19.699  1.632   1.00 44.55 ? 54   ARG A CG  1 
ATOM   293  C CD  . ARG A 1 58  ? -0.038  20.847  1.744   1.00 48.58 ? 54   ARG A CD  1 
ATOM   294  N NE  . ARG A 1 58  ? 1.167   20.592  0.953   1.00 50.61 ? 54   ARG A NE  1 
ATOM   295  C CZ  . ARG A 1 58  ? 1.182   20.239  -0.337  1.00 53.66 ? 54   ARG A CZ  1 
ATOM   296  N NH1 . ARG A 1 58  ? 0.047   20.059  -1.018  1.00 53.92 ? 54   ARG A NH1 1 
ATOM   297  N NH2 . ARG A 1 58  ? 2.352   20.055  -0.959  1.00 54.44 ? 54   ARG A NH2 1 
ATOM   298  N N   . VAL A 1 59  ? -1.092  15.326  2.860   1.00 34.15 ? 55   VAL A N   1 
ATOM   299  C CA  . VAL A 1 59  ? -0.434  14.223  3.551   1.00 30.21 ? 55   VAL A CA  1 
ATOM   300  C C   . VAL A 1 59  ? 0.853   13.901  2.803   1.00 29.83 ? 55   VAL A C   1 
ATOM   301  O O   . VAL A 1 59  ? 1.052   14.297  1.630   1.00 27.87 ? 55   VAL A O   1 
ATOM   302  C CB  . VAL A 1 59  ? -1.325  12.943  3.638   1.00 29.19 ? 55   VAL A CB  1 
ATOM   303  C CG1 . VAL A 1 59  ? -2.629  13.249  4.417   1.00 27.92 ? 55   VAL A CG1 1 
ATOM   304  C CG2 . VAL A 1 59  ? -1.613  12.370  2.226   1.00 24.92 ? 55   VAL A CG2 1 
ATOM   305  N N   . ARG A 1 60  ? 1.711   13.168  3.509   1.00 28.98 ? 56   ARG A N   1 
ATOM   306  C CA  . ARG A 1 60  ? 2.925   12.714  2.950   1.00 28.66 ? 56   ARG A CA  1 
ATOM   307  C C   . ARG A 1 60  ? 2.935   11.210  3.022   1.00 27.70 ? 56   ARG A C   1 
ATOM   308  O O   . ARG A 1 60  ? 2.649   10.633  4.093   1.00 28.57 ? 56   ARG A O   1 
ATOM   309  C CB  . ARG A 1 60  ? 4.122   13.297  3.709   1.00 28.25 ? 56   ARG A CB  1 
ATOM   310  C CG  . ARG A 1 60  ? 5.477   12.884  3.088   1.00 27.76 ? 56   ARG A CG  1 
ATOM   311  C CD  . ARG A 1 60  ? 6.665   13.616  3.775   1.00 27.95 ? 56   ARG A CD  1 
ATOM   312  N NE  . ARG A 1 60  ? 7.903   13.411  2.989   1.00 34.82 ? 56   ARG A NE  1 
ATOM   313  C CZ  . ARG A 1 60  ? 9.133   13.617  3.470   1.00 36.83 ? 56   ARG A CZ  1 
ATOM   314  N NH1 . ARG A 1 60  ? 9.275   14.068  4.703   1.00 33.86 ? 56   ARG A NH1 1 
ATOM   315  N NH2 . ARG A 1 60  ? 10.213  13.388  2.724   1.00 34.18 ? 56   ARG A NH2 1 
ATOM   316  N N   . CYS A 1 61  ? 3.289   10.568  1.923   1.00 25.42 ? 57   CYS A N   1 
ATOM   317  C CA  . CYS A 1 61  ? 3.242   9.125   1.888   1.00 25.95 ? 57   CYS A CA  1 
ATOM   318  C C   . CYS A 1 61  ? 4.455   8.559   1.262   1.00 25.48 ? 57   CYS A C   1 
ATOM   319  O O   . CYS A 1 61  ? 5.063   9.211   0.381   1.00 26.45 ? 57   CYS A O   1 
ATOM   320  C CB  . CYS A 1 61  ? 1.993   8.667   1.107   1.00 26.20 ? 57   CYS A CB  1 
ATOM   321  S SG  . CYS A 1 61  ? 0.464   8.963   2.058   1.00 24.14 ? 57   CYS A SG  1 
ATOM   322  N N   . SER A 1 62  ? 4.870   7.371   1.723   1.00 24.09 ? 58   SER A N   1 
ATOM   323  C CA  . SER A 1 62  ? 5.693   6.529   0.844   1.00 22.76 ? 58   SER A CA  1 
ATOM   324  C C   . SER A 1 62  ? 4.852   5.371   0.275   1.00 22.81 ? 58   SER A C   1 
ATOM   325  O O   . SER A 1 62  ? 3.761   5.049   0.837   1.00 24.70 ? 58   SER A O   1 
ATOM   326  C CB  . SER A 1 62  ? 6.965   6.030   1.562   1.00 22.42 ? 58   SER A CB  1 
ATOM   327  O OG  . SER A 1 62  ? 7.604   7.107   2.225   1.00 25.27 ? 58   SER A OG  1 
ATOM   328  N N   . HIS A 1 63  ? 5.351   4.698   -0.775  1.00 23.91 ? 59   HIS A N   1 
ATOM   329  C CA  . HIS A 1 63  ? 4.694   3.505   -1.344  1.00 24.18 ? 59   HIS A CA  1 
ATOM   330  C C   . HIS A 1 63  ? 5.668   2.539   -1.950  1.00 25.02 ? 59   HIS A C   1 
ATOM   331  O O   . HIS A 1 63  ? 6.862   2.844   -2.190  1.00 24.42 ? 59   HIS A O   1 
ATOM   332  C CB  . HIS A 1 63  ? 3.548   3.888   -2.326  1.00 24.18 ? 59   HIS A CB  1 
ATOM   333  C CG  . HIS A 1 63  ? 4.032   4.225   -3.704  1.00 25.20 ? 59   HIS A CG  1 
ATOM   334  N ND1 . HIS A 1 63  ? 3.376   3.826   -4.845  1.00 25.30 ? 59   HIS A ND1 1 
ATOM   335  C CD2 . HIS A 1 63  ? 5.154   4.867   -4.120  1.00 24.60 ? 59   HIS A CD2 1 
ATOM   336  C CE1 . HIS A 1 63  ? 4.047   4.247   -5.904  1.00 26.51 ? 59   HIS A CE1 1 
ATOM   337  N NE2 . HIS A 1 63  ? 5.153   4.843   -5.490  1.00 24.06 ? 59   HIS A NE2 1 
ATOM   338  N N   . LEU A 1 64  ? 5.181   1.331   -2.130  1.00 25.76 ? 60   LEU A N   1 
ATOM   339  C CA  . LEU A 1 64  ? 5.956   0.251   -2.733  1.00 25.33 ? 60   LEU A CA  1 
ATOM   340  C C   . LEU A 1 64  ? 5.018   -0.195  -3.849  1.00 27.05 ? 60   LEU A C   1 
ATOM   341  O O   . LEU A 1 64  ? 3.877   -0.632  -3.572  1.00 26.45 ? 60   LEU A O   1 
ATOM   342  C CB  . LEU A 1 64  ? 6.165   -0.918  -1.746  1.00 24.36 ? 60   LEU A CB  1 
ATOM   343  C CG  . LEU A 1 64  ? 7.089   -2.040  -2.268  1.00 20.71 ? 60   LEU A CG  1 
ATOM   344  C CD1 . LEU A 1 64  ? 7.694   -2.948  -1.162  1.00 18.63 ? 60   LEU A CD1 1 
ATOM   345  C CD2 . LEU A 1 64  ? 6.550   -2.900  -3.469  1.00 17.34 ? 60   LEU A CD2 1 
ATOM   346  N N   . LEU A 1 65  ? 5.462   -0.064  -5.089  1.00 26.28 ? 61   LEU A N   1 
ATOM   347  C CA  . LEU A 1 65  ? 4.641   -0.443  -6.190  1.00 27.12 ? 61   LEU A CA  1 
ATOM   348  C C   . LEU A 1 65  ? 5.103   -1.754  -6.820  1.00 26.82 ? 61   LEU A C   1 
ATOM   349  O O   . LEU A 1 65  ? 6.274   -1.962  -7.096  1.00 27.22 ? 61   LEU A O   1 
ATOM   350  C CB  . LEU A 1 65  ? 4.518   0.698   -7.216  1.00 25.85 ? 61   LEU A CB  1 
ATOM   351  C CG  . LEU A 1 65  ? 3.939   0.399   -8.616  1.00 25.97 ? 61   LEU A CG  1 
ATOM   352  C CD1 . LEU A 1 65  ? 2.427   0.341   -8.655  1.00 25.31 ? 61   LEU A CD1 1 
ATOM   353  C CD2 . LEU A 1 65  ? 4.336   1.544   -9.518  1.00 26.24 ? 61   LEU A CD2 1 
ATOM   354  N N   . VAL A 1 66  ? 4.158   -2.664  -7.005  1.00 27.23 ? 62   VAL A N   1 
ATOM   355  C CA  . VAL A 1 66  ? 4.407   -3.852  -7.808  1.00 27.73 ? 62   VAL A CA  1 
ATOM   356  C C   . VAL A 1 66  ? 3.531   -3.774  -9.063  1.00 28.91 ? 62   VAL A C   1 
ATOM   357  O O   . VAL A 1 66  ? 2.264   -3.740  -8.976  1.00 29.78 ? 62   VAL A O   1 
ATOM   358  C CB  . VAL A 1 66  ? 4.182   -5.151  -7.006  1.00 27.96 ? 62   VAL A CB  1 
ATOM   359  C CG1 . VAL A 1 66  ? 4.430   -6.391  -7.891  1.00 26.46 ? 62   VAL A CG1 1 
ATOM   360  C CG2 . VAL A 1 66  ? 5.133   -5.182  -5.843  1.00 25.37 ? 62   VAL A CG2 1 
ATOM   361  N N   . LYS A 1 67  ? 4.212   -3.678  -10.212 1.00 29.05 ? 63   LYS A N   1 
ATOM   362  C CA  . LYS A 1 67  ? 3.572   -3.622  -11.548 1.00 31.09 ? 63   LYS A CA  1 
ATOM   363  C C   . LYS A 1 67  ? 3.184   -4.980  -12.115 1.00 30.79 ? 63   LYS A C   1 
ATOM   364  O O   . LYS A 1 67  ? 3.709   -6.015  -11.722 1.00 33.10 ? 63   LYS A O   1 
ATOM   365  C CB  . LYS A 1 67  ? 4.423   -2.826  -12.555 1.00 29.97 ? 63   LYS A CB  1 
ATOM   366  C CG  . LYS A 1 67  ? 4.330   -1.272  -12.308 1.00 32.67 ? 63   LYS A CG  1 
ATOM   367  C CD  . LYS A 1 67  ? 4.827   -0.458  -13.557 1.00 31.74 ? 63   LYS A CD  1 
ATOM   368  C CE  . LYS A 1 67  ? 5.623   0.817   -13.253 1.00 31.33 ? 63   LYS A CE  1 
ATOM   369  N NZ  . LYS A 1 67  ? 5.441   1.687   -14.442 1.00 30.95 ? 63   LYS A NZ  1 
ATOM   370  N N   . HIS A 1 68  ? 2.203   -5.012  -12.988 1.00 31.67 ? 64   HIS A N   1 
ATOM   371  C CA  . HIS A 1 68  ? 1.910   -6.298  -13.639 1.00 32.37 ? 64   HIS A CA  1 
ATOM   372  C C   . HIS A 1 68  ? 1.642   -6.065  -15.140 1.00 33.64 ? 64   HIS A C   1 
ATOM   373  O O   . HIS A 1 68  ? 1.594   -4.896  -15.585 1.00 33.21 ? 64   HIS A O   1 
ATOM   374  C CB  . HIS A 1 68  ? 0.740   -6.978  -12.954 1.00 31.01 ? 64   HIS A CB  1 
ATOM   375  C CG  . HIS A 1 68  ? -0.450  -6.089  -12.837 1.00 29.84 ? 64   HIS A CG  1 
ATOM   376  N ND1 . HIS A 1 68  ? -1.249  -5.791  -13.908 1.00 31.58 ? 64   HIS A ND1 1 
ATOM   377  C CD2 . HIS A 1 68  ? -0.923  -5.363  -11.803 1.00 31.43 ? 64   HIS A CD2 1 
ATOM   378  C CE1 . HIS A 1 68  ? -2.194  -4.940  -13.536 1.00 34.59 ? 64   HIS A CE1 1 
ATOM   379  N NE2 . HIS A 1 68  ? -2.003  -4.647  -12.263 1.00 34.43 ? 64   HIS A NE2 1 
ATOM   380  N N   . SER A 1 69  ? 1.444   -7.164  -15.888 1.00 34.44 ? 65   SER A N   1 
ATOM   381  C CA  . SER A 1 69  ? 1.261   -7.087  -17.354 1.00 35.46 ? 65   SER A CA  1 
ATOM   382  C C   . SER A 1 69  ? 0.124   -6.169  -17.823 1.00 35.03 ? 65   SER A C   1 
ATOM   383  O O   . SER A 1 69  ? 0.187   -5.656  -18.929 1.00 34.75 ? 65   SER A O   1 
ATOM   384  C CB  . SER A 1 69  ? 1.108   -8.459  -17.980 1.00 35.45 ? 65   SER A CB  1 
ATOM   385  O OG  . SER A 1 69  ? -0.182  -8.937  -17.701 1.00 37.65 ? 65   SER A OG  1 
ATOM   386  N N   . GLN A 1 70  ? -0.914  -5.969  -17.014 1.00 35.03 ? 66   GLN A N   1 
ATOM   387  C CA  . GLN A 1 70  ? -1.953  -4.998  -17.417 1.00 35.79 ? 66   GLN A CA  1 
ATOM   388  C C   . GLN A 1 70  ? -1.741  -3.586  -16.858 1.00 35.83 ? 66   GLN A C   1 
ATOM   389  O O   . GLN A 1 70  ? -2.659  -2.732  -17.007 1.00 36.76 ? 66   GLN A O   1 
ATOM   390  C CB  . GLN A 1 70  ? -3.345  -5.432  -17.014 1.00 34.80 ? 66   GLN A CB  1 
ATOM   391  C CG  . GLN A 1 70  ? -3.952  -6.559  -17.821 1.00 37.37 ? 66   GLN A CG  1 
ATOM   392  C CD  . GLN A 1 70  ? -5.409  -6.832  -17.355 1.00 40.98 ? 66   GLN A CD  1 
ATOM   393  O OE1 . GLN A 1 70  ? -6.354  -6.041  -17.651 1.00 35.94 ? 66   GLN A OE1 1 
ATOM   394  N NE2 . GLN A 1 70  ? -5.579  -7.904  -16.571 1.00 41.10 ? 66   GLN A NE2 1 
ATOM   395  N N   . SER A 1 71  ? -0.587  -3.321  -16.205 1.00 34.68 ? 67   SER A N   1 
ATOM   396  C CA  . SER A 1 71  ? -0.285  -1.947  -15.760 1.00 34.64 ? 67   SER A CA  1 
ATOM   397  C C   . SER A 1 71  ? -0.317  -0.943  -16.934 1.00 34.28 ? 67   SER A C   1 
ATOM   398  O O   . SER A 1 71  ? 0.164   -1.239  -17.996 1.00 34.01 ? 67   SER A O   1 
ATOM   399  C CB  . SER A 1 71  ? 1.064   -1.870  -15.061 1.00 33.50 ? 67   SER A CB  1 
ATOM   400  O OG  . SER A 1 71  ? 1.081   -2.631  -13.866 1.00 36.00 ? 67   SER A OG  1 
ATOM   401  N N   . ARG A 1 72  ? -0.827  0.248   -16.696 1.00 35.94 ? 68   ARG A N   1 
ATOM   402  C CA  . ARG A 1 72  ? -0.759  1.341   -17.678 1.00 38.52 ? 68   ARG A CA  1 
ATOM   403  C C   . ARG A 1 72  ? 0.629   1.463   -18.340 1.00 39.11 ? 68   ARG A C   1 
ATOM   404  O O   . ARG A 1 72  ? 0.701   1.641   -19.558 1.00 41.08 ? 68   ARG A O   1 
ATOM   405  C CB  . ARG A 1 72  ? -1.272  2.700   -17.102 1.00 38.48 ? 68   ARG A CB  1 
ATOM   406  C CG  . ARG A 1 72  ? -0.280  3.489   -16.252 1.00 41.07 ? 68   ARG A CG  1 
ATOM   407  C CD  . ARG A 1 72  ? -0.897  4.714   -15.444 1.00 46.89 ? 68   ARG A CD  1 
ATOM   408  N NE  . ARG A 1 72  ? 0.123   5.354   -14.585 1.00 50.26 ? 68   ARG A NE  1 
ATOM   409  C CZ  . ARG A 1 72  ? 0.043   6.576   -14.031 1.00 53.20 ? 68   ARG A CZ  1 
ATOM   410  N NH1 . ARG A 1 72  ? -1.034  7.347   -14.213 1.00 54.10 ? 68   ARG A NH1 1 
ATOM   411  N NH2 . ARG A 1 72  ? 1.047   7.035   -13.267 1.00 51.08 ? 68   ARG A NH2 1 
ATOM   412  N N   . ARG A 1 73  ? 1.719   1.316   -17.576 1.00 39.06 ? 69   ARG A N   1 
ATOM   413  C CA  . ARG A 1 73  ? 3.083   1.329   -18.136 1.00 37.54 ? 69   ARG A CA  1 
ATOM   414  C C   . ARG A 1 73  ? 3.897   0.098   -17.704 1.00 37.28 ? 69   ARG A C   1 
ATOM   415  O O   . ARG A 1 73  ? 4.687   0.210   -16.768 1.00 38.09 ? 69   ARG A O   1 
ATOM   416  C CB  . ARG A 1 73  ? 3.797   2.640   -17.711 1.00 38.05 ? 69   ARG A CB  1 
ATOM   417  C CG  . ARG A 1 73  ? 4.955   3.052   -18.586 1.00 41.99 ? 69   ARG A CG  1 
ATOM   418  C CD  . ARG A 1 73  ? 5.721   4.325   -18.164 1.00 47.35 ? 69   ARG A CD  1 
ATOM   419  N NE  . ARG A 1 73  ? 6.463   4.181   -16.903 1.00 51.39 ? 69   ARG A NE  1 
ATOM   420  C CZ  . ARG A 1 73  ? 7.684   3.641   -16.746 1.00 52.99 ? 69   ARG A CZ  1 
ATOM   421  N NH1 . ARG A 1 73  ? 8.372   3.123   -17.767 1.00 51.54 ? 69   ARG A NH1 1 
ATOM   422  N NH2 . ARG A 1 73  ? 8.217   3.603   -15.526 1.00 54.31 ? 69   ARG A NH2 1 
ATOM   423  N N   . PRO A 1 74  ? 3.757   -1.076  -18.401 1.00 36.14 ? 70   PRO A N   1 
ATOM   424  C CA  . PRO A 1 74  ? 4.337   -2.351  -17.955 1.00 34.52 ? 70   PRO A CA  1 
ATOM   425  C C   . PRO A 1 74  ? 5.875   -2.396  -18.051 1.00 34.25 ? 70   PRO A C   1 
ATOM   426  O O   . PRO A 1 74  ? 6.443   -3.319  -18.653 1.00 33.86 ? 70   PRO A O   1 
ATOM   427  C CB  . PRO A 1 74  ? 3.718   -3.387  -18.929 1.00 34.08 ? 70   PRO A CB  1 
ATOM   428  C CG  . PRO A 1 74  ? 3.174   -2.672  -19.984 1.00 33.68 ? 70   PRO A CG  1 
ATOM   429  C CD  . PRO A 1 74  ? 3.127   -1.216  -19.737 1.00 36.01 ? 70   PRO A CD  1 
ATOM   430  N N   . SER A 1 75  ? 6.540   -1.427  -17.438 1.00 34.16 ? 71   SER A N   1 
ATOM   431  C CA  . SER A 1 75  ? 7.995   -1.264  -17.547 1.00 34.15 ? 71   SER A CA  1 
ATOM   432  C C   . SER A 1 75  ? 8.458   -0.528  -16.334 1.00 33.46 ? 71   SER A C   1 
ATOM   433  O O   . SER A 1 75  ? 7.750   0.353   -15.885 1.00 33.79 ? 71   SER A O   1 
ATOM   434  C CB  . SER A 1 75  ? 8.283   -0.346  -18.731 1.00 35.02 ? 71   SER A CB  1 
ATOM   435  O OG  . SER A 1 75  ? 9.644   -0.478  -19.137 1.00 39.19 ? 71   SER A OG  1 
ATOM   436  N N   . SER A 1 76  ? 9.662   -0.822  -15.824 1.00 32.91 ? 72   SER A N   1 
ATOM   437  C CA  . SER A 1 76  ? 10.183  -0.129  -14.627 1.00 31.46 ? 72   SER A CA  1 
ATOM   438  C C   . SER A 1 76  ? 11.723  -0.064  -14.632 1.00 31.14 ? 72   SER A C   1 
ATOM   439  O O   . SER A 1 76  ? 12.346  -0.735  -15.441 1.00 31.00 ? 72   SER A O   1 
ATOM   440  C CB  . SER A 1 76  ? 9.705   -0.852  -13.338 1.00 31.69 ? 72   SER A CB  1 
ATOM   441  O OG  . SER A 1 76  ? 10.345  -2.141  -13.201 1.00 31.94 ? 72   SER A OG  1 
ATOM   442  N N   . TRP A 1 77  ? 12.324  0.710   -13.729 1.00 29.74 ? 73   TRP A N   1 
ATOM   443  C CA  . TRP A 1 77  ? 13.789  0.708   -13.590 1.00 30.65 ? 73   TRP A CA  1 
ATOM   444  C C   . TRP A 1 77  ? 14.235  -0.705  -13.271 1.00 30.64 ? 73   TRP A C   1 
ATOM   445  O O   . TRP A 1 77  ? 15.371  -1.049  -13.487 1.00 31.36 ? 73   TRP A O   1 
ATOM   446  C CB  . TRP A 1 77  ? 14.276  1.693   -12.493 1.00 30.36 ? 73   TRP A CB  1 
ATOM   447  C CG  . TRP A 1 77  ? 13.826  1.261   -11.040 1.00 29.18 ? 73   TRP A CG  1 
ATOM   448  C CD1 . TRP A 1 77  ? 12.698  1.639   -10.390 1.00 27.76 ? 73   TRP A CD1 1 
ATOM   449  C CD2 . TRP A 1 77  ? 14.538  0.376   -10.130 1.00 31.81 ? 73   TRP A CD2 1 
ATOM   450  N NE1 . TRP A 1 77  ? 12.641  1.027   -9.131  1.00 31.28 ? 73   TRP A NE1 1 
ATOM   451  C CE2 . TRP A 1 77  ? 13.770  0.270   -8.954  1.00 27.96 ? 73   TRP A CE2 1 
ATOM   452  C CE3 . TRP A 1 77  ? 15.776  -0.311  -10.197 1.00 30.34 ? 73   TRP A CE3 1 
ATOM   453  C CZ2 . TRP A 1 77  ? 14.172  -0.505  -7.875  1.00 32.54 ? 73   TRP A CZ2 1 
ATOM   454  C CZ3 . TRP A 1 77  ? 16.169  -1.075  -9.124  1.00 29.70 ? 73   TRP A CZ3 1 
ATOM   455  C CH2 . TRP A 1 77  ? 15.376  -1.182  -7.989  1.00 32.56 ? 73   TRP A CH2 1 
ATOM   456  N N   . ARG A 1 78  ? 13.350  -1.551  -12.758 1.00 31.45 ? 74   ARG A N   1 
ATOM   457  C CA  . ARG A 1 78  ? 13.808  -2.906  -12.368 1.00 32.55 ? 74   ARG A CA  1 
ATOM   458  C C   . ARG A 1 78  ? 13.804  -3.870  -13.545 1.00 33.77 ? 74   ARG A C   1 
ATOM   459  O O   . ARG A 1 78  ? 14.553  -4.852  -13.561 1.00 33.56 ? 74   ARG A O   1 
ATOM   460  C CB  . ARG A 1 78  ? 12.958  -3.518  -11.263 1.00 31.51 ? 74   ARG A CB  1 
ATOM   461  C CG  . ARG A 1 78  ? 12.755  -2.628  -10.079 1.00 32.68 ? 74   ARG A CG  1 
ATOM   462  C CD  . ARG A 1 78  ? 12.153  -3.459  -8.905  1.00 33.22 ? 74   ARG A CD  1 
ATOM   463  N NE  . ARG A 1 78  ? 13.028  -4.564  -8.577  1.00 29.29 ? 74   ARG A NE  1 
ATOM   464  C CZ  . ARG A 1 78  ? 12.636  -5.801  -8.335  1.00 32.42 ? 74   ARG A CZ  1 
ATOM   465  N NH1 . ARG A 1 78  ? 11.344  -6.137  -8.421  1.00 36.93 ? 74   ARG A NH1 1 
ATOM   466  N NH2 . ARG A 1 78  ? 13.550  -6.706  -8.023  1.00 33.01 ? 74   ARG A NH2 1 
ATOM   467  N N   . GLN A 1 79  ? 12.954  -3.589  -14.523 1.00 34.69 ? 75   GLN A N   1 
ATOM   468  C CA  . GLN A 1 79  ? 12.650  -4.622  -15.465 1.00 37.32 ? 75   GLN A CA  1 
ATOM   469  C C   . GLN A 1 79  ? 12.053  -3.997  -16.698 1.00 36.53 ? 75   GLN A C   1 
ATOM   470  O O   . GLN A 1 79  ? 10.991  -3.397  -16.614 1.00 36.94 ? 75   GLN A O   1 
ATOM   471  C CB  . GLN A 1 79  ? 11.666  -5.572  -14.800 1.00 37.35 ? 75   GLN A CB  1 
ATOM   472  C CG  . GLN A 1 79  ? 11.420  -6.807  -15.563 1.00 43.16 ? 75   GLN A CG  1 
ATOM   473  C CD  . GLN A 1 79  ? 10.575  -7.782  -14.768 1.00 49.56 ? 75   GLN A CD  1 
ATOM   474  O OE1 . GLN A 1 79  ? 9.432   -7.457  -14.328 1.00 50.64 ? 75   GLN A OE1 1 
ATOM   475  N NE2 . GLN A 1 79  ? 11.116  -8.985  -14.570 1.00 50.73 ? 75   GLN A NE2 1 
ATOM   476  N N   . GLU A 1 80  ? 12.754  -4.106  -17.826 1.00 37.38 ? 76   GLU A N   1 
ATOM   477  C CA  . GLU A 1 80  ? 12.319  -3.473  -19.105 1.00 37.11 ? 76   GLU A CA  1 
ATOM   478  C C   . GLU A 1 80  ? 10.889  -3.846  -19.536 1.00 36.62 ? 76   GLU A C   1 
ATOM   479  O O   . GLU A 1 80  ? 10.081  -2.977  -19.912 1.00 37.21 ? 76   GLU A O   1 
ATOM   480  C CB  . GLU A 1 80  ? 13.328  -3.743  -20.242 1.00 37.63 ? 76   GLU A CB  1 
ATOM   481  C CG  . GLU A 1 80  ? 13.159  -2.793  -21.456 1.00 39.16 ? 76   GLU A CG  1 
ATOM   482  C CD  . GLU A 1 80  ? 14.414  -2.716  -22.351 1.00 39.65 ? 76   GLU A CD  1 
ATOM   483  O OE1 . GLU A 1 80  ? 14.412  -1.850  -23.245 1.00 40.40 ? 76   GLU A OE1 1 
ATOM   484  O OE2 . GLU A 1 80  ? 15.406  -3.468  -22.131 1.00 37.18 ? 76   GLU A OE2 1 
ATOM   485  N N   . LYS A 1 81  ? 10.564  -5.115  -19.492 1.00 36.95 ? 77   LYS A N   1 
ATOM   486  C CA  . LYS A 1 81  ? 9.199   -5.522  -19.797 1.00 38.62 ? 77   LYS A CA  1 
ATOM   487  C C   . LYS A 1 81  ? 8.656   -6.273  -18.595 1.00 37.82 ? 77   LYS A C   1 
ATOM   488  O O   . LYS A 1 81  ? 9.204   -7.316  -18.222 1.00 37.93 ? 77   LYS A O   1 
ATOM   489  C CB  . LYS A 1 81  ? 9.191   -6.410  -21.041 1.00 39.92 ? 77   LYS A CB  1 
ATOM   490  C CG  . LYS A 1 81  ? 7.805   -6.853  -21.508 1.00 43.68 ? 77   LYS A CG  1 
ATOM   491  C CD  . LYS A 1 81  ? 7.872   -7.971  -22.570 1.00 46.90 ? 77   LYS A CD  1 
ATOM   492  C CE  . LYS A 1 81  ? 6.470   -8.197  -23.210 1.00 49.00 ? 77   LYS A CE  1 
ATOM   493  N NZ  . LYS A 1 81  ? 5.738   -6.893  -23.286 1.00 48.12 ? 77   LYS A NZ  1 
ATOM   494  N N   . ILE A 1 82  ? 7.625   -5.712  -17.962 1.00 37.58 ? 78   ILE A N   1 
ATOM   495  C CA  . ILE A 1 82  ? 6.977   -6.371  -16.820 1.00 37.03 ? 78   ILE A CA  1 
ATOM   496  C C   . ILE A 1 82  ? 5.958   -7.387  -17.377 1.00 36.91 ? 78   ILE A C   1 
ATOM   497  O O   . ILE A 1 82  ? 4.992   -7.022  -18.018 1.00 37.32 ? 78   ILE A O   1 
ATOM   498  C CB  . ILE A 1 82  ? 6.164   -5.400  -15.900 1.00 36.84 ? 78   ILE A CB  1 
ATOM   499  C CG1 . ILE A 1 82  ? 6.956   -4.176  -15.412 1.00 36.16 ? 78   ILE A CG1 1 
ATOM   500  C CG2 . ILE A 1 82  ? 5.542   -6.194  -14.705 1.00 36.80 ? 78   ILE A CG2 1 
ATOM   501  C CD1 . ILE A 1 82  ? 8.103   -4.424  -14.590 1.00 33.14 ? 78   ILE A CD1 1 
ATOM   502  N N   . THR A 1 83  ? 6.174   -8.647  -17.097 1.00 36.69 ? 79   THR A N   1 
ATOM   503  C CA  . THR A 1 83  ? 5.382   -9.727  -17.642 1.00 36.75 ? 79   THR A CA  1 
ATOM   504  C C   . THR A 1 83  ? 4.557   -10.485 -16.570 1.00 36.67 ? 79   THR A C   1 
ATOM   505  O O   . THR A 1 83  ? 3.635   -11.292 -16.874 1.00 38.10 ? 79   THR A O   1 
ATOM   506  C CB  . THR A 1 83  ? 6.340   -10.709 -18.345 1.00 36.34 ? 79   THR A CB  1 
ATOM   507  O OG1 . THR A 1 83  ? 7.384   -11.082 -17.450 1.00 38.01 ? 79   THR A OG1 1 
ATOM   508  C CG2 . THR A 1 83  ? 7.005   -10.025 -19.500 1.00 37.38 ? 79   THR A CG2 1 
ATOM   509  N N   . ARG A 1 84  ? 4.893   -10.274 -15.309 1.00 34.97 ? 80   ARG A N   1 
ATOM   510  C CA  . ARG A 1 84  ? 4.136   -10.909 -14.220 1.00 33.66 ? 80   ARG A CA  1 
ATOM   511  C C   . ARG A 1 84  ? 2.643   -10.585 -14.345 1.00 32.36 ? 80   ARG A C   1 
ATOM   512  O O   . ARG A 1 84  ? 2.276   -9.541  -14.833 1.00 33.46 ? 80   ARG A O   1 
ATOM   513  C CB  . ARG A 1 84  ? 4.657   -10.433 -12.871 1.00 32.91 ? 80   ARG A CB  1 
ATOM   514  C CG  . ARG A 1 84  ? 4.234   -8.984  -12.513 1.00 31.92 ? 80   ARG A CG  1 
ATOM   515  C CD  . ARG A 1 84  ? 4.455   -8.780  -11.046 1.00 29.70 ? 80   ARG A CD  1 
ATOM   516  N NE  . ARG A 1 84  ? 5.870   -8.953  -10.760 1.00 27.18 ? 80   ARG A NE  1 
ATOM   517  C CZ  . ARG A 1 84  ? 6.776   -7.978  -10.798 1.00 30.40 ? 80   ARG A CZ  1 
ATOM   518  N NH1 . ARG A 1 84  ? 6.419   -6.697  -11.085 1.00 29.73 ? 80   ARG A NH1 1 
ATOM   519  N NH2 . ARG A 1 84  ? 8.045   -8.291  -10.546 1.00 22.90 ? 80   ARG A NH2 1 
ATOM   520  N N   . THR A 1 85  ? 1.788   -11.490 -13.907 1.00 31.57 ? 81   THR A N   1 
ATOM   521  C CA  . THR A 1 85  ? 0.347   -11.288 -14.010 1.00 32.60 ? 81   THR A CA  1 
ATOM   522  C C   . THR A 1 85  ? -0.176  -10.490 -12.795 1.00 32.22 ? 81   THR A C   1 
ATOM   523  O O   . THR A 1 85  ? 0.494   -10.414 -11.784 1.00 32.26 ? 81   THR A O   1 
ATOM   524  C CB  . THR A 1 85  ? -0.348  -12.643 -14.081 1.00 32.43 ? 81   THR A CB  1 
ATOM   525  O OG1 . THR A 1 85  ? -0.334  -13.286 -12.783 1.00 32.53 ? 81   THR A OG1 1 
ATOM   526  C CG2 . THR A 1 85  ? 0.385   -13.531 -15.079 1.00 33.00 ? 81   THR A CG2 1 
ATOM   527  N N   . LYS A 1 86  ? -1.341  -9.877  -12.881 1.00 32.39 ? 82   LYS A N   1 
ATOM   528  C CA  . LYS A 1 86  ? -1.922  -9.203  -11.701 1.00 32.75 ? 82   LYS A CA  1 
ATOM   529  C C   . LYS A 1 86  ? -1.967  -10.053 -10.433 1.00 32.14 ? 82   LYS A C   1 
ATOM   530  O O   . LYS A 1 86  ? -1.719  -9.565  -9.334  1.00 32.47 ? 82   LYS A O   1 
ATOM   531  C CB  . LYS A 1 86  ? -3.315  -8.625  -12.010 1.00 33.57 ? 82   LYS A CB  1 
ATOM   532  C CG  . LYS A 1 86  ? -3.911  -7.787  -10.869 1.00 38.27 ? 82   LYS A CG  1 
ATOM   533  C CD  . LYS A 1 86  ? -5.436  -7.411  -11.044 1.00 42.07 ? 82   LYS A CD  1 
ATOM   534  C CE  . LYS A 1 86  ? -5.758  -6.770  -12.402 1.00 42.35 ? 82   LYS A CE  1 
ATOM   535  N NZ  . LYS A 1 86  ? -7.214  -6.886  -12.639 1.00 41.04 ? 82   LYS A NZ  1 
ATOM   536  N N   . GLU A 1 87  ? -2.277  -11.329 -10.576 1.00 32.66 ? 83   GLU A N   1 
ATOM   537  C CA  . GLU A 1 87  ? -2.443  -12.250 -9.414  1.00 32.55 ? 83   GLU A CA  1 
ATOM   538  C C   . GLU A 1 87  ? -1.093  -12.517 -8.784  1.00 30.38 ? 83   GLU A C   1 
ATOM   539  O O   . GLU A 1 87  ? -0.989  -12.711 -7.584  1.00 29.13 ? 83   GLU A O   1 
ATOM   540  C CB  . GLU A 1 87  ? -3.097  -13.577 -9.852  1.00 33.09 ? 83   GLU A CB  1 
ATOM   541  C CG  . GLU A 1 87  ? -4.447  -13.403 -10.761 1.00 42.75 ? 83   GLU A CG  1 
ATOM   542  C CD  . GLU A 1 87  ? -4.221  -12.913 -12.277 1.00 49.21 ? 83   GLU A CD  1 
ATOM   543  O OE1 . GLU A 1 87  ? -4.722  -11.816 -12.623 1.00 50.67 ? 83   GLU A OE1 1 
ATOM   544  O OE2 . GLU A 1 87  ? -3.574  -13.624 -13.118 1.00 50.94 ? 83   GLU A OE2 1 
ATOM   545  N N   . GLU A 1 88  ? -0.063  -12.558 -9.611  1.00 29.79 ? 84   GLU A N   1 
ATOM   546  C CA  . GLU A 1 88  ? 1.330   -12.743 -9.173  1.00 30.50 ? 84   GLU A CA  1 
ATOM   547  C C   . GLU A 1 88  ? 1.925   -11.498 -8.446  1.00 30.41 ? 84   GLU A C   1 
ATOM   548  O O   . GLU A 1 88  ? 2.634   -11.641 -7.447  1.00 30.76 ? 84   GLU A O   1 
ATOM   549  C CB  . GLU A 1 88  ? 2.201   -13.092 -10.350 1.00 29.74 ? 84   GLU A CB  1 
ATOM   550  C CG  . GLU A 1 88  ? 2.307   -14.568 -10.661 1.00 33.64 ? 84   GLU A CG  1 
ATOM   551  C CD  . GLU A 1 88  ? 2.809   -14.842 -12.081 1.00 37.57 ? 84   GLU A CD  1 
ATOM   552  O OE1 . GLU A 1 88  ? 2.844   -13.922 -12.942 1.00 35.70 ? 84   GLU A OE1 1 
ATOM   553  O OE2 . GLU A 1 88  ? 3.191   -16.005 -12.336 1.00 41.13 ? 84   GLU A OE2 1 
ATOM   554  N N   . ALA A 1 89  ? 1.621   -10.322 -8.982  1.00 28.73 ? 85   ALA A N   1 
ATOM   555  C CA  . ALA A 1 89  ? 1.814   -9.002  -8.357  1.00 28.32 ? 85   ALA A CA  1 
ATOM   556  C C   . ALA A 1 89  ? 1.161   -8.917  -7.009  1.00 28.20 ? 85   ALA A C   1 
ATOM   557  O O   . ALA A 1 89  ? 1.792   -8.481  -6.054  1.00 26.11 ? 85   ALA A O   1 
ATOM   558  C CB  . ALA A 1 89  ? 1.246   -7.890  -9.280  1.00 27.47 ? 85   ALA A CB  1 
ATOM   559  N N   . LEU A 1 90  ? -0.093  -9.359  -6.917  1.00 27.90 ? 86   LEU A N   1 
ATOM   560  C CA  . LEU A 1 90  ? -0.736  -9.388  -5.611  1.00 29.66 ? 86   LEU A CA  1 
ATOM   561  C C   . LEU A 1 90  ? 0.003   -10.361 -4.644  1.00 29.99 ? 86   LEU A C   1 
ATOM   562  O O   . LEU A 1 90  ? 0.230   -10.015 -3.498  1.00 30.93 ? 86   LEU A O   1 
ATOM   563  C CB  . LEU A 1 90  ? -2.239  -9.714  -5.699  1.00 29.20 ? 86   LEU A CB  1 
ATOM   564  C CG  . LEU A 1 90  ? -3.096  -9.745  -4.408  1.00 30.09 ? 86   LEU A CG  1 
ATOM   565  C CD1 . LEU A 1 90  ? -3.034  -8.433  -3.603  1.00 27.46 ? 86   LEU A CD1 1 
ATOM   566  C CD2 . LEU A 1 90  ? -4.567  -10.094 -4.724  1.00 29.49 ? 86   LEU A CD2 1 
ATOM   567  N N   . GLU A 1 91  ? 0.386   -11.545 -5.081  1.00 27.71 ? 87   GLU A N   1 
ATOM   568  C CA  . GLU A 1 91  ? 1.154   -12.390 -4.156  1.00 29.23 ? 87   GLU A CA  1 
ATOM   569  C C   . GLU A 1 91  ? 2.423   -11.738 -3.650  1.00 27.91 ? 87   GLU A C   1 
ATOM   570  O O   . GLU A 1 91  ? 2.784   -11.959 -2.489  1.00 26.81 ? 87   GLU A O   1 
ATOM   571  C CB  . GLU A 1 91  ? 1.485   -13.841 -4.660  1.00 28.22 ? 87   GLU A CB  1 
ATOM   572  C CG  . GLU A 1 91  ? 0.550   -14.850 -4.049  1.00 33.99 ? 87   GLU A CG  1 
ATOM   573  N N   . LEU A 1 92  ? 3.118   -10.981 -4.520  1.00 27.40 ? 88   LEU A N   1 
ATOM   574  C CA  . LEU A 1 92  ? 4.382   -10.349 -4.105  1.00 25.88 ? 88   LEU A CA  1 
ATOM   575  C C   . LEU A 1 92  ? 4.095   -9.311  -3.026  1.00 25.54 ? 88   LEU A C   1 
ATOM   576  O O   . LEU A 1 92  ? 4.710   -9.333  -1.945  1.00 27.96 ? 88   LEU A O   1 
ATOM   577  C CB  . LEU A 1 92  ? 5.149   -9.752  -5.302  1.00 25.90 ? 88   LEU A CB  1 
ATOM   578  C CG  . LEU A 1 92  ? 5.862   -10.776 -6.204  1.00 26.48 ? 88   LEU A CG  1 
ATOM   579  C CD1 . LEU A 1 92  ? 6.418   -10.171 -7.496  1.00 24.99 ? 88   LEU A CD1 1 
ATOM   580  C CD2 . LEU A 1 92  ? 7.000   -11.439 -5.419  1.00 27.97 ? 88   LEU A CD2 1 
ATOM   581  N N   . ILE A 1 93  ? 3.145   -8.413  -3.300  1.00 25.29 ? 89   ILE A N   1 
ATOM   582  C CA  . ILE A 1 93  ? 2.625   -7.433  -2.323  1.00 23.55 ? 89   ILE A CA  1 
ATOM   583  C C   . ILE A 1 93  ? 2.290   -8.025  -0.945  1.00 23.44 ? 89   ILE A C   1 
ATOM   584  O O   . ILE A 1 93  ? 2.749   -7.520  0.097   1.00 24.93 ? 89   ILE A O   1 
ATOM   585  C CB  . ILE A 1 93  ? 1.421   -6.706  -2.921  1.00 21.60 ? 89   ILE A CB  1 
ATOM   586  C CG1 . ILE A 1 93  ? 1.919   -5.754  -3.970  1.00 23.35 ? 89   ILE A CG1 1 
ATOM   587  C CG2 . ILE A 1 93  ? 0.624   -5.901  -1.860  1.00 21.39 ? 89   ILE A CG2 1 
ATOM   588  C CD1 . ILE A 1 93  ? 2.466   -4.371  -3.367  1.00 18.69 ? 89   ILE A CD1 1 
ATOM   589  N N   . ASN A 1 94  ? 1.488   -9.080  -0.928  1.00 24.29 ? 90   ASN A N   1 
ATOM   590  C CA  . ASN A 1 94  ? 1.156   -9.797  0.313   1.00 24.24 ? 90   ASN A CA  1 
ATOM   591  C C   . ASN A 1 94  ? 2.392   -10.331 1.066   1.00 24.54 ? 90   ASN A C   1 
ATOM   592  O O   . ASN A 1 94  ? 2.385   -10.372 2.273   1.00 25.49 ? 90   ASN A O   1 
ATOM   593  C CB  . ASN A 1 94  ? 0.232   -11.007 -0.008  1.00 25.78 ? 90   ASN A CB  1 
ATOM   594  C CG  . ASN A 1 94  ? -1.213  -10.593 -0.446  1.00 26.51 ? 90   ASN A CG  1 
ATOM   595  O OD1 . ASN A 1 94  ? -1.753  -9.545  -0.047  1.00 30.19 ? 90   ASN A OD1 1 
ATOM   596  N ND2 . ASN A 1 94  ? -1.839  -11.454 -1.205  1.00 28.29 ? 90   ASN A ND2 1 
ATOM   597  N N   . GLY A 1 95  ? 3.399   -10.860 0.384   1.00 24.43 ? 91   GLY A N   1 
ATOM   598  C CA  . GLY A 1 95  ? 4.580   -11.342 1.105   1.00 25.62 ? 91   GLY A CA  1 
ATOM   599  C C   . GLY A 1 95  ? 5.307   -10.120 1.679   1.00 26.45 ? 91   GLY A C   1 
ATOM   600  O O   . GLY A 1 95  ? 5.896   -10.159 2.782   1.00 28.60 ? 91   GLY A O   1 
ATOM   601  N N   . TYR A 1 96  ? 5.274   -9.002  0.965   1.00 25.94 ? 92   TYR A N   1 
ATOM   602  C CA  . TYR A 1 96  ? 6.004   -7.871  1.517   1.00 26.39 ? 92   TYR A CA  1 
ATOM   603  C C   . TYR A 1 96  ? 5.245   -7.323  2.708   1.00 26.91 ? 92   TYR A C   1 
ATOM   604  O O   . TYR A 1 96  ? 5.884   -6.926  3.684   1.00 27.80 ? 92   TYR A O   1 
ATOM   605  C CB  . TYR A 1 96  ? 6.233   -6.749  0.528   1.00 26.13 ? 92   TYR A CB  1 
ATOM   606  C CG  . TYR A 1 96  ? 6.994   -7.135  -0.743  1.00 25.25 ? 92   TYR A CG  1 
ATOM   607  C CD1 . TYR A 1 96  ? 6.669   -6.519  -1.937  1.00 24.60 ? 92   TYR A CD1 1 
ATOM   608  C CD2 . TYR A 1 96  ? 8.063   -8.025  -0.712  1.00 26.99 ? 92   TYR A CD2 1 
ATOM   609  C CE1 . TYR A 1 96  ? 7.314   -6.808  -3.084  1.00 26.62 ? 92   TYR A CE1 1 
ATOM   610  C CE2 . TYR A 1 96  ? 8.770   -8.338  -1.875  1.00 25.68 ? 92   TYR A CE2 1 
ATOM   611  C CZ  . TYR A 1 96  ? 8.366   -7.716  -3.063  1.00 29.27 ? 92   TYR A CZ  1 
ATOM   612  O OH  . TYR A 1 96  ? 8.953   -7.983  -4.275  1.00 28.79 ? 92   TYR A OH  1 
ATOM   613  N N   . ILE A 1 97  ? 3.908   -7.306  2.648   1.00 25.45 ? 93   ILE A N   1 
ATOM   614  C CA  . ILE A 1 97  ? 3.111   -6.921  3.801   1.00 26.15 ? 93   ILE A CA  1 
ATOM   615  C C   . ILE A 1 97  ? 3.370   -7.888  5.007   1.00 28.12 ? 93   ILE A C   1 
ATOM   616  O O   . ILE A 1 97  ? 3.439   -7.452  6.166   1.00 29.25 ? 93   ILE A O   1 
ATOM   617  C CB  . ILE A 1 97  ? 1.565   -6.755  3.435   1.00 25.34 ? 93   ILE A CB  1 
ATOM   618  C CG1 . ILE A 1 97  ? 1.360   -5.551  2.523   1.00 23.28 ? 93   ILE A CG1 1 
ATOM   619  C CG2 . ILE A 1 97  ? 0.670   -6.610  4.717   1.00 24.44 ? 93   ILE A CG2 1 
ATOM   620  C CD1 . ILE A 1 97  ? -0.121  -5.329  1.963   1.00 20.86 ? 93   ILE A CD1 1 
ATOM   621  N N   . GLN A 1 98  ? 3.569   -9.179  4.761   1.00 27.29 ? 94   GLN A N   1 
ATOM   622  C CA  . GLN A 1 98  ? 3.758   -10.058 5.911   1.00 28.24 ? 94   GLN A CA  1 
ATOM   623  C C   . GLN A 1 98  ? 5.098   -9.729  6.582   1.00 28.24 ? 94   GLN A C   1 
ATOM   624  O O   . GLN A 1 98  ? 5.215   -9.686  7.812   1.00 27.99 ? 94   GLN A O   1 
ATOM   625  C CB  . GLN A 1 98  ? 3.692   -11.514 5.490   1.00 27.28 ? 94   GLN A CB  1 
ATOM   626  C CG  . GLN A 1 98  ? 2.329   -11.945 5.090   1.00 32.87 ? 94   GLN A CG  1 
ATOM   627  C CD  . GLN A 1 98  ? 2.327   -13.416 4.689   1.00 42.39 ? 94   GLN A CD  1 
ATOM   628  O OE1 . GLN A 1 98  ? 2.635   -13.765 3.548   1.00 44.06 ? 94   GLN A OE1 1 
ATOM   629  N NE2 . GLN A 1 98  ? 1.975   -14.291 5.638   1.00 44.84 ? 94   GLN A NE2 1 
ATOM   630  N N   . LYS A 1 99  ? 6.115   -9.491  5.764   1.00 28.48 ? 95   LYS A N   1 
ATOM   631  C CA  . LYS A 1 99  ? 7.428   -9.217  6.280   1.00 29.14 ? 95   LYS A CA  1 
ATOM   632  C C   . LYS A 1 99  ? 7.503   -7.901  6.974   1.00 29.55 ? 95   LYS A C   1 
ATOM   633  O O   . LYS A 1 99  ? 8.182   -7.799  7.989   1.00 31.73 ? 95   LYS A O   1 
ATOM   634  C CB  . LYS A 1 99  ? 8.463   -9.275  5.185   1.00 29.62 ? 95   LYS A CB  1 
ATOM   635  C CG  . LYS A 1 99  ? 8.739   -10.704 4.700   1.00 34.44 ? 95   LYS A CG  1 
ATOM   636  C CD  . LYS A 1 99  ? 9.931   -10.702 3.785   1.00 40.25 ? 95   LYS A CD  1 
ATOM   637  C CE  . LYS A 1 99  ? 10.533  -12.093 3.691   1.00 40.23 ? 95   LYS A CE  1 
ATOM   638  N NZ  . LYS A 1 99  ? 9.852   -12.776 2.566   1.00 39.63 ? 95   LYS A NZ  1 
ATOM   639  N N   . ILE A 1 100 ? 6.830   -6.884  6.444   1.00 27.50 ? 96   ILE A N   1 
ATOM   640  C CA  . ILE A 1 100 ? 6.819   -5.630  7.096   1.00 26.13 ? 96   ILE A CA  1 
ATOM   641  C C   . ILE A 1 100 ? 6.112   -5.734  8.464   1.00 27.23 ? 96   ILE A C   1 
ATOM   642  O O   . ILE A 1 100 ? 6.625   -5.209  9.461   1.00 26.35 ? 96   ILE A O   1 
ATOM   643  C CB  . ILE A 1 100 ? 6.127   -4.551  6.246   1.00 26.85 ? 96   ILE A CB  1 
ATOM   644  C CG1 . ILE A 1 100 ? 6.905   -4.353  4.921   1.00 26.14 ? 96   ILE A CG1 1 
ATOM   645  C CG2 . ILE A 1 100 ? 5.955   -3.327  7.074   1.00 24.73 ? 96   ILE A CG2 1 
ATOM   646  C CD1 . ILE A 1 100 ? 6.124   -3.522  3.779   1.00 26.83 ? 96   ILE A CD1 1 
ATOM   647  N N   . LYS A 1 101 ? 4.973   -6.428  8.523   1.00 25.79 ? 97   LYS A N   1 
ATOM   648  C CA  . LYS A 1 101 ? 4.244   -6.548  9.799   1.00 25.59 ? 97   LYS A CA  1 
ATOM   649  C C   . LYS A 1 101 ? 4.940   -7.440  10.825  1.00 25.31 ? 97   LYS A C   1 
ATOM   650  O O   . LYS A 1 101 ? 4.762   -7.248  12.020  1.00 26.24 ? 97   LYS A O   1 
ATOM   651  C CB  . LYS A 1 101 ? 2.814   -7.071  9.572   1.00 25.68 ? 97   LYS A CB  1 
ATOM   652  C CG  . LYS A 1 101 ? 1.914   -6.064  8.901   1.00 24.39 ? 97   LYS A CG  1 
ATOM   653  C CD  . LYS A 1 101 ? 0.542   -6.647  8.695   1.00 26.76 ? 97   LYS A CD  1 
ATOM   654  C CE  . LYS A 1 101 ? -0.463  -5.518  8.402   1.00 30.88 ? 97   LYS A CE  1 
ATOM   655  N NZ  . LYS A 1 101 ? -1.877  -5.950  8.729   1.00 31.19 ? 97   LYS A NZ  1 
ATOM   656  N N   . SER A 1 102 ? 5.726   -8.408  10.396  1.00 24.52 ? 98   SER A N   1 
ATOM   657  C CA  . SER A 1 102 ? 6.447   -9.216  11.354  1.00 25.38 ? 98   SER A CA  1 
ATOM   658  C C   . SER A 1 102 ? 7.756   -8.528  11.793  1.00 26.28 ? 98   SER A C   1 
ATOM   659  O O   . SER A 1 102 ? 8.461   -9.030  12.655  1.00 25.83 ? 98   SER A O   1 
ATOM   660  C CB  . SER A 1 102 ? 6.765   -10.567 10.746  1.00 24.98 ? 98   SER A CB  1 
ATOM   661  O OG  . SER A 1 102 ? 7.731   -10.409 9.735   1.00 27.21 ? 98   SER A OG  1 
ATOM   662  N N   . GLY A 1 103 ? 8.135   -7.415  11.146  1.00 27.49 ? 99   GLY A N   1 
ATOM   663  C CA  . GLY A 1 103 ? 9.434   -6.845  11.468  1.00 28.57 ? 99   GLY A CA  1 
ATOM   664  C C   . GLY A 1 103 ? 10.648  -7.514  10.832  1.00 30.10 ? 99   GLY A C   1 
ATOM   665  O O   . GLY A 1 103 ? 11.740  -6.950  10.943  1.00 31.01 ? 99   GLY A O   1 
ATOM   666  N N   . GLU A 1 104 ? 10.485  -8.631  10.110  1.00 30.21 ? 100  GLU A N   1 
ATOM   667  C CA  A GLU A 1 104 ? 11.600  -9.254  9.369   0.50 32.26 ? 100  GLU A CA  1 
ATOM   668  C CA  B GLU A 1 104 ? 11.607  -9.233  9.388   0.50 32.30 ? 100  GLU A CA  1 
ATOM   669  C C   . GLU A 1 104 ? 12.292  -8.274  8.407   1.00 33.55 ? 100  GLU A C   1 
ATOM   670  O O   . GLU A 1 104 ? 13.527  -8.284  8.279   1.00 34.82 ? 100  GLU A O   1 
ATOM   671  C CB  A GLU A 1 104 ? 11.210  -10.548 8.591   0.50 31.70 ? 100  GLU A CB  1 
ATOM   672  C CB  B GLU A 1 104 ? 11.215  -10.521 8.644   0.50 31.86 ? 100  GLU A CB  1 
ATOM   673  C CG  A GLU A 1 104 ? 9.758   -11.023 8.688   0.50 32.60 ? 100  GLU A CG  1 
ATOM   674  C CG  B GLU A 1 104 ? 12.351  -11.024 7.766   0.50 32.85 ? 100  GLU A CG  1 
ATOM   675  C CD  A GLU A 1 104 ? 9.559   -12.532 8.445   0.50 33.76 ? 100  GLU A CD  1 
ATOM   676  C CD  B GLU A 1 104 ? 12.070  -12.356 7.098   0.50 35.00 ? 100  GLU A CD  1 
ATOM   677  O OE1 A GLU A 1 104 ? 8.456   -12.938 8.005   0.50 30.00 ? 100  GLU A OE1 1 
ATOM   678  O OE1 B GLU A 1 104 ? 10.908  -12.809 7.128   0.50 36.57 ? 100  GLU A OE1 1 
ATOM   679  O OE2 A GLU A 1 104 ? 10.504  -13.304 8.732   0.50 35.33 ? 100  GLU A OE2 1 
ATOM   680  O OE2 B GLU A 1 104 ? 13.021  -12.936 6.534   0.50 34.86 ? 100  GLU A OE2 1 
ATOM   681  N N   . GLU A 1 105 ? 11.513  -7.445  7.704   1.00 35.02 ? 101  GLU A N   1 
ATOM   682  C CA  . GLU A 1 105 ? 12.071  -6.452  6.764   1.00 36.79 ? 101  GLU A CA  1 
ATOM   683  C C   . GLU A 1 105 ? 11.396  -5.131  7.038   1.00 36.56 ? 101  GLU A C   1 
ATOM   684  O O   . GLU A 1 105 ? 10.221  -5.138  7.408   1.00 39.06 ? 101  GLU A O   1 
ATOM   685  C CB  . GLU A 1 105 ? 11.777  -6.875  5.308   1.00 38.28 ? 101  GLU A CB  1 
ATOM   686  C CG  . GLU A 1 105 ? 12.669  -7.971  4.754   1.00 41.40 ? 101  GLU A CG  1 
ATOM   687  C CD  . GLU A 1 105 ? 14.137  -7.695  5.050   1.00 46.21 ? 101  GLU A CD  1 
ATOM   688  O OE1 . GLU A 1 105 ? 14.554  -6.503  4.943   1.00 46.99 ? 101  GLU A OE1 1 
ATOM   689  O OE2 . GLU A 1 105 ? 14.847  -8.670  5.443   1.00 47.72 ? 101  GLU A OE2 1 
ATOM   690  N N   . ASP A 1 106 ? 12.042  -3.984  6.873   1.00 35.94 ? 102  ASP A N   1 
ATOM   691  C CA  . ASP A 1 106 ? 11.194  -2.794  6.960   1.00 35.00 ? 102  ASP A CA  1 
ATOM   692  C C   . ASP A 1 106 ? 10.785  -2.231  5.627   1.00 32.53 ? 102  ASP A C   1 
ATOM   693  O O   . ASP A 1 106 ? 11.393  -2.478  4.593   1.00 31.14 ? 102  ASP A O   1 
ATOM   694  C CB  . ASP A 1 106 ? 11.750  -1.745  7.922   1.00 37.55 ? 102  ASP A CB  1 
ATOM   695  C CG  . ASP A 1 106 ? 13.224  -1.450  7.686   1.00 41.33 ? 102  ASP A CG  1 
ATOM   696  O OD1 . ASP A 1 106 ? 14.000  -1.260  8.687   1.00 42.50 ? 102  ASP A OD1 1 
ATOM   697  O OD2 . ASP A 1 106 ? 13.594  -1.369  6.476   1.00 45.31 ? 102  ASP A OD2 1 
ATOM   698  N N   . PHE A 1 107 ? 9.763   -1.418  5.687   1.00 31.42 ? 103  PHE A N   1 
ATOM   699  C CA  . PHE A 1 107 ? 9.082   -0.898  4.508   1.00 30.75 ? 103  PHE A CA  1 
ATOM   700  C C   . PHE A 1 107 ? 10.069  -0.259  3.488   1.00 28.77 ? 103  PHE A C   1 
ATOM   701  O O   . PHE A 1 107 ? 10.093  -0.570  2.291   1.00 27.83 ? 103  PHE A O   1 
ATOM   702  C CB  . PHE A 1 107 ? 7.939   0.083   4.956   1.00 30.56 ? 103  PHE A CB  1 
ATOM   703  C CG  . PHE A 1 107 ? 7.325   0.826   3.803   1.00 33.29 ? 103  PHE A CG  1 
ATOM   704  C CD1 . PHE A 1 107 ? 6.177   0.342   3.171   1.00 32.36 ? 103  PHE A CD1 1 
ATOM   705  C CD2 . PHE A 1 107 ? 7.987   1.947   3.255   1.00 32.87 ? 103  PHE A CD2 1 
ATOM   706  C CE1 . PHE A 1 107 ? 5.671   1.008   2.048   1.00 30.25 ? 103  PHE A CE1 1 
ATOM   707  C CE2 . PHE A 1 107 ? 7.491   2.594   2.139   1.00 32.61 ? 103  PHE A CE2 1 
ATOM   708  C CZ  . PHE A 1 107 ? 6.333   2.112   1.539   1.00 31.16 ? 103  PHE A CZ  1 
ATOM   709  N N   . GLU A 1 108 ? 10.913  0.608   4.012   1.00 28.22 ? 104  GLU A N   1 
ATOM   710  C CA  . GLU A 1 108 ? 11.827  1.421   3.236   1.00 27.61 ? 104  GLU A CA  1 
ATOM   711  C C   . GLU A 1 108 ? 12.751  0.482   2.546   1.00 28.07 ? 104  GLU A C   1 
ATOM   712  O O   . GLU A 1 108 ? 13.226  0.759   1.433   1.00 29.54 ? 104  GLU A O   1 
ATOM   713  C CB  . GLU A 1 108 ? 12.677  2.289   4.177   1.00 26.64 ? 104  GLU A CB  1 
ATOM   714  C CG  . GLU A 1 108 ? 11.921  3.469   4.823   1.00 31.67 ? 104  GLU A CG  1 
ATOM   715  C CD  . GLU A 1 108 ? 11.198  3.121   6.144   1.00 34.68 ? 104  GLU A CD  1 
ATOM   716  O OE1 . GLU A 1 108 ? 10.879  1.930   6.420   1.00 29.40 ? 104  GLU A OE1 1 
ATOM   717  O OE2 . GLU A 1 108 ? 10.947  4.087   6.909   1.00 35.68 ? 104  GLU A OE2 1 
ATOM   718  N N   . SER A 1 109 ? 13.088  -0.608  3.202   1.00 26.68 ? 105  SER A N   1 
ATOM   719  C CA  . SER A 1 109 ? 14.131  -1.411  2.601   1.00 28.25 ? 105  SER A CA  1 
ATOM   720  C C   . SER A 1 109 ? 13.555  -2.235  1.434   1.00 26.82 ? 105  SER A C   1 
ATOM   721  O O   . SER A 1 109 ? 14.176  -2.374  0.363   1.00 28.39 ? 105  SER A O   1 
ATOM   722  C CB  . SER A 1 109 ? 14.819  -2.279  3.659   1.00 28.14 ? 105  SER A CB  1 
ATOM   723  O OG  . SER A 1 109 ? 15.041  -3.563  3.106   1.00 30.92 ? 105  SER A OG  1 
ATOM   724  N N   . LEU A 1 110 ? 12.381  -2.808  1.631   1.00 26.68 ? 106  LEU A N   1 
ATOM   725  C CA  . LEU A 1 110 ? 11.612  -3.468  0.538   1.00 25.27 ? 106  LEU A CA  1 
ATOM   726  C C   . LEU A 1 110 ? 11.230  -2.527  -0.585  1.00 25.32 ? 106  LEU A C   1 
ATOM   727  O O   . LEU A 1 110 ? 11.251  -2.894  -1.762  1.00 27.30 ? 106  LEU A O   1 
ATOM   728  C CB  . LEU A 1 110 ? 10.341  -4.124  1.102   1.00 25.15 ? 106  LEU A CB  1 
ATOM   729  C CG  . LEU A 1 110 ? 10.531  -5.213  2.171   1.00 25.15 ? 106  LEU A CG  1 
ATOM   730  C CD1 . LEU A 1 110 ? 9.200   -5.914  2.632   1.00 17.99 ? 106  LEU A CD1 1 
ATOM   731  C CD2 . LEU A 1 110 ? 11.513  -6.243  1.593   1.00 22.01 ? 106  LEU A CD2 1 
ATOM   732  N N   . ALA A 1 111 ? 10.878  -1.298  -0.247  1.00 26.56 ? 107  ALA A N   1 
ATOM   733  C CA  . ALA A 1 111 ? 10.590  -0.308  -1.248  1.00 27.20 ? 107  ALA A CA  1 
ATOM   734  C C   . ALA A 1 111 ? 11.841  -0.036  -2.107  1.00 28.61 ? 107  ALA A C   1 
ATOM   735  O O   . ALA A 1 111 ? 11.753  0.040   -3.376  1.00 29.34 ? 107  ALA A O   1 
ATOM   736  C CB  . ALA A 1 111 ? 10.048  0.978   -0.601  1.00 26.93 ? 107  ALA A CB  1 
ATOM   737  N N   . SER A 1 112 ? 13.013  0.044   -1.441  1.00 27.78 ? 108  SER A N   1 
ATOM   738  C CA  . SER A 1 112 ? 14.202  0.437   -2.145  1.00 27.15 ? 108  SER A CA  1 
ATOM   739  C C   . SER A 1 112 ? 14.550  -0.671  -3.132  1.00 28.20 ? 108  SER A C   1 
ATOM   740  O O   . SER A 1 112 ? 14.981  -0.413  -4.265  1.00 28.37 ? 108  SER A O   1 
ATOM   741  C CB  . SER A 1 112 ? 15.346  0.648   -1.147  1.00 27.02 ? 108  SER A CB  1 
ATOM   742  O OG  . SER A 1 112 ? 15.102  1.789   -0.357  1.00 26.23 ? 108  SER A OG  1 
ATOM   743  N N   . GLN A 1 113 ? 14.429  -1.907  -2.691  1.00 26.97 ? 109  GLN A N   1 
ATOM   744  C CA  . GLN A 1 113 ? 14.834  -3.031  -3.509  1.00 27.89 ? 109  GLN A CA  1 
ATOM   745  C C   . GLN A 1 113 ? 13.818  -3.435  -4.580  1.00 28.53 ? 109  GLN A C   1 
ATOM   746  O O   . GLN A 1 113 ? 14.200  -3.798  -5.702  1.00 27.91 ? 109  GLN A O   1 
ATOM   747  C CB  . GLN A 1 113 ? 14.989  -4.255  -2.595  1.00 28.86 ? 109  GLN A CB  1 
ATOM   748  C CG  . GLN A 1 113 ? 16.132  -4.181  -1.631  1.00 27.61 ? 109  GLN A CG  1 
ATOM   749  C CD  . GLN A 1 113 ? 16.149  -5.372  -0.685  1.00 29.37 ? 109  GLN A CD  1 
ATOM   750  O OE1 . GLN A 1 113 ? 15.867  -5.247  0.538   1.00 29.93 ? 109  GLN A OE1 1 
ATOM   751  N NE2 . GLN A 1 113 ? 16.488  -6.529  -1.233  1.00 27.58 ? 109  GLN A NE2 1 
ATOM   752  N N   . PHE A 1 114 ? 12.528  -3.396  -4.210  1.00 29.30 ? 110  PHE A N   1 
ATOM   753  C CA  . PHE A 1 114 ? 11.483  -4.094  -4.956  1.00 28.22 ? 110  PHE A CA  1 
ATOM   754  C C   . PHE A 1 114 ? 10.364  -3.246  -5.524  1.00 28.74 ? 110  PHE A C   1 
ATOM   755  O O   . PHE A 1 114 ? 9.549   -3.788  -6.235  1.00 30.22 ? 110  PHE A O   1 
ATOM   756  C CB  . PHE A 1 114 ? 10.895  -5.237  -4.099  1.00 28.09 ? 110  PHE A CB  1 
ATOM   757  C CG  . PHE A 1 114 ? 11.921  -6.199  -3.625  1.00 24.29 ? 110  PHE A CG  1 
ATOM   758  C CD1 . PHE A 1 114 ? 12.080  -6.462  -2.276  1.00 28.01 ? 110  PHE A CD1 1 
ATOM   759  C CD2 . PHE A 1 114 ? 12.784  -6.810  -4.532  1.00 27.51 ? 110  PHE A CD2 1 
ATOM   760  C CE1 . PHE A 1 114 ? 13.098  -7.359  -1.820  1.00 29.73 ? 110  PHE A CE1 1 
ATOM   761  C CE2 . PHE A 1 114 ? 13.794  -7.678  -4.116  1.00 26.57 ? 110  PHE A CE2 1 
ATOM   762  C CZ  . PHE A 1 114 ? 13.945  -7.968  -2.729  1.00 29.99 ? 110  PHE A CZ  1 
ATOM   763  N N   . SER A 1 115 ? 10.303  -1.952  -5.246  1.00 28.61 ? 111  SER A N   1 
ATOM   764  C CA  . SER A 1 115 ? 9.255   -1.118  -5.816  1.00 28.67 ? 111  SER A CA  1 
ATOM   765  C C   . SER A 1 115 ? 9.548   -0.796  -7.308  1.00 30.24 ? 111  SER A C   1 
ATOM   766  O O   . SER A 1 115 ? 10.718  -0.466  -7.671  1.00 29.50 ? 111  SER A O   1 
ATOM   767  C CB  . SER A 1 115 ? 9.155   0.188   -5.072  1.00 28.48 ? 111  SER A CB  1 
ATOM   768  O OG  . SER A 1 115 ? 8.161   1.030   -5.667  1.00 27.07 ? 111  SER A OG  1 
ATOM   769  N N   . ASP A 1 116 ? 8.509   -0.914  -8.163  1.00 30.86 ? 112  ASP A N   1 
ATOM   770  C CA  . ASP A 1 116 ? 8.598   -0.644  -9.628  1.00 30.44 ? 112  ASP A CA  1 
ATOM   771  C C   . ASP A 1 116 ? 8.389   0.851   -9.938  1.00 31.60 ? 112  ASP A C   1 
ATOM   772  O O   . ASP A 1 116 ? 8.203   1.256   -11.090 1.00 33.32 ? 112  ASP A O   1 
ATOM   773  C CB  . ASP A 1 116 ? 7.596   -1.498  -10.388 1.00 30.35 ? 112  ASP A CB  1 
ATOM   774  C CG  . ASP A 1 116 ? 8.096   -2.929  -10.621 1.00 29.88 ? 112  ASP A CG  1 
ATOM   775  O OD1 . ASP A 1 116 ? 9.218   -3.054  -11.137 1.00 29.14 ? 112  ASP A OD1 1 
ATOM   776  O OD2 . ASP A 1 116 ? 7.392   -3.936  -10.299 1.00 29.20 ? 112  ASP A OD2 1 
ATOM   777  N N   . CYS A 1 117 ? 8.446   1.692   -8.919  1.00 31.43 ? 113  CYS A N   1 
ATOM   778  C CA  . CYS A 1 117 ? 8.329   3.129   -9.143  1.00 32.31 ? 113  CYS A CA  1 
ATOM   779  C C   . CYS A 1 117 ? 9.722   3.710   -8.931  1.00 32.91 ? 113  CYS A C   1 
ATOM   780  O O   . CYS A 1 117 ? 10.522  3.147   -8.169  1.00 32.54 ? 113  CYS A O   1 
ATOM   781  C CB  . CYS A 1 117 ? 7.299   3.721   -8.172  1.00 32.56 ? 113  CYS A CB  1 
ATOM   782  S SG  . CYS A 1 117 ? 7.150   5.462   -8.201  1.00 32.11 ? 113  CYS A SG  1 
ATOM   783  N N   . SER A 1 118 ? 10.047  4.798   -9.622  1.00 32.63 ? 114  SER A N   1 
ATOM   784  C CA  . SER A 1 118 ? 11.377  5.322   -9.564  1.00 32.64 ? 114  SER A CA  1 
ATOM   785  C C   . SER A 1 118 ? 11.612  6.001   -8.214  1.00 33.42 ? 114  SER A C   1 
ATOM   786  O O   . SER A 1 118 ? 12.791  6.271   -7.858  1.00 33.19 ? 114  SER A O   1 
ATOM   787  C CB  . SER A 1 118 ? 11.657  6.275   -10.733 1.00 34.50 ? 114  SER A CB  1 
ATOM   788  O OG  . SER A 1 118 ? 10.738  7.344   -10.697 1.00 34.90 ? 114  SER A OG  1 
ATOM   789  N N   . SER A 1 119 ? 10.520  6.222   -7.456  1.00 31.92 ? 115  SER A N   1 
ATOM   790  C CA  . SER A 1 119 ? 10.611  6.656   -6.050  1.00 30.86 ? 115  SER A CA  1 
ATOM   791  C C   . SER A 1 119 ? 11.228  5.612   -5.091  1.00 29.33 ? 115  SER A C   1 
ATOM   792  O O   . SER A 1 119 ? 11.516  5.913   -3.932  1.00 30.36 ? 115  SER A O   1 
ATOM   793  C CB  . SER A 1 119 ? 9.233   7.039   -5.543  1.00 30.88 ? 115  SER A CB  1 
ATOM   794  O OG  . SER A 1 119 ? 8.423   5.882   -5.416  1.00 33.13 ? 115  SER A OG  1 
ATOM   795  N N   . ALA A 1 120 ? 11.406  4.375   -5.560  1.00 27.81 ? 116  ALA A N   1 
ATOM   796  C CA  . ALA A 1 120 ? 12.193  3.380   -4.891  1.00 26.20 ? 116  ALA A CA  1 
ATOM   797  C C   . ALA A 1 120 ? 13.529  3.984   -4.453  1.00 27.00 ? 116  ALA A C   1 
ATOM   798  O O   . ALA A 1 120 ? 14.009  3.649   -3.364  1.00 25.27 ? 116  ALA A O   1 
ATOM   799  C CB  . ALA A 1 120 ? 12.472  2.187   -5.841  1.00 27.02 ? 116  ALA A CB  1 
ATOM   800  N N   . LYS A 1 121 ? 14.122  4.848   -5.307  1.00 25.82 ? 117  LYS A N   1 
ATOM   801  C CA  . LYS A 1 121 ? 15.450  5.462   -4.991  1.00 27.18 ? 117  LYS A CA  1 
ATOM   802  C C   . LYS A 1 121 ? 15.385  6.401   -3.799  1.00 25.36 ? 117  LYS A C   1 
ATOM   803  O O   . LYS A 1 121 ? 16.408  6.747   -3.193  1.00 24.97 ? 117  LYS A O   1 
ATOM   804  C CB  . LYS A 1 121 ? 16.098  6.126   -6.224  1.00 27.55 ? 117  LYS A CB  1 
ATOM   805  C CG  . LYS A 1 121 ? 16.044  5.248   -7.460  1.00 32.49 ? 117  LYS A CG  1 
ATOM   806  C CD  . LYS A 1 121 ? 17.407  4.749   -8.017  1.00 41.47 ? 117  LYS A CD  1 
ATOM   807  C CE  . LYS A 1 121 ? 17.261  3.475   -8.904  1.00 43.72 ? 117  LYS A CE  1 
ATOM   808  N NZ  . LYS A 1 121 ? 16.530  2.301   -8.199  1.00 43.87 ? 117  LYS A NZ  1 
ATOM   809  N N   . ALA A 1 122 ? 14.178  6.824   -3.460  1.00 24.18 ? 118  ALA A N   1 
ATOM   810  C CA  . ALA A 1 122 ? 13.999  7.593   -2.259  1.00 24.61 ? 118  ALA A CA  1 
ATOM   811  C C   . ALA A 1 122 ? 13.259  6.822   -1.134  1.00 24.99 ? 118  ALA A C   1 
ATOM   812  O O   . ALA A 1 122 ? 12.477  7.447   -0.409  1.00 24.01 ? 118  ALA A O   1 
ATOM   813  C CB  . ALA A 1 122 ? 13.254  8.951   -2.585  1.00 25.51 ? 118  ALA A CB  1 
ATOM   814  N N   . ARG A 1 123 ? 13.510  5.506   -0.978  1.00 25.72 ? 119  ARG A N   1 
ATOM   815  C CA  . ARG A 1 123 ? 12.815  4.695   0.038   1.00 27.71 ? 119  ARG A CA  1 
ATOM   816  C C   . ARG A 1 123 ? 11.290  4.685   -0.145  1.00 27.96 ? 119  ARG A C   1 
ATOM   817  O O   . ARG A 1 123 ? 10.576  4.371   0.796   1.00 27.84 ? 119  ARG A O   1 
ATOM   818  C CB  . ARG A 1 123 ? 13.162  5.150   1.485   1.00 28.57 ? 119  ARG A CB  1 
ATOM   819  C CG  . ARG A 1 123 ? 14.557  4.602   1.989   1.00 31.83 ? 119  ARG A CG  1 
ATOM   820  C CD  . ARG A 1 123 ? 15.100  5.348   3.159   1.00 30.72 ? 119  ARG A CD  1 
ATOM   821  N NE  . ARG A 1 123 ? 15.788  6.403   2.482   1.00 42.37 ? 119  ARG A NE  1 
ATOM   822  C CZ  . ARG A 1 123 ? 15.331  7.639   2.236   1.00 45.95 ? 119  ARG A CZ  1 
ATOM   823  N NH1 . ARG A 1 123 ? 14.165  8.075   2.720   1.00 48.12 ? 119  ARG A NH1 1 
ATOM   824  N NH2 . ARG A 1 123 ? 16.078  8.463   1.509   1.00 41.85 ? 119  ARG A NH2 1 
ATOM   825  N N   . GLY A 1 124 ? 10.788  4.987   -1.354  1.00 28.01 ? 120  GLY A N   1 
ATOM   826  C CA  . GLY A 1 124 ? 9.338   4.987   -1.575  1.00 27.39 ? 120  GLY A CA  1 
ATOM   827  C C   . GLY A 1 124 ? 8.712   6.379   -1.396  1.00 27.40 ? 120  GLY A C   1 
ATOM   828  O O   . GLY A 1 124 ? 7.557   6.585   -1.710  1.00 26.83 ? 120  GLY A O   1 
ATOM   829  N N   . ASP A 1 125 ? 9.494   7.347   -0.940  1.00 25.82 ? 121  ASP A N   1 
ATOM   830  C CA  . ASP A 1 125 ? 8.944   8.625   -0.510  1.00 26.50 ? 121  ASP A CA  1 
ATOM   831  C C   . ASP A 1 125 ? 8.470   9.400   -1.681  1.00 25.18 ? 121  ASP A C   1 
ATOM   832  O O   . ASP A 1 125 ? 9.218   9.645   -2.651  1.00 23.13 ? 121  ASP A O   1 
ATOM   833  C CB  . ASP A 1 125 ? 9.981   9.480   0.239   1.00 26.54 ? 121  ASP A CB  1 
ATOM   834  C CG  . ASP A 1 125 ? 9.461   10.903  0.555   1.00 31.89 ? 121  ASP A CG  1 
ATOM   835  O OD1 . ASP A 1 125 ? 8.277   11.095  1.003   1.00 33.14 ? 121  ASP A OD1 1 
ATOM   836  O OD2 . ASP A 1 125 ? 10.246  11.862  0.348   1.00 36.62 ? 121  ASP A OD2 1 
ATOM   837  N N   . LEU A 1 126 ? 7.243   9.876   -1.554  1.00 25.71 ? 122  LEU A N   1 
ATOM   838  C CA  . LEU A 1 126 ? 6.694   10.638  -2.665  1.00 26.44 ? 122  LEU A CA  1 
ATOM   839  C C   . LEU A 1 126 ? 6.607   12.132  -2.381  1.00 27.50 ? 122  LEU A C   1 
ATOM   840  O O   . LEU A 1 126 ? 6.187   12.880  -3.268  1.00 28.07 ? 122  LEU A O   1 
ATOM   841  C CB  . LEU A 1 126 ? 5.280   10.176  -2.977  1.00 26.31 ? 122  LEU A CB  1 
ATOM   842  C CG  . LEU A 1 126 ? 5.162   8.807   -3.605  1.00 28.32 ? 122  LEU A CG  1 
ATOM   843  C CD1 . LEU A 1 126 ? 3.651   8.556   -3.676  1.00 28.27 ? 122  LEU A CD1 1 
ATOM   844  C CD2 . LEU A 1 126 ? 5.848   8.815   -4.962  1.00 27.58 ? 122  LEU A CD2 1 
ATOM   845  N N   . GLY A 1 127 ? 6.891   12.570  -1.150  1.00 28.18 ? 123  GLY A N   1 
ATOM   846  C CA  . GLY A 1 127 ? 6.730   13.965  -0.812  1.00 29.05 ? 123  GLY A CA  1 
ATOM   847  C C   . GLY A 1 127 ? 5.295   14.141  -0.421  1.00 32.06 ? 123  GLY A C   1 
ATOM   848  O O   . GLY A 1 127 ? 4.509   13.178  -0.531  1.00 32.91 ? 123  GLY A O   1 
ATOM   849  N N   . ALA A 1 128 ? 4.920   15.351  0.000   1.00 31.65 ? 124  ALA A N   1 
ATOM   850  C CA  . ALA A 1 128 ? 3.533   15.650  0.378   1.00 34.30 ? 124  ALA A CA  1 
ATOM   851  C C   . ALA A 1 128 ? 2.707   16.037  -0.828  1.00 35.19 ? 124  ALA A C   1 
ATOM   852  O O   . ALA A 1 128 ? 3.227   16.485  -1.840  1.00 37.56 ? 124  ALA A O   1 
ATOM   853  C CB  . ALA A 1 128 ? 3.449   16.736  1.442   1.00 34.34 ? 124  ALA A CB  1 
ATOM   854  N N   . PHE A 1 129 ? 1.414   15.804  -0.769  1.00 35.82 ? 125  PHE A N   1 
ATOM   855  C CA  . PHE A 1 129 ? 0.598   16.011  -1.955  1.00 36.34 ? 125  PHE A CA  1 
ATOM   856  C C   . PHE A 1 129 ? -0.783  16.302  -1.383  1.00 36.48 ? 125  PHE A C   1 
ATOM   857  O O   . PHE A 1 129 ? -1.020  16.030  -0.214  1.00 36.92 ? 125  PHE A O   1 
ATOM   858  C CB  . PHE A 1 129 ? 0.683   14.782  -2.900  1.00 35.55 ? 125  PHE A CB  1 
ATOM   859  C CG  . PHE A 1 129 ? 0.265   13.454  -2.250  1.00 35.09 ? 125  PHE A CG  1 
ATOM   860  C CD1 . PHE A 1 129 ? -1.088  13.142  -2.062  1.00 34.27 ? 125  PHE A CD1 1 
ATOM   861  C CD2 . PHE A 1 129 ? 1.236   12.533  -1.813  1.00 33.92 ? 125  PHE A CD2 1 
ATOM   862  C CE1 . PHE A 1 129 ? -1.491  11.919  -1.429  1.00 32.27 ? 125  PHE A CE1 1 
ATOM   863  C CE2 . PHE A 1 129 ? 0.862   11.341  -1.188  1.00 31.97 ? 125  PHE A CE2 1 
ATOM   864  C CZ  . PHE A 1 129 ? -0.523  11.025  -0.995  1.00 34.94 ? 125  PHE A CZ  1 
ATOM   865  N N   . SER A 1 130 ? -1.671  16.905  -2.138  1.00 37.63 ? 126  SER A N   1 
ATOM   866  C CA  . SER A 1 130 ? -3.038  17.056  -1.623  1.00 38.92 ? 126  SER A CA  1 
ATOM   867  C C   . SER A 1 130 ? -4.023  16.379  -2.566  1.00 38.28 ? 126  SER A C   1 
ATOM   868  O O   . SER A 1 130 ? -3.632  15.683  -3.504  1.00 36.56 ? 126  SER A O   1 
ATOM   869  C CB  . SER A 1 130 ? -3.371  18.512  -1.417  1.00 40.30 ? 126  SER A CB  1 
ATOM   870  O OG  . SER A 1 130 ? -3.247  19.204  -2.652  1.00 44.22 ? 126  SER A OG  1 
ATOM   871  N N   . ARG A 1 131 ? -5.310  16.561  -2.309  1.00 39.66 ? 127  ARG A N   1 
ATOM   872  C CA  . ARG A 1 131 ? -6.314  15.975  -3.188  1.00 40.55 ? 127  ARG A CA  1 
ATOM   873  C C   . ARG A 1 131 ? -6.322  16.674  -4.525  1.00 41.56 ? 127  ARG A C   1 
ATOM   874  O O   . ARG A 1 131 ? -6.094  17.880  -4.618  1.00 43.28 ? 127  ARG A O   1 
ATOM   875  C CB  . ARG A 1 131 ? -7.688  16.002  -2.565  1.00 40.45 ? 127  ARG A CB  1 
ATOM   876  C CG  . ARG A 1 131 ? -7.841  15.115  -1.401  1.00 38.57 ? 127  ARG A CG  1 
ATOM   877  C CD  . ARG A 1 131 ? -9.293  14.719  -1.298  1.00 37.20 ? 127  ARG A CD  1 
ATOM   878  N NE  . ARG A 1 131 ? -9.608  14.088  -0.023  1.00 33.30 ? 127  ARG A NE  1 
ATOM   879  C CZ  . ARG A 1 131 ? -9.832  12.789  0.154   1.00 31.78 ? 127  ARG A CZ  1 
ATOM   880  N NH1 . ARG A 1 131 ? -9.788  11.926  -0.856  1.00 26.36 ? 127  ARG A NH1 1 
ATOM   881  N NH2 . ARG A 1 131 ? -10.089 12.363  1.372   1.00 32.46 ? 127  ARG A NH2 1 
ATOM   882  N N   . GLY A 1 132 ? -6.544  15.905  -5.572  1.00 42.02 ? 128  GLY A N   1 
ATOM   883  C CA  . GLY A 1 132 ? -6.429  16.432  -6.912  1.00 41.53 ? 128  GLY A CA  1 
ATOM   884  C C   . GLY A 1 132 ? -5.197  15.929  -7.637  1.00 41.81 ? 128  GLY A C   1 
ATOM   885  O O   . GLY A 1 132 ? -5.101  16.074  -8.837  1.00 42.47 ? 128  GLY A O   1 
ATOM   886  N N   . GLN A 1 133 ? -4.230  15.330  -6.937  1.00 41.70 ? 129  GLN A N   1 
ATOM   887  C CA  . GLN A 1 133 ? -2.933  15.053  -7.578  1.00 40.72 ? 129  GLN A CA  1 
ATOM   888  C C   . GLN A 1 133 ? -2.725  13.597  -7.969  1.00 41.02 ? 129  GLN A C   1 
ATOM   889  O O   . GLN A 1 133 ? -2.247  13.337  -9.062  1.00 41.48 ? 129  GLN A O   1 
ATOM   890  C CB  . GLN A 1 133 ? -1.756  15.581  -6.743  1.00 40.72 ? 129  GLN A CB  1 
ATOM   891  C CG  . GLN A 1 133 ? -1.982  16.999  -6.101  1.00 41.66 ? 129  GLN A CG  1 
ATOM   892  C CD  . GLN A 1 133 ? -0.715  17.490  -5.404  1.00 41.36 ? 129  GLN A CD  1 
ATOM   893  O OE1 . GLN A 1 133 ? -0.702  18.516  -4.732  1.00 40.42 ? 129  GLN A OE1 1 
ATOM   894  N NE2 . GLN A 1 133 ? 0.362   16.726  -5.564  1.00 44.38 ? 129  GLN A NE2 1 
ATOM   895  N N   . MET A 1 134 ? -3.096  12.654  -7.104  1.00 40.00 ? 130  MET A N   1 
ATOM   896  C CA  . MET A 1 134 ? -2.890  11.234  -7.415  1.00 40.41 ? 130  MET A CA  1 
ATOM   897  C C   . MET A 1 134 ? -4.106  10.530  -8.077  1.00 39.12 ? 130  MET A C   1 
ATOM   898  O O   . MET A 1 134 ? -5.212  11.055  -8.101  1.00 37.80 ? 130  MET A O   1 
ATOM   899  C CB  . MET A 1 134 ? -2.461  10.450  -6.134  1.00 40.97 ? 130  MET A CB  1 
ATOM   900  C CG  . MET A 1 134 ? -1.240  11.016  -5.403  1.00 41.88 ? 130  MET A CG  1 
ATOM   901  S SD  . MET A 1 134 ? 0.311   10.912  -6.341  1.00 47.92 ? 130  MET A SD  1 
ATOM   902  C CE  . MET A 1 134 ? 1.353   12.055  -5.442  1.00 48.82 ? 130  MET A CE  1 
ATOM   903  N N   . GLN A 1 135 ? -3.897  9.321   -8.564  1.00 37.81 ? 131  GLN A N   1 
ATOM   904  C CA  . GLN A 1 135 ? -5.028  8.492   -8.995  1.00 37.87 ? 131  GLN A CA  1 
ATOM   905  C C   . GLN A 1 135 ? -5.996  8.358   -7.818  1.00 37.62 ? 131  GLN A C   1 
ATOM   906  O O   . GLN A 1 135 ? -5.557  8.244   -6.653  1.00 36.44 ? 131  GLN A O   1 
ATOM   907  C CB  . GLN A 1 135 ? -4.511  7.134   -9.397  1.00 38.23 ? 131  GLN A CB  1 
ATOM   908  C CG  . GLN A 1 135 ? -3.180  7.246   -10.094 1.00 39.66 ? 131  GLN A CG  1 
ATOM   909  C CD  . GLN A 1 135 ? -2.813  6.042   -10.912 1.00 41.05 ? 131  GLN A CD  1 
ATOM   910  O OE1 . GLN A 1 135 ? -3.609  5.576   -11.744 1.00 46.39 ? 131  GLN A OE1 1 
ATOM   911  N NE2 . GLN A 1 135 ? -1.596  5.547   -10.720 1.00 39.35 ? 131  GLN A NE2 1 
ATOM   912  N N   . LYS A 1 136 ? -7.313  8.442   -8.085  1.00 35.96 ? 132  LYS A N   1 
ATOM   913  C CA  . LYS A 1 136 ? -8.214  8.526   -6.966  1.00 34.20 ? 132  LYS A CA  1 
ATOM   914  C C   . LYS A 1 136 ? -8.005  7.339   -5.944  1.00 32.42 ? 132  LYS A C   1 
ATOM   915  O O   . LYS A 1 136 ? -8.045  7.569   -4.766  1.00 33.36 ? 132  LYS A O   1 
ATOM   916  C CB  . LYS A 1 136 ? -9.691  8.770   -7.385  1.00 33.84 ? 132  LYS A CB  1 
ATOM   917  C CG  . LYS A 1 136 ? -10.579 9.087   -6.181  1.00 34.64 ? 132  LYS A CG  1 
ATOM   918  C CD  . LYS A 1 136 ? -10.988 10.538  -6.052  1.00 36.26 ? 132  LYS A CD  1 
ATOM   919  C CE  . LYS A 1 136 ? -11.182 11.049  -4.514  1.00 35.53 ? 132  LYS A CE  1 
ATOM   920  N NZ  . LYS A 1 136 ? -12.368 10.597  -3.587  1.00 38.03 ? 132  LYS A NZ  1 
ATOM   921  N N   . PRO A 1 137 ? -7.761  6.096   -6.395  1.00 31.67 ? 133  PRO A N   1 
ATOM   922  C CA  . PRO A 1 137 ? -7.718  5.078   -5.353  1.00 31.61 ? 133  PRO A CA  1 
ATOM   923  C C   . PRO A 1 137 ? -6.494  5.239   -4.452  1.00 30.58 ? 133  PRO A C   1 
ATOM   924  O O   . PRO A 1 137 ? -6.540  4.905   -3.284  1.00 29.20 ? 133  PRO A O   1 
ATOM   925  C CB  . PRO A 1 137 ? -7.597  3.747   -6.156  1.00 31.39 ? 133  PRO A CB  1 
ATOM   926  C CG  . PRO A 1 137 ? -8.003  4.074   -7.520  1.00 30.92 ? 133  PRO A CG  1 
ATOM   927  C CD  . PRO A 1 137 ? -7.541  5.485   -7.727  1.00 31.63 ? 133  PRO A CD  1 
ATOM   928  N N   . PHE A 1 138 ? -5.395  5.730   -5.025  1.00 30.20 ? 134  PHE A N   1 
ATOM   929  C CA  . PHE A 1 138 ? -4.205  6.003   -4.242  1.00 27.91 ? 134  PHE A CA  1 
ATOM   930  C C   . PHE A 1 138 ? -4.484  7.177   -3.360  1.00 27.10 ? 134  PHE A C   1 
ATOM   931  O O   . PHE A 1 138 ? -4.156  7.161   -2.157  1.00 26.77 ? 134  PHE A O   1 
ATOM   932  C CB  . PHE A 1 138 ? -3.046  6.293   -5.178  1.00 28.39 ? 134  PHE A CB  1 
ATOM   933  C CG  . PHE A 1 138 ? -1.727  6.376   -4.489  1.00 26.48 ? 134  PHE A CG  1 
ATOM   934  C CD1 . PHE A 1 138 ? -0.884  5.303   -4.498  1.00 23.28 ? 134  PHE A CD1 1 
ATOM   935  C CD2 . PHE A 1 138 ? -1.327  7.563   -3.852  1.00 26.37 ? 134  PHE A CD2 1 
ATOM   936  C CE1 . PHE A 1 138 ? 0.380   5.356   -3.840  1.00 28.20 ? 134  PHE A CE1 1 
ATOM   937  C CE2 . PHE A 1 138 ? -0.085  7.633   -3.198  1.00 29.15 ? 134  PHE A CE2 1 
ATOM   938  C CZ  . PHE A 1 138 ? 0.762   6.535   -3.171  1.00 26.90 ? 134  PHE A CZ  1 
ATOM   939  N N   . GLU A 1 139 ? -5.154  8.190   -3.896  1.00 26.39 ? 135  GLU A N   1 
ATOM   940  C CA  . GLU A 1 139 ? -5.448  9.380   -3.068  1.00 26.09 ? 135  GLU A CA  1 
ATOM   941  C C   . GLU A 1 139 ? -6.322  9.058   -1.870  1.00 27.10 ? 135  GLU A C   1 
ATOM   942  O O   . GLU A 1 139 ? -6.061  9.463   -0.693  1.00 26.78 ? 135  GLU A O   1 
ATOM   943  C CB  . GLU A 1 139 ? -6.096  10.477  -3.891  1.00 25.08 ? 135  GLU A CB  1 
ATOM   944  C CG  . GLU A 1 139 ? -6.764  11.515  -3.032  1.00 26.00 ? 135  GLU A CG  1 
ATOM   945  C CD  . GLU A 1 139 ? -7.615  12.494  -3.913  1.00 33.03 ? 135  GLU A CD  1 
ATOM   946  O OE1 . GLU A 1 139 ? -7.103  12.779  -5.003  1.00 27.83 ? 135  GLU A OE1 1 
ATOM   947  O OE2 . GLU A 1 139 ? -8.784  12.892  -3.534  1.00 31.07 ? 135  GLU A OE2 1 
ATOM   948  N N   . ASP A 1 140 ? -7.372  8.305   -2.156  1.00 26.73 ? 136  ASP A N   1 
ATOM   949  C CA  . ASP A 1 140 ? -8.350  7.985   -1.136  1.00 26.68 ? 136  ASP A CA  1 
ATOM   950  C C   . ASP A 1 140 ? -7.708  7.190   -0.020  1.00 25.69 ? 136  ASP A C   1 
ATOM   951  O O   . ASP A 1 140 ? -8.043  7.362   1.156   1.00 24.85 ? 136  ASP A O   1 
ATOM   952  C CB  . ASP A 1 140 ? -9.506  7.186   -1.791  1.00 28.67 ? 136  ASP A CB  1 
ATOM   953  C CG  . ASP A 1 140 ? -10.579 8.088   -2.372  1.00 31.68 ? 136  ASP A CG  1 
ATOM   954  O OD1 . ASP A 1 140 ? -10.471 9.292   -2.099  1.00 32.03 ? 136  ASP A OD1 1 
ATOM   955  O OD2 . ASP A 1 140 ? -11.535 7.582   -3.032  1.00 33.95 ? 136  ASP A OD2 1 
ATOM   956  N N   . ALA A 1 141 ? -6.796  6.281   -0.394  1.00 25.62 ? 137  ALA A N   1 
ATOM   957  C CA  . ALA A 1 141 ? -6.162  5.416   0.593   1.00 25.31 ? 137  ALA A CA  1 
ATOM   958  C C   . ALA A 1 141 ? -5.274  6.294   1.481   1.00 24.94 ? 137  ALA A C   1 
ATOM   959  O O   . ALA A 1 141 ? -5.304  6.209   2.728   1.00 24.40 ? 137  ALA A O   1 
ATOM   960  C CB  . ALA A 1 141 ? -5.346  4.263   -0.130  1.00 25.23 ? 137  ALA A CB  1 
ATOM   961  N N   . SER A 1 142 ? -4.549  7.212   0.844   1.00 25.96 ? 138  SER A N   1 
ATOM   962  C CA  . SER A 1 142 ? -3.528  7.987   1.560   1.00 25.68 ? 138  SER A CA  1 
ATOM   963  C C   . SER A 1 142 ? -4.195  8.833   2.546   1.00 26.68 ? 138  SER A C   1 
ATOM   964  O O   . SER A 1 142 ? -3.710  8.922   3.669   1.00 27.91 ? 138  SER A O   1 
ATOM   965  C CB  . SER A 1 142 ? -2.714  8.848   0.608   1.00 24.68 ? 138  SER A CB  1 
ATOM   966  O OG  . SER A 1 142 ? -2.246  8.052   -0.460  1.00 23.13 ? 138  SER A OG  1 
ATOM   967  N N   . PHE A 1 143 ? -5.320  9.452   2.160   1.00 28.06 ? 139  PHE A N   1 
ATOM   968  C CA  . PHE A 1 143 ? -6.035  10.364  3.082   1.00 29.30 ? 139  PHE A CA  1 
ATOM   969  C C   . PHE A 1 143 ? -6.854  9.670   4.135   1.00 29.05 ? 139  PHE A C   1 
ATOM   970  O O   . PHE A 1 143 ? -7.209  10.306  5.103   1.00 29.89 ? 139  PHE A O   1 
ATOM   971  C CB  . PHE A 1 143 ? -6.912  11.379  2.336   1.00 28.76 ? 139  PHE A CB  1 
ATOM   972  C CG  . PHE A 1 143 ? -6.138  12.547  1.793   1.00 29.71 ? 139  PHE A CG  1 
ATOM   973  C CD1 . PHE A 1 143 ? -5.477  12.450  0.576   1.00 28.63 ? 139  PHE A CD1 1 
ATOM   974  C CD2 . PHE A 1 143 ? -6.073  13.740  2.506   1.00 29.59 ? 139  PHE A CD2 1 
ATOM   975  C CE1 . PHE A 1 143 ? -4.737  13.520  0.042   1.00 29.74 ? 139  PHE A CE1 1 
ATOM   976  C CE2 . PHE A 1 143 ? -5.306  14.811  2.017   1.00 31.66 ? 139  PHE A CE2 1 
ATOM   977  C CZ  . PHE A 1 143 ? -4.663  14.701  0.738   1.00 28.69 ? 139  PHE A CZ  1 
ATOM   978  N N   . ALA A 1 144 ? -7.180  8.381   3.942   1.00 28.98 ? 140  ALA A N   1 
ATOM   979  C CA  . ALA A 1 144 ? -7.840  7.580   5.009   1.00 27.55 ? 140  ALA A CA  1 
ATOM   980  C C   . ALA A 1 144 ? -6.879  7.015   6.012   1.00 27.32 ? 140  ALA A C   1 
ATOM   981  O O   . ALA A 1 144 ? -7.256  6.650   7.159   1.00 27.29 ? 140  ALA A O   1 
ATOM   982  C CB  . ALA A 1 144 ? -8.627  6.446   4.412   1.00 26.85 ? 140  ALA A CB  1 
ATOM   983  N N   . LEU A 1 145 ? -5.637  6.857   5.615   1.00 28.22 ? 141  LEU A N   1 
ATOM   984  C CA  . LEU A 1 145 ? -4.689  6.333   6.621   1.00 29.46 ? 141  LEU A CA  1 
ATOM   985  C C   . LEU A 1 145 ? -4.441  7.463   7.596   1.00 31.04 ? 141  LEU A C   1 
ATOM   986  O O   . LEU A 1 145 ? -4.544  8.666   7.215   1.00 32.37 ? 141  LEU A O   1 
ATOM   987  C CB  . LEU A 1 145 ? -3.364  5.920   6.029   1.00 28.02 ? 141  LEU A CB  1 
ATOM   988  C CG  . LEU A 1 145 ? -3.265  4.824   4.997   1.00 27.04 ? 141  LEU A CG  1 
ATOM   989  C CD1 . LEU A 1 145 ? -1.983  5.006   4.113   1.00 19.11 ? 141  LEU A CD1 1 
ATOM   990  C CD2 . LEU A 1 145 ? -3.304  3.455   5.680   1.00 23.72 ? 141  LEU A CD2 1 
ATOM   991  N N   . ARG A 1 146 ? -4.101  7.092   8.828   1.00 31.83 ? 142  ARG A N   1 
ATOM   992  C CA  . ARG A 1 146 ? -3.583  8.043   9.782   1.00 33.26 ? 142  ARG A CA  1 
ATOM   993  C C   . ARG A 1 146 ? -2.084  8.223   9.703   1.00 32.13 ? 142  ARG A C   1 
ATOM   994  O O   . ARG A 1 146 ? -1.389  7.390   9.132   1.00 30.64 ? 142  ARG A O   1 
ATOM   995  C CB  . ARG A 1 146 ? -3.898  7.575   11.183  1.00 34.19 ? 142  ARG A CB  1 
ATOM   996  C CG  . ARG A 1 146 ? -5.101  8.298   11.745  1.00 41.40 ? 142  ARG A CG  1 
ATOM   997  C CD  . ARG A 1 146 ? -6.375  7.487   11.478  1.00 47.28 ? 142  ARG A CD  1 
ATOM   998  N NE  . ARG A 1 146 ? -6.137  6.061   11.731  1.00 50.61 ? 142  ARG A NE  1 
ATOM   999  C CZ  . ARG A 1 146 ? -6.798  5.349   12.641  1.00 53.23 ? 142  ARG A CZ  1 
ATOM   1000 N NH1 . ARG A 1 146 ? -7.779  5.942   13.353  1.00 55.95 ? 142  ARG A NH1 1 
ATOM   1001 N NH2 . ARG A 1 146 ? -6.538  4.048   12.789  1.00 48.41 ? 142  ARG A NH2 1 
ATOM   1002 N N   . THR A 1 147 ? -1.553  9.266   10.341  1.00 32.31 ? 143  THR A N   1 
ATOM   1003 C CA  . THR A 1 147 ? -0.098  9.385   10.325  1.00 33.64 ? 143  THR A CA  1 
ATOM   1004 C C   . THR A 1 147 ? 0.492   8.103   10.897  1.00 31.94 ? 143  THR A C   1 
ATOM   1005 O O   . THR A 1 147 ? 0.103   7.663   11.965  1.00 30.35 ? 143  THR A O   1 
ATOM   1006 C CB  . THR A 1 147 ? 0.395   10.524  11.140  1.00 34.02 ? 143  THR A CB  1 
ATOM   1007 O OG1 . THR A 1 147 ? -0.173  11.713  10.628  1.00 40.41 ? 143  THR A OG1 1 
ATOM   1008 C CG2 . THR A 1 147 ? 1.942   10.619  10.998  1.00 36.50 ? 143  THR A CG2 1 
ATOM   1009 N N   . GLY A 1 148 ? 1.411   7.480   10.167  1.00 31.88 ? 144  GLY A N   1 
ATOM   1010 C CA  . GLY A 1 148 ? 2.083   6.277   10.670  1.00 31.24 ? 144  GLY A CA  1 
ATOM   1011 C C   . GLY A 1 148 ? 1.552   4.932   10.217  1.00 30.14 ? 144  GLY A C   1 
ATOM   1012 O O   . GLY A 1 148 ? 2.230   3.940   10.407  1.00 31.95 ? 144  GLY A O   1 
ATOM   1013 N N   . GLU A 1 149 ? 0.350   4.910   9.650   1.00 29.46 ? 145  GLU A N   1 
ATOM   1014 C CA  . GLU A 1 149 ? -0.378  3.709   9.294   1.00 29.32 ? 145  GLU A CA  1 
ATOM   1015 C C   . GLU A 1 149 ? -0.062  3.252   7.873   1.00 27.99 ? 145  GLU A C   1 
ATOM   1016 O O   . GLU A 1 149 ? 0.241   4.055   6.996   1.00 27.71 ? 145  GLU A O   1 
ATOM   1017 C CB  . GLU A 1 149 ? -1.867  3.998   9.324   1.00 28.08 ? 145  GLU A CB  1 
ATOM   1018 C CG  . GLU A 1 149 ? -2.600  3.936   10.671  1.00 35.50 ? 145  GLU A CG  1 
ATOM   1019 C CD  . GLU A 1 149 ? -4.187  3.701   10.501  1.00 44.74 ? 145  GLU A CD  1 
ATOM   1020 O OE1 . GLU A 1 149 ? -4.863  3.068   11.406  1.00 48.61 ? 145  GLU A OE1 1 
ATOM   1021 O OE2 . GLU A 1 149 ? -4.756  4.112   9.447   1.00 42.51 ? 145  GLU A OE2 1 
ATOM   1022 N N   . MET A 1 150 ? -0.183  1.957   7.646   1.00 27.48 ? 146  MET A N   1 
ATOM   1023 C CA  . MET A 1 150 ? 0.128   1.354   6.366   1.00 27.15 ? 146  MET A CA  1 
ATOM   1024 C C   . MET A 1 150 ? -1.163  0.708   5.784   1.00 26.56 ? 146  MET A C   1 
ATOM   1025 O O   . MET A 1 150 ? -1.991  0.189   6.515   1.00 26.52 ? 146  MET A O   1 
ATOM   1026 C CB  . MET A 1 150 ? 1.246   0.339   6.536   1.00 26.65 ? 146  MET A CB  1 
ATOM   1027 C CG  . MET A 1 150 ? 1.839   -0.232  5.214   1.00 27.37 ? 146  MET A CG  1 
ATOM   1028 S SD  . MET A 1 150 ? 3.028   -1.577  5.434   1.00 29.59 ? 146  MET A SD  1 
ATOM   1029 C CE  . MET A 1 150 ? 1.973   -2.784  6.274   1.00 28.22 ? 146  MET A CE  1 
ATOM   1030 N N   . SER A 1 151 ? -1.323  0.808   4.477   1.00 25.60 ? 147  SER A N   1 
ATOM   1031 C CA  . SER A 1 151 ? -2.492  0.294   3.813   1.00 25.05 ? 147  SER A CA  1 
ATOM   1032 C C   . SER A 1 151 ? -2.293  -1.192  3.573   1.00 24.49 ? 147  SER A C   1 
ATOM   1033 O O   . SER A 1 151 ? -1.231  -1.727  3.823   1.00 23.33 ? 147  SER A O   1 
ATOM   1034 C CB  . SER A 1 151 ? -2.651  1.011   2.484   1.00 23.80 ? 147  SER A CB  1 
ATOM   1035 O OG  . SER A 1 151 ? -1.615  0.583   1.607   1.00 24.51 ? 147  SER A OG  1 
ATOM   1036 N N   . GLY A 1 152 ? -3.328  -1.853  3.105   1.00 25.53 ? 148  GLY A N   1 
ATOM   1037 C CA  . GLY A 1 152 ? -3.152  -3.168  2.451   1.00 25.63 ? 148  GLY A CA  1 
ATOM   1038 C C   . GLY A 1 152 ? -2.895  -2.913  0.988   1.00 25.61 ? 148  GLY A C   1 
ATOM   1039 O O   . GLY A 1 152 ? -2.633  -1.754  0.618   1.00 25.56 ? 148  GLY A O   1 
ATOM   1040 N N   . PRO A 1 153 ? -2.991  -3.970  0.159   1.00 25.84 ? 149  PRO A N   1 
ATOM   1041 C CA  . PRO A 1 153 ? -2.796  -3.828  -1.291  1.00 26.74 ? 149  PRO A CA  1 
ATOM   1042 C C   . PRO A 1 153 ? -3.822  -2.862  -1.887  1.00 26.78 ? 149  PRO A C   1 
ATOM   1043 O O   . PRO A 1 153 ? -5.026  -3.056  -1.637  1.00 27.17 ? 149  PRO A O   1 
ATOM   1044 C CB  . PRO A 1 153 ? -2.960  -5.256  -1.864  1.00 27.08 ? 149  PRO A CB  1 
ATOM   1045 C CG  . PRO A 1 153 ? -3.335  -6.176  -0.708  1.00 27.61 ? 149  PRO A CG  1 
ATOM   1046 C CD  . PRO A 1 153 ? -3.393  -5.336  0.583   1.00 26.31 ? 149  PRO A CD  1 
ATOM   1047 N N   . VAL A 1 154 ? -3.348  -1.822  -2.611  1.00 24.81 ? 150  VAL A N   1 
ATOM   1048 C CA  . VAL A 1 154 ? -4.220  -0.784  -3.173  1.00 24.38 ? 150  VAL A CA  1 
ATOM   1049 C C   . VAL A 1 154 ? -4.052  -0.805  -4.689  1.00 25.23 ? 150  VAL A C   1 
ATOM   1050 O O   . VAL A 1 154 ? -2.937  -0.696  -5.191  1.00 23.31 ? 150  VAL A O   1 
ATOM   1051 C CB  . VAL A 1 154 ? -3.938  0.631   -2.614  1.00 23.85 ? 150  VAL A CB  1 
ATOM   1052 C CG1 . VAL A 1 154 ? -4.806  1.718   -3.322  1.00 21.22 ? 150  VAL A CG1 1 
ATOM   1053 C CG2 . VAL A 1 154 ? -4.223  0.643   -1.154  1.00 26.22 ? 150  VAL A CG2 1 
ATOM   1054 N N   . PHE A 1 155 ? -5.172  -0.966  -5.424  1.00 25.54 ? 151  PHE A N   1 
ATOM   1055 C CA  . PHE A 1 155 ? -5.074  -1.252  -6.833  1.00 25.01 ? 151  PHE A CA  1 
ATOM   1056 C C   . PHE A 1 155 ? -5.286  0.044   -7.624  1.00 25.95 ? 151  PHE A C   1 
ATOM   1057 O O   . PHE A 1 155 ? -6.243  0.824   -7.343  1.00 27.67 ? 151  PHE A O   1 
ATOM   1058 C CB  . PHE A 1 155 ? -6.143  -2.302  -7.234  1.00 25.25 ? 151  PHE A CB  1 
ATOM   1059 C CG  . PHE A 1 155 ? -5.938  -3.695  -6.660  1.00 24.08 ? 151  PHE A CG  1 
ATOM   1060 C CD1 . PHE A 1 155 ? -6.295  -3.977  -5.364  1.00 24.03 ? 151  PHE A CD1 1 
ATOM   1061 C CD2 . PHE A 1 155 ? -5.418  -4.728  -7.454  1.00 23.49 ? 151  PHE A CD2 1 
ATOM   1062 C CE1 . PHE A 1 155 ? -6.149  -5.244  -4.832  1.00 26.46 ? 151  PHE A CE1 1 
ATOM   1063 C CE2 . PHE A 1 155 ? -5.257  -5.993  -6.926  1.00 22.79 ? 151  PHE A CE2 1 
ATOM   1064 C CZ  . PHE A 1 155 ? -5.636  -6.272  -5.631  1.00 23.26 ? 151  PHE A CZ  1 
ATOM   1065 N N   . THR A 1 156 ? -4.408  0.348   -8.566  1.00 24.56 ? 152  THR A N   1 
ATOM   1066 C CA  . THR A 1 156 ? -4.645  1.532   -9.437  1.00 26.38 ? 152  THR A CA  1 
ATOM   1067 C C   . THR A 1 156 ? -4.293  1.135   -10.851 1.00 27.35 ? 152  THR A C   1 
ATOM   1068 O O   . THR A 1 156 ? -3.858  0.030   -11.065 1.00 28.64 ? 152  THR A O   1 
ATOM   1069 C CB  . THR A 1 156 ? -3.690  2.700   -9.120  1.00 25.67 ? 152  THR A CB  1 
ATOM   1070 O OG1 . THR A 1 156 ? -2.362  2.246   -9.314  1.00 28.14 ? 152  THR A OG1 1 
ATOM   1071 C CG2 . THR A 1 156 ? -3.846  3.253   -7.696  1.00 25.71 ? 152  THR A CG2 1 
ATOM   1072 N N   . ASP A 1 157 ? -4.381  2.035   -11.829 1.00 29.18 ? 153  ASP A N   1 
ATOM   1073 C CA  . ASP A 1 157 ? -3.827  1.672   -13.149 1.00 30.85 ? 153  ASP A CA  1 
ATOM   1074 C C   . ASP A 1 157 ? -2.317  1.392   -13.228 1.00 30.71 ? 153  ASP A C   1 
ATOM   1075 O O   . ASP A 1 157 ? -1.872  0.829   -14.225 1.00 31.55 ? 153  ASP A O   1 
ATOM   1076 C CB  . ASP A 1 157 ? -4.227  2.680   -14.218 1.00 30.19 ? 153  ASP A CB  1 
ATOM   1077 C CG  . ASP A 1 157 ? -5.697  2.561   -14.556 1.00 35.44 ? 153  ASP A CG  1 
ATOM   1078 O OD1 . ASP A 1 157 ? -6.219  1.421   -14.499 1.00 37.93 ? 153  ASP A OD1 1 
ATOM   1079 O OD2 . ASP A 1 157 ? -6.334  3.588   -14.780 1.00 40.61 ? 153  ASP A OD2 1 
ATOM   1080 N N   . SER A 1 158 ? -1.538  1.841   -12.235 1.00 29.11 ? 154  SER A N   1 
ATOM   1081 C CA  . SER A 1 158 ? -0.093  1.561   -12.200 1.00 28.83 ? 154  SER A CA  1 
ATOM   1082 C C   . SER A 1 158 ? 0.306   0.151   -11.794 1.00 29.04 ? 154  SER A C   1 
ATOM   1083 O O   . SER A 1 158 ? 1.382   -0.314  -12.162 1.00 29.74 ? 154  SER A O   1 
ATOM   1084 C CB  . SER A 1 158 ? 0.557   2.477   -11.195 1.00 27.46 ? 154  SER A CB  1 
ATOM   1085 O OG  . SER A 1 158 ? 0.329   3.800   -11.596 1.00 26.54 ? 154  SER A OG  1 
ATOM   1086 N N   . GLY A 1 159 ? -0.544  -0.491  -10.995 1.00 28.36 ? 155  GLY A N   1 
ATOM   1087 C CA  . GLY A 1 159 ? -0.297  -1.791  -10.452 1.00 26.36 ? 155  GLY A CA  1 
ATOM   1088 C C   . GLY A 1 159 ? -0.827  -1.838  -9.021  1.00 27.25 ? 155  GLY A C   1 
ATOM   1089 O O   . GLY A 1 159 ? -1.892  -1.257  -8.692  1.00 25.46 ? 155  GLY A O   1 
ATOM   1090 N N   . ILE A 1 160 ? -0.061  -2.473  -8.141  1.00 26.61 ? 156  ILE A N   1 
ATOM   1091 C CA  . ILE A 1 160 ? -0.546  -2.681  -6.774  1.00 25.62 ? 156  ILE A CA  1 
ATOM   1092 C C   . ILE A 1 160 ? 0.422   -2.007  -5.832  1.00 25.07 ? 156  ILE A C   1 
ATOM   1093 O O   . ILE A 1 160 ? 1.642   -2.210  -5.925  1.00 24.94 ? 156  ILE A O   1 
ATOM   1094 C CB  . ILE A 1 160 ? -0.649  -4.142  -6.487  1.00 25.75 ? 156  ILE A CB  1 
ATOM   1095 C CG1 . ILE A 1 160 ? -1.598  -4.832  -7.503  1.00 27.03 ? 156  ILE A CG1 1 
ATOM   1096 C CG2 . ILE A 1 160 ? -1.200  -4.437  -5.112  1.00 27.73 ? 156  ILE A CG2 1 
ATOM   1097 C CD1 . ILE A 1 160 ? -1.577  -6.352  -7.382  1.00 23.80 ? 156  ILE A CD1 1 
ATOM   1098 N N   . HIS A 1 161 ? -0.143  -1.257  -4.907  1.00 24.70 ? 157  HIS A N   1 
ATOM   1099 C CA  . HIS A 1 161 ? 0.609   -0.431  -3.936  1.00 25.02 ? 157  HIS A CA  1 
ATOM   1100 C C   . HIS A 1 161 ? 0.439   -0.905  -2.478  1.00 24.13 ? 157  HIS A C   1 
ATOM   1101 O O   . HIS A 1 161 ? -0.619  -1.426  -2.092  1.00 23.16 ? 157  HIS A O   1 
ATOM   1102 C CB  . HIS A 1 161 ? 0.109   1.013   -3.942  1.00 24.18 ? 157  HIS A CB  1 
ATOM   1103 C CG  . HIS A 1 161 ? 0.029   1.647   -5.297  1.00 29.53 ? 157  HIS A CG  1 
ATOM   1104 N ND1 . HIS A 1 161 ? 0.948   2.575   -5.730  1.00 27.07 ? 157  HIS A ND1 1 
ATOM   1105 C CD2 . HIS A 1 161 ? -0.867  1.504   -6.309  1.00 29.19 ? 157  HIS A CD2 1 
ATOM   1106 C CE1 . HIS A 1 161 ? 0.630   2.972   -6.951  1.00 27.96 ? 157  HIS A CE1 1 
ATOM   1107 N NE2 . HIS A 1 161 ? -0.459  2.332   -7.330  1.00 27.56 ? 157  HIS A NE2 1 
ATOM   1108 N N   . ILE A 1 162 ? 1.478   -0.657  -1.681  1.00 22.99 ? 158  ILE A N   1 
ATOM   1109 C CA  . ILE A 1 162 ? 1.361   -0.669  -0.265  1.00 24.30 ? 158  ILE A CA  1 
ATOM   1110 C C   . ILE A 1 162 ? 1.731   0.752   0.029   1.00 24.21 ? 158  ILE A C   1 
ATOM   1111 O O   . ILE A 1 162 ? 2.802   1.165   -0.437  1.00 24.35 ? 158  ILE A O   1 
ATOM   1112 C CB  . ILE A 1 162 ? 2.429   -1.553  0.383   1.00 23.26 ? 158  ILE A CB  1 
ATOM   1113 C CG1 . ILE A 1 162 ? 2.254   -3.000  0.022   1.00 26.21 ? 158  ILE A CG1 1 
ATOM   1114 C CG2 . ILE A 1 162 ? 2.364   -1.423  1.812   1.00 22.14 ? 158  ILE A CG2 1 
ATOM   1115 C CD1 . ILE A 1 162 ? 3.500   -3.809  0.269   1.00 30.14 ? 158  ILE A CD1 1 
ATOM   1116 N N   . ILE A 1 163 ? 0.912   1.458   0.816   1.00 22.29 ? 159  ILE A N   1 
ATOM   1117 C CA  . ILE A 1 163 ? 1.108   2.887   1.048   1.00 22.80 ? 159  ILE A CA  1 
ATOM   1118 C C   . ILE A 1 163 ? 1.393   3.130   2.552   1.00 22.63 ? 159  ILE A C   1 
ATOM   1119 O O   . ILE A 1 163 ? 0.705   2.554   3.373   1.00 22.58 ? 159  ILE A O   1 
ATOM   1120 C CB  . ILE A 1 163 ? -0.133  3.694   0.598   1.00 21.53 ? 159  ILE A CB  1 
ATOM   1121 C CG1 . ILE A 1 163 ? -0.411  3.459   -0.904  1.00 25.70 ? 159  ILE A CG1 1 
ATOM   1122 C CG2 . ILE A 1 163 ? 0.048   5.165   0.832   1.00 18.69 ? 159  ILE A CG2 1 
ATOM   1123 C CD1 . ILE A 1 163 ? -1.796  3.983   -1.399  1.00 17.24 ? 159  ILE A CD1 1 
ATOM   1124 N N   . LEU A 1 164 ? 2.444   3.901   2.875   1.00 20.90 ? 160  LEU A N   1 
ATOM   1125 C CA  . LEU A 1 164 ? 2.766   4.225   4.253   1.00 22.74 ? 160  LEU A CA  1 
ATOM   1126 C C   . LEU A 1 164 ? 2.564   5.726   4.394   1.00 23.11 ? 160  LEU A C   1 
ATOM   1127 O O   . LEU A 1 164 ? 3.199   6.468   3.644   1.00 22.41 ? 160  LEU A O   1 
ATOM   1128 C CB  . LEU A 1 164 ? 4.232   3.958   4.538   1.00 23.08 ? 160  LEU A CB  1 
ATOM   1129 C CG  . LEU A 1 164 ? 4.666   4.216   5.988   1.00 22.37 ? 160  LEU A CG  1 
ATOM   1130 C CD1 . LEU A 1 164 ? 4.016   3.296   6.917   1.00 23.86 ? 160  LEU A CD1 1 
ATOM   1131 C CD2 . LEU A 1 164 ? 6.149   4.113   6.211   1.00 23.31 ? 160  LEU A CD2 1 
ATOM   1132 N N   . ARG A 1 165 ? 1.656   6.161   5.269   1.00 23.20 ? 161  ARG A N   1 
ATOM   1133 C CA  . ARG A 1 165 ? 1.443   7.592   5.493   1.00 24.98 ? 161  ARG A CA  1 
ATOM   1134 C C   . ARG A 1 165 ? 2.426   8.072   6.566   1.00 25.82 ? 161  ARG A C   1 
ATOM   1135 O O   . ARG A 1 165 ? 2.383   7.593   7.713   1.00 24.82 ? 161  ARG A O   1 
ATOM   1136 C CB  . ARG A 1 165 ? -0.021  7.947   5.874   1.00 24.21 ? 161  ARG A CB  1 
ATOM   1137 C CG  . ARG A 1 165 ? -0.171  9.435   6.047   1.00 26.89 ? 161  ARG A CG  1 
ATOM   1138 C CD  . ARG A 1 165 ? -1.602  9.950   6.357   1.00 27.16 ? 161  ARG A CD  1 
ATOM   1139 N NE  . ARG A 1 165 ? -1.508  11.306  6.884   1.00 28.19 ? 161  ARG A NE  1 
ATOM   1140 C CZ  . ARG A 1 165 ? -2.393  11.919  7.690   1.00 32.79 ? 161  ARG A CZ  1 
ATOM   1141 N NH1 . ARG A 1 165 ? -3.534  11.360  8.080   1.00 32.37 ? 161  ARG A NH1 1 
ATOM   1142 N NH2 . ARG A 1 165 ? -2.121  13.134  8.132   1.00 33.22 ? 161  ARG A NH2 1 
ATOM   1143 N N   . THR A 1 166 ? 3.332   8.962   6.171   1.00 27.34 ? 162  THR A N   1 
ATOM   1144 C CA  . THR A 1 166 ? 4.376   9.474   7.084   1.00 29.16 ? 162  THR A CA  1 
ATOM   1145 C C   . THR A 1 166 ? 4.133   10.836  7.725   1.00 30.98 ? 162  THR A C   1 
ATOM   1146 O O   . THR A 1 166 ? 4.876   11.226  8.644   1.00 31.75 ? 162  THR A O   1 
ATOM   1147 C CB  . THR A 1 166 ? 5.688   9.579   6.366   1.00 29.65 ? 162  THR A CB  1 
ATOM   1148 O OG1 . THR A 1 166 ? 5.499   10.397  5.198   1.00 32.44 ? 162  THR A OG1 1 
ATOM   1149 C CG2 . THR A 1 166 ? 6.195   8.165   5.957   1.00 25.47 ? 162  THR A CG2 1 
ATOM   1150 N N   . GLU A 1 167 ? 3.142   11.588  7.227   1.00 31.99 ? 163  GLU A N   1 
ATOM   1151 C CA  . GLU A 1 167 ? 2.860   12.926  7.731   1.00 33.83 ? 163  GLU A CA  1 
ATOM   1152 C C   . GLU A 1 167 ? 1.434   13.260  7.424   1.00 34.47 ? 163  GLU A C   1 
ATOM   1153 O O   . GLU A 1 167 ? 0.919   12.818  6.407   1.00 34.47 ? 163  GLU A O   1 
ATOM   1154 C CB  . GLU A 1 167 ? 3.760   13.983  7.081   1.00 34.08 ? 163  GLU A CB  1 
ATOM   1155 C CG  . GLU A 1 167 ? 5.207   14.044  7.696   1.00 37.72 ? 163  GLU A CG  1 
ATOM   1156 C CD  . GLU A 1 167 ? 6.126   15.066  7.064   1.00 40.46 ? 163  GLU A CD  1 
ATOM   1157 O OE1 . GLU A 1 167 ? 5.647   16.055  6.443   1.00 42.00 ? 163  GLU A OE1 1 
ATOM   1158 O OE2 . GLU A 1 167 ? 7.352   14.864  7.190   1.00 42.06 ? 163  GLU A OE2 1 
ATOM   1159 O OXT . GLU A 1 167 ? 0.778   14.007  8.157   1.00 35.44 ? 163  GLU A OXT 1 
HETATM 1160 N N4C . 4F8 B 2 .   ? 5.014   5.581   -10.460 1.00 47.35 ? 1164 4F8 A N4C 1 
HETATM 1161 C C5C . 4F8 B 2 .   ? 5.210   5.107   -11.696 1.00 50.34 ? 1164 4F8 A C5C 1 
HETATM 1162 C C6C . 4F8 B 2 .   ? 3.949   4.907   -12.297 1.00 49.61 ? 1164 4F8 A C6C 1 
HETATM 1163 C C7C . 4F8 B 2 .   ? 3.606   4.384   -13.721 1.00 50.58 ? 1164 4F8 A C7C 1 
HETATM 1164 O O8C . 4F8 B 2 .   ? 4.365   4.621   -14.661 1.00 51.86 ? 1164 4F8 A O8C 1 
HETATM 1165 O O9C . 4F8 B 2 .   ? 2.529   3.822   -13.965 1.00 48.80 ? 1164 4F8 A O9C 1 
HETATM 1166 C C1D . 4F8 B 2 .   ? 2.994   6.187   -9.155  1.00 44.95 ? 1164 4F8 A C1D 1 
HETATM 1167 C C2D . 4F8 B 2 .   ? 3.549   7.229   -8.396  1.00 47.06 ? 1164 4F8 A C2D 1 
HETATM 1168 C C3D . 4F8 B 2 .   ? 2.871   7.773   -7.301  1.00 46.77 ? 1164 4F8 A C3D 1 
HETATM 1169 C C4D . 4F8 B 2 .   ? 1.595   7.304   -6.964  1.00 42.85 ? 1164 4F8 A C4D 1 
HETATM 1170 C C5D . 4F8 B 2 .   ? 1.041   6.288   -7.743  1.00 43.90 ? 1164 4F8 A C5D 1 
HETATM 1171 C C6D . 4F8 B 2 .   ? 1.727   5.739   -8.835  1.00 42.93 ? 1164 4F8 A C6D 1 
HETATM 1172 C C7D . 4F8 B 2 .   ? 3.670   5.683   -10.273 1.00 48.17 ? 1164 4F8 A C7D 1 
HETATM 1173 O O   . 4F8 B 2 .   ? 6.682   4.047   -13.286 1.00 56.05 ? 1164 4F8 A O   1 
HETATM 1174 O O2  . 4F8 B 2 .   ? 7.633   5.291   -11.831 1.00 54.79 ? 1164 4F8 A O2  1 
HETATM 1175 N N3  . 4F8 B 2 .   ? 3.028   5.297   -11.411 1.00 48.78 ? 1164 4F8 A N3  1 
HETATM 1176 C C6  . 4F8 B 2 .   ? 6.594   4.806   -12.312 1.00 53.50 ? 1164 4F8 A C6  1 
HETATM 1177 O O37 . 12P C 3 .   ? -1.590  -2.746  9.970   1.00 50.03 ? 1165 12P A O37 1 
HETATM 1178 C C36 . 12P C 3 .   ? -2.576  -2.280  9.035   1.00 47.30 ? 1165 12P A C36 1 
HETATM 1179 C C35 . 12P C 3 .   ? -2.199  -2.659  7.606   1.00 46.44 ? 1165 12P A C35 1 
HETATM 1180 O O34 . 12P C 3 .   ? -2.873  -3.829  7.097   1.00 44.97 ? 1165 12P A O34 1 
HETATM 1181 C C33 . 12P C 3 .   ? -2.309  -4.139  5.795   1.00 43.21 ? 1165 12P A C33 1 
HETATM 1182 C C32 . 12P C 3 .   ? -2.830  -5.486  5.289   1.00 43.46 ? 1165 12P A C32 1 
HETATM 1183 O O31 . 12P C 3 .   ? -2.332  -6.550  6.118   1.00 42.02 ? 1165 12P A O31 1 
HETATM 1184 C C30 . 12P C 3 .   ? -3.041  -7.794  5.932   1.00 40.39 ? 1165 12P A C30 1 
HETATM 1185 C C29 . 12P C 3 .   ? -2.227  -8.953  6.483   1.00 36.31 ? 1165 12P A C29 1 
HETATM 1186 O O28 . 12P C 3 .   ? -1.770  -8.680  7.806   1.00 40.58 ? 1165 12P A O28 1 
HETATM 1187 C C27 . 12P C 3 .   ? -1.823  -9.864  8.639   1.00 42.43 ? 1165 12P A C27 1 
HETATM 1188 C C26 . 12P C 3 .   ? -2.098  -9.614  10.120  1.00 41.05 ? 1165 12P A C26 1 
HETATM 1189 O O25 . 12P C 3 .   ? -3.437  -9.146  10.308  1.00 44.37 ? 1165 12P A O25 1 
HETATM 1190 C C24 . 12P C 3 .   ? -4.112  -9.682  11.451  1.00 46.64 ? 1165 12P A C24 1 
HETATM 1191 C C23 . 12P C 3 .   ? -5.496  -9.029  11.609  1.00 47.18 ? 1165 12P A C23 1 
HETATM 1192 O O22 . 12P C 3 .   ? -6.631  -9.903  11.539  1.00 46.73 ? 1165 12P A O22 1 
HETATM 1193 C C21 . 12P C 3 .   ? -6.653  -10.860 10.459  1.00 45.90 ? 1165 12P A C21 1 
HETATM 1194 C C20 . 12P C 3 .   ? -7.961  -10.864 9.674   1.00 44.72 ? 1165 12P A C20 1 
HETATM 1195 O O19 . 12P C 3 .   ? -7.877  -11.609 8.445   1.00 48.06 ? 1165 12P A O19 1 
HETATM 1196 C C18 . 12P C 3 .   ? -8.119  -10.848 7.233   1.00 53.32 ? 1165 12P A C18 1 
HETATM 1197 C C17 . 12P C 3 .   ? -7.457  -11.504 5.996   1.00 56.79 ? 1165 12P A C17 1 
HETATM 1198 O O16 . 12P C 3 .   ? -6.572  -10.694 5.163   1.00 60.74 ? 1165 12P A O16 1 
HETATM 1199 C C15 . 12P C 3 .   ? -5.139  -10.977 5.249   1.00 61.00 ? 1165 12P A C15 1 
HETATM 1200 C C14 . 12P C 3 .   ? -4.437  -11.281 3.932   1.00 59.09 ? 1165 12P A C14 1 
HETATM 1201 O O   . HOH D 4 .   ? -6.703  -14.397 4.258   1.00 35.24 ? 2001 HOH A O   1 
HETATM 1202 O O   . HOH D 4 .   ? -4.239  -12.726 10.603  1.00 46.88 ? 2002 HOH A O   1 
HETATM 1203 O O   . HOH D 4 .   ? -16.715 5.245   16.131  1.00 54.35 ? 2003 HOH A O   1 
HETATM 1204 O O   . HOH D 4 .   ? -16.174 7.286   10.038  1.00 47.93 ? 2004 HOH A O   1 
HETATM 1205 O O   . HOH D 4 .   ? -9.904  6.283   7.526   1.00 47.51 ? 2005 HOH A O   1 
HETATM 1206 O O   . HOH D 4 .   ? -16.266 4.358   7.184   1.00 52.64 ? 2006 HOH A O   1 
HETATM 1207 O O   . HOH D 4 .   ? -9.148  5.232   11.066  1.00 37.98 ? 2007 HOH A O   1 
HETATM 1208 O O   . HOH D 4 .   ? -17.572 -7.745  6.755   1.00 44.58 ? 2008 HOH A O   1 
HETATM 1209 O O   . HOH D 4 .   ? -18.515 -6.417  4.201   1.00 48.29 ? 2009 HOH A O   1 
HETATM 1210 O O   . HOH D 4 .   ? -18.575 -3.297  4.096   1.00 33.33 ? 2010 HOH A O   1 
HETATM 1211 O O   . HOH D 4 .   ? -19.213 -3.518  10.720  1.00 40.85 ? 2011 HOH A O   1 
HETATM 1212 O O   . HOH D 4 .   ? -17.957 -9.946  14.077  1.00 63.09 ? 2012 HOH A O   1 
HETATM 1213 O O   . HOH D 4 .   ? -14.551 -16.610 1.324   1.00 49.66 ? 2013 HOH A O   1 
HETATM 1214 O O   . HOH D 4 .   ? -10.715 -13.840 7.594   1.00 40.54 ? 2014 HOH A O   1 
HETATM 1215 O O   . HOH D 4 .   ? 5.337   1.854   -21.176 1.00 43.56 ? 2015 HOH A O   1 
HETATM 1216 O O   . HOH D 4 .   ? -9.573  -20.496 17.610  1.00 51.02 ? 2016 HOH A O   1 
HETATM 1217 O O   . HOH D 4 .   ? -9.923  -14.860 15.363  1.00 65.99 ? 2017 HOH A O   1 
HETATM 1218 O O   . HOH D 4 .   ? -13.631 -17.534 18.664  1.00 39.90 ? 2018 HOH A O   1 
HETATM 1219 O O   . HOH D 4 .   ? -5.862  -16.448 -10.838 1.00 60.51 ? 2019 HOH A O   1 
HETATM 1220 O O   . HOH D 4 .   ? -7.809  -9.546  18.990  1.00 31.31 ? 2020 HOH A O   1 
HETATM 1221 O O   . HOH D 4 .   ? -3.729  -13.813 16.076  1.00 31.90 ? 2021 HOH A O   1 
HETATM 1222 O O   . HOH D 4 .   ? -13.463 -11.525 19.164  1.00 45.58 ? 2022 HOH A O   1 
HETATM 1223 O O   . HOH D 4 .   ? -9.793  -8.188  17.783  1.00 34.32 ? 2023 HOH A O   1 
HETATM 1224 O O   . HOH D 4 .   ? -10.931 -8.459  4.628   1.00 45.63 ? 2024 HOH A O   1 
HETATM 1225 O O   . HOH D 4 .   ? -13.866 -3.907  22.138  1.00 37.02 ? 2025 HOH A O   1 
HETATM 1226 O O   . HOH D 4 .   ? 12.158  13.380  -8.166  1.00 36.17 ? 2026 HOH A O   1 
HETATM 1227 O O   . HOH D 4 .   ? -6.619  2.120   7.112   1.00 30.38 ? 2027 HOH A O   1 
HETATM 1228 O O   . HOH D 4 .   ? -6.184  -6.498  4.509   1.00 32.56 ? 2028 HOH A O   1 
HETATM 1229 O O   . HOH D 4 .   ? -11.351 -2.152  -0.630  1.00 27.15 ? 2029 HOH A O   1 
HETATM 1230 O O   . HOH D 4 .   ? 6.038   -0.777  -21.408 1.00 51.41 ? 2030 HOH A O   1 
HETATM 1231 O O   . HOH D 4 .   ? -5.498  -9.323  8.042   1.00 44.20 ? 2031 HOH A O   1 
HETATM 1232 O O   . HOH D 4 .   ? -4.096  -0.127  10.631  1.00 45.77 ? 2032 HOH A O   1 
HETATM 1233 O O   . HOH D 4 .   ? -2.898  -10.835 17.873  1.00 28.47 ? 2033 HOH A O   1 
HETATM 1234 O O   . HOH D 4 .   ? -3.418  -6.076  14.329  1.00 46.55 ? 2034 HOH A O   1 
HETATM 1235 O O   . HOH D 4 .   ? 6.114   -13.532 -9.770  1.00 46.00 ? 2035 HOH A O   1 
HETATM 1236 O O   . HOH D 4 .   ? -3.606  -16.371 -9.560  1.00 55.16 ? 2036 HOH A O   1 
HETATM 1237 O O   . HOH D 4 .   ? -1.846  -5.819  19.720  1.00 51.08 ? 2037 HOH A O   1 
HETATM 1238 O O   . HOH D 4 .   ? 5.586   -14.648 -5.023  1.00 38.70 ? 2038 HOH A O   1 
HETATM 1239 O O   . HOH D 4 .   ? -12.030 6.588   16.136  1.00 55.52 ? 2039 HOH A O   1 
HETATM 1240 O O   . HOH D 4 .   ? -9.660  14.513  9.296   1.00 50.74 ? 2040 HOH A O   1 
HETATM 1241 O O   . HOH D 4 .   ? -10.140 16.531  10.718  1.00 56.45 ? 2041 HOH A O   1 
HETATM 1242 O O   . HOH D 4 .   ? 9.845   8.396   7.364   1.00 46.00 ? 2042 HOH A O   1 
HETATM 1243 O O   . HOH D 4 .   ? 3.866   20.357  1.137   1.00 45.79 ? 2043 HOH A O   1 
HETATM 1244 O O   . HOH D 4 .   ? 9.925   6.243   2.571   1.00 23.76 ? 2044 HOH A O   1 
HETATM 1245 O O   . HOH D 4 .   ? 9.495   9.931   -7.660  1.00 41.87 ? 2045 HOH A O   1 
HETATM 1246 O O   . HOH D 4 .   ? 12.266  10.575  -6.023  1.00 43.70 ? 2046 HOH A O   1 
HETATM 1247 O O   . HOH D 4 .   ? 0.190   9.060   -9.918  1.00 49.64 ? 2047 HOH A O   1 
HETATM 1248 O O   . HOH D 4 .   ? -3.735  -3.046  -10.420 1.00 28.54 ? 2048 HOH A O   1 
HETATM 1249 O O   . HOH D 4 .   ? -10.903 9.364   4.435   1.00 39.48 ? 2049 HOH A O   1 
HETATM 1250 O O   . HOH D 4 .   ? -2.110  3.288   -20.124 1.00 55.53 ? 2050 HOH A O   1 
HETATM 1251 O O   . HOH D 4 .   ? -3.395  6.913   -15.587 1.00 46.90 ? 2051 HOH A O   1 
HETATM 1252 O O   . HOH D 4 .   ? 7.114   -3.606  -21.497 1.00 48.65 ? 2052 HOH A O   1 
HETATM 1253 O O   . HOH D 4 .   ? 9.166   10.273  4.785   1.00 35.39 ? 2053 HOH A O   1 
HETATM 1254 O O   . HOH D 4 .   ? -2.190  17.202  8.648   1.00 41.78 ? 2054 HOH A O   1 
HETATM 1255 O O   . HOH D 4 .   ? 10.584  2.870   -12.975 1.00 40.43 ? 2055 HOH A O   1 
HETATM 1256 O O   . HOH D 4 .   ? 17.313  -3.235  -12.481 1.00 33.44 ? 2056 HOH A O   1 
HETATM 1257 O O   . HOH D 4 .   ? 12.150  -7.146  -11.566 1.00 37.65 ? 2057 HOH A O   1 
HETATM 1258 O O   . HOH D 4 .   ? 16.529  -8.124  -6.440  1.00 54.12 ? 2058 HOH A O   1 
HETATM 1259 O O   . HOH D 4 .   ? 8.441   -10.697 -13.764 1.00 34.91 ? 2059 HOH A O   1 
HETATM 1260 O O   . HOH D 4 .   ? 13.117  -12.638 -16.242 1.00 39.25 ? 2060 HOH A O   1 
HETATM 1261 O O   . HOH D 4 .   ? 17.106  -3.419  -24.082 1.00 34.83 ? 2061 HOH A O   1 
HETATM 1262 O O   . HOH D 4 .   ? 16.574  -5.007  -20.523 1.00 47.49 ? 2062 HOH A O   1 
HETATM 1263 O O   . HOH D 4 .   ? 16.148  0.042   -24.601 1.00 50.30 ? 2063 HOH A O   1 
HETATM 1264 O O   . HOH D 4 .   ? 15.558  -5.725  -17.887 1.00 33.57 ? 2064 HOH A O   1 
HETATM 1265 O O   . HOH D 4 .   ? 3.035   -8.160  -24.742 1.00 46.07 ? 2065 HOH A O   1 
HETATM 1266 O O   . HOH D 4 .   ? 11.764  -8.084  -19.003 1.00 62.87 ? 2066 HOH A O   1 
HETATM 1267 O O   . HOH D 4 .   ? 3.838   -7.548  -20.289 1.00 50.05 ? 2067 HOH A O   1 
HETATM 1268 O O   . HOH D 4 .   ? 7.098   -9.172  -14.415 1.00 20.62 ? 2068 HOH A O   1 
HETATM 1269 O O   . HOH D 4 .   ? 8.145   -11.270 -10.354 1.00 37.83 ? 2069 HOH A O   1 
HETATM 1270 O O   . HOH D 4 .   ? 9.488   -9.464  -8.170  1.00 42.11 ? 2070 HOH A O   1 
HETATM 1271 O O   . HOH D 4 .   ? -1.623  -15.935 -12.567 1.00 35.08 ? 2071 HOH A O   1 
HETATM 1272 O O   . HOH D 4 .   ? -2.414  -9.570  -15.363 1.00 49.80 ? 2072 HOH A O   1 
HETATM 1273 O O   . HOH D 4 .   ? -7.873  -5.647  -10.355 1.00 47.45 ? 2073 HOH A O   1 
HETATM 1274 O O   . HOH D 4 .   ? -2.752  -13.559 -5.854  1.00 36.11 ? 2074 HOH A O   1 
HETATM 1275 O O   . HOH D 4 .   ? 4.137   -13.848 -7.076  1.00 31.32 ? 2075 HOH A O   1 
HETATM 1276 O O   . HOH D 4 .   ? 6.721   -11.104 -1.574  1.00 24.94 ? 2076 HOH A O   1 
HETATM 1277 O O   . HOH D 4 .   ? -4.612  -12.906 -2.735  1.00 60.72 ? 2077 HOH A O   1 
HETATM 1278 O O   . HOH D 4 .   ? -4.922  -9.851  -0.976  1.00 36.98 ? 2078 HOH A O   1 
HETATM 1279 O O   . HOH D 4 .   ? -2.190  -8.439  2.367   1.00 37.60 ? 2079 HOH A O   1 
HETATM 1280 O O   . HOH D 4 .   ? -0.581  -10.045 3.658   1.00 32.57 ? 2080 HOH A O   1 
HETATM 1281 O O   . HOH D 4 .   ? 8.481   -7.742  -6.804  1.00 31.66 ? 2081 HOH A O   1 
HETATM 1282 O O   . HOH D 4 .   ? 10.889  -10.109 -4.255  1.00 35.43 ? 2082 HOH A O   1 
HETATM 1283 O O   . HOH D 4 .   ? 1.419   -16.911 5.513   1.00 56.72 ? 2083 HOH A O   1 
HETATM 1284 O O   . HOH D 4 .   ? 9.993   -15.943 1.326   1.00 61.12 ? 2084 HOH A O   1 
HETATM 1285 O O   . HOH D 4 .   ? 8.710   -3.151  9.812   1.00 33.46 ? 2085 HOH A O   1 
HETATM 1286 O O   . HOH D 4 .   ? -2.181  -5.995  11.713  1.00 29.38 ? 2086 HOH A O   1 
HETATM 1287 O O   . HOH D 4 .   ? 2.474   -5.652  12.824  0.50 16.88 ? 2087 HOH A O   1 
HETATM 1288 O O   . HOH D 4 .   ? 13.493  -11.247 4.540   1.00 49.86 ? 2088 HOH A O   1 
HETATM 1289 O O   . HOH D 4 .   ? 6.658   -13.131 6.752   1.00 42.70 ? 2089 HOH A O   1 
HETATM 1290 O O   . HOH D 4 .   ? 15.932  -8.534  9.404   1.00 49.72 ? 2090 HOH A O   1 
HETATM 1291 O O   . HOH D 4 .   ? 16.952  -9.828  3.633   1.00 43.47 ? 2091 HOH A O   1 
HETATM 1292 O O   . HOH D 4 .   ? 15.250  -7.618  2.527   1.00 42.28 ? 2092 HOH A O   1 
HETATM 1293 O O   . HOH D 4 .   ? 15.695  0.757   6.068   1.00 62.16 ? 2093 HOH A O   1 
HETATM 1294 O O   . HOH D 4 .   ? 16.304  -1.594  7.051   1.00 35.99 ? 2094 HOH A O   1 
HETATM 1295 O O   . HOH D 4 .   ? 10.604  6.145   6.197   1.00 48.68 ? 2095 HOH A O   1 
HETATM 1296 O O   . HOH D 4 .   ? 16.566  1.521   -5.382  1.00 30.20 ? 2096 HOH A O   1 
HETATM 1297 O O   . HOH D 4 .   ? 16.501  3.955   -1.131  1.00 32.24 ? 2097 HOH A O   1 
HETATM 1298 O O   . HOH D 4 .   ? 16.138  -8.641  0.170   1.00 46.58 ? 2098 HOH A O   1 
HETATM 1299 O O   . HOH D 4 .   ? 17.367  -6.592  -3.919  1.00 32.75 ? 2099 HOH A O   1 
HETATM 1300 O O   . HOH D 4 .   ? 8.198   -5.170  -8.061  1.00 32.16 ? 2100 HOH A O   1 
HETATM 1301 O O   . HOH D 4 .   ? 8.536   3.244   -4.479  1.00 29.17 ? 2101 HOH A O   1 
HETATM 1302 O O   . HOH D 4 .   ? 9.949   -5.593  -11.597 1.00 44.91 ? 2102 HOH A O   1 
HETATM 1303 O O   . HOH D 4 .   ? 10.214  9.241   -12.623 1.00 45.33 ? 2103 HOH A O   1 
HETATM 1304 O O   . HOH D 4 .   ? 15.202  8.322   -8.603  1.00 39.41 ? 2104 HOH A O   1 
HETATM 1305 O O   . HOH D 4 .   ? 12.542  10.387  -11.178 1.00 46.43 ? 2105 HOH A O   1 
HETATM 1306 O O   . HOH D 4 .   ? 14.510  5.294   -11.172 1.00 47.89 ? 2106 HOH A O   1 
HETATM 1307 O O   . HOH D 4 .   ? 17.719  7.867   -0.982  1.00 27.46 ? 2107 HOH A O   1 
HETATM 1308 O O   . HOH D 4 .   ? 17.994  5.604   0.629   1.00 28.01 ? 2108 HOH A O   1 
HETATM 1309 O O   . HOH D 4 .   ? 13.418  11.241  2.203   1.00 46.05 ? 2109 HOH A O   1 
HETATM 1310 O O   . HOH D 4 .   ? 9.703   10.774  -5.100  1.00 47.64 ? 2110 HOH A O   1 
HETATM 1311 O O   . HOH D 4 .   ? 12.801  12.585  -0.362  1.00 53.65 ? 2111 HOH A O   1 
HETATM 1312 O O   . HOH D 4 .   ? -6.394  20.028  -3.224  1.00 45.31 ? 2112 HOH A O   1 
HETATM 1313 O O   . HOH D 4 .   ? -6.612  17.944  -0.273  1.00 38.74 ? 2113 HOH A O   1 
HETATM 1314 O O   . HOH D 4 .   ? 2.784   17.735  -4.551  1.00 48.72 ? 2114 HOH A O   1 
HETATM 1315 O O   . HOH D 4 .   ? 1.624   15.171  -7.180  1.00 43.66 ? 2115 HOH A O   1 
HETATM 1316 O O   . HOH D 4 .   ? -4.139  13.366  -4.760  1.00 36.63 ? 2116 HOH A O   1 
HETATM 1317 O O   . HOH D 4 .   ? -1.252  8.441   -8.285  1.00 50.70 ? 2117 HOH A O   1 
HETATM 1318 O O   . HOH D 4 .   ? -5.720  5.936   -13.290 1.00 52.48 ? 2118 HOH A O   1 
HETATM 1319 O O   . HOH D 4 .   ? -8.128  8.729   -10.573 1.00 52.09 ? 2119 HOH A O   1 
HETATM 1320 O O   . HOH D 4 .   ? -8.487  3.551   -2.138  1.00 31.71 ? 2120 HOH A O   1 
HETATM 1321 O O   . HOH D 4 .   ? -10.266 9.086   1.692   1.00 34.79 ? 2121 HOH A O   1 
HETATM 1322 O O   . HOH D 4 .   ? -11.352 4.777   -3.134  1.00 45.17 ? 2122 HOH A O   1 
HETATM 1323 O O   . HOH D 4 .   ? -9.757  8.120   8.924   1.00 49.38 ? 2123 HOH A O   1 
HETATM 1324 O O   . HOH D 4 .   ? -3.525  11.262  11.915  1.00 40.70 ? 2124 HOH A O   1 
HETATM 1325 O O   . HOH D 4 .   ? -0.780  13.741  11.921  1.00 52.36 ? 2125 HOH A O   1 
HETATM 1326 O O   . HOH D 4 .   ? 2.586   1.055   10.039  1.00 39.87 ? 2126 HOH A O   1 
HETATM 1327 O O   . HOH D 4 .   ? -7.041  4.507   8.697   1.00 22.67 ? 2127 HOH A O   1 
HETATM 1328 O O   . HOH D 4 .   ? -4.088  1.593   8.635   1.00 31.64 ? 2128 HOH A O   1 
HETATM 1329 O O   . HOH D 4 .   ? -6.017  4.184   -10.937 1.00 34.72 ? 2129 HOH A O   1 
HETATM 1330 O O   . HOH D 4 .   ? -4.715  12.156  10.266  1.00 39.93 ? 2130 HOH A O   1 
HETATM 1331 O O   . HOH D 4 .   ? 7.042   9.651   3.064   1.00 30.46 ? 2131 HOH A O   1 
HETATM 1332 O O   . HOH D 4 .   ? -0.324  15.940  6.958   1.00 41.76 ? 2132 HOH A O   1 
HETATM 1333 O O   . HOH D 4 .   ? 1.698   14.766  10.517  1.00 33.35 ? 2133 HOH A O   1 
HETATM 1334 O O   . HOH D 4 .   ? 3.067   17.371  4.703   1.00 55.78 ? 2134 HOH A O   1 
HETATM 1335 O O   . HOH D 4 .   ? 2.353   1.320   -14.750 1.00 34.64 ? 2135 HOH A O   1 
HETATM 1336 O O   . HOH D 4 .   ? -0.971  -3.549  11.959  1.00 44.70 ? 2136 HOH A O   1 
HETATM 1337 O O   . HOH D 4 .   ? -4.856  -12.387 7.395   1.00 68.89 ? 2137 HOH A O   1 
HETATM 1338 O O   . HOH D 4 .   ? -7.566  -12.108 2.993   1.00 47.14 ? 2138 HOH A O   1 
# 
loop_
_pdbx_poly_seq_scheme.asym_id 
_pdbx_poly_seq_scheme.entity_id 
_pdbx_poly_seq_scheme.seq_id 
_pdbx_poly_seq_scheme.mon_id 
_pdbx_poly_seq_scheme.ndb_seq_num 
_pdbx_poly_seq_scheme.pdb_seq_num 
_pdbx_poly_seq_scheme.auth_seq_num 
_pdbx_poly_seq_scheme.pdb_mon_id 
_pdbx_poly_seq_scheme.auth_mon_id 
_pdbx_poly_seq_scheme.pdb_strand_id 
_pdbx_poly_seq_scheme.pdb_ins_code 
_pdbx_poly_seq_scheme.hetero 
A 1 1   GLY 1   -3  ?   ?   ?   A . n 
A 1 2   SER 2   -2  ?   ?   ?   A . n 
A 1 3   HIS 3   -1  ?   ?   ?   A . n 
A 1 4   GLY 4   0   ?   ?   ?   A . n 
A 1 5   MET 5   1   ?   ?   ?   A . n 
A 1 6   ALA 6   2   ?   ?   ?   A . n 
A 1 7   ASP 7   3   ?   ?   ?   A . n 
A 1 8   GLU 8   4   ?   ?   ?   A . n 
A 1 9   GLU 9   5   ?   ?   ?   A . n 
A 1 10  LYS 10  6   ?   ?   ?   A . n 
A 1 11  LEU 11  7   7   LEU LEU A . n 
A 1 12  PRO 12  8   8   PRO PRO A . n 
A 1 13  PRO 13  9   9   PRO PRO A . n 
A 1 14  GLY 14  10  10  GLY GLY A . n 
A 1 15  TRP 15  11  11  TRP TRP A . n 
A 1 16  GLU 16  12  12  GLU GLU A . n 
A 1 17  LYS 17  13  13  LYS LYS A . n 
A 1 18  ALA 18  14  14  ALA ALA A . n 
A 1 19  MET 19  15  15  MET MET A . n 
A 1 20  SER 20  16  16  SER SER A . n 
A 1 21  ARG 21  17  17  ARG ARG A . n 
A 1 22  SER 22  18  18  SER SER A . n 
A 1 23  SER 23  19  19  SER SER A . n 
A 1 24  GLY 24  20  20  GLY GLY A . n 
A 1 25  ARG 25  21  21  ARG ARG A . n 
A 1 26  VAL 26  22  22  VAL VAL A . n 
A 1 27  TYR 27  23  23  TYR TYR A . n 
A 1 28  TYR 28  24  24  TYR TYR A . n 
A 1 29  PHE 29  25  25  PHE PHE A . n 
A 1 30  ASN 30  26  26  ASN ASN A . n 
A 1 31  HIS 31  27  27  HIS HIS A . n 
A 1 32  ILE 32  28  28  ILE ILE A . n 
A 1 33  THR 33  29  29  THR THR A . n 
A 1 34  ASN 34  30  30  ASN ASN A . n 
A 1 35  ALA 35  31  31  ALA ALA A . n 
A 1 36  SER 36  32  32  SER SER A . n 
A 1 37  GLN 37  33  33  GLN GLN A . n 
A 1 38  TRP 38  34  34  TRP TRP A . n 
A 1 39  GLU 39  35  35  GLU GLU A . n 
A 1 40  ARG 40  36  36  ARG ARG A . n 
A 1 41  PRO 41  37  37  PRO PRO A . n 
A 1 42  SER 42  38  38  SER SER A . n 
A 1 43  GLY 43  39  ?   ?   ?   A . n 
A 1 44  ASN 44  40  ?   ?   ?   A . n 
A 1 45  SER 45  41  ?   ?   ?   A . n 
A 1 46  SER 46  42  ?   ?   ?   A . n 
A 1 47  SER 47  43  ?   ?   ?   A . n 
A 1 48  GLY 48  44  ?   ?   ?   A . n 
A 1 49  GLY 49  45  ?   ?   ?   A . n 
A 1 50  LYS 50  46  ?   ?   ?   A . n 
A 1 51  ASN 51  47  ?   ?   ?   A . n 
A 1 52  GLY 52  48  ?   ?   ?   A . n 
A 1 53  GLN 53  49  ?   ?   ?   A . n 
A 1 54  GLY 54  50  ?   ?   ?   A . n 
A 1 55  GLU 55  51  51  GLU GLU A . n 
A 1 56  PRO 56  52  52  PRO PRO A . n 
A 1 57  ALA 57  53  53  ALA ALA A . n 
A 1 58  ARG 58  54  54  ARG ARG A . n 
A 1 59  VAL 59  55  55  VAL VAL A . n 
A 1 60  ARG 60  56  56  ARG ARG A . n 
A 1 61  CYS 61  57  57  CYS CYS A . n 
A 1 62  SER 62  58  58  SER SER A . n 
A 1 63  HIS 63  59  59  HIS HIS A . n 
A 1 64  LEU 64  60  60  LEU LEU A . n 
A 1 65  LEU 65  61  61  LEU LEU A . n 
A 1 66  VAL 66  62  62  VAL VAL A . n 
A 1 67  LYS 67  63  63  LYS LYS A . n 
A 1 68  HIS 68  64  64  HIS HIS A . n 
A 1 69  SER 69  65  65  SER SER A . n 
A 1 70  GLN 70  66  66  GLN GLN A . n 
A 1 71  SER 71  67  67  SER SER A . n 
A 1 72  ARG 72  68  68  ARG ARG A . n 
A 1 73  ARG 73  69  69  ARG ARG A . n 
A 1 74  PRO 74  70  70  PRO PRO A . n 
A 1 75  SER 75  71  71  SER SER A . n 
A 1 76  SER 76  72  72  SER SER A . n 
A 1 77  TRP 77  73  73  TRP TRP A . n 
A 1 78  ARG 78  74  74  ARG ARG A . n 
A 1 79  GLN 79  75  75  GLN GLN A . n 
A 1 80  GLU 80  76  76  GLU GLU A . n 
A 1 81  LYS 81  77  77  LYS LYS A . n 
A 1 82  ILE 82  78  78  ILE ILE A . n 
A 1 83  THR 83  79  79  THR THR A . n 
A 1 84  ARG 84  80  80  ARG ARG A . n 
A 1 85  THR 85  81  81  THR THR A . n 
A 1 86  LYS 86  82  82  LYS LYS A . n 
A 1 87  GLU 87  83  83  GLU GLU A . n 
A 1 88  GLU 88  84  84  GLU GLU A . n 
A 1 89  ALA 89  85  85  ALA ALA A . n 
A 1 90  LEU 90  86  86  LEU LEU A . n 
A 1 91  GLU 91  87  87  GLU GLU A . n 
A 1 92  LEU 92  88  88  LEU LEU A . n 
A 1 93  ILE 93  89  89  ILE ILE A . n 
A 1 94  ASN 94  90  90  ASN ASN A . n 
A 1 95  GLY 95  91  91  GLY GLY A . n 
A 1 96  TYR 96  92  92  TYR TYR A . n 
A 1 97  ILE 97  93  93  ILE ILE A . n 
A 1 98  GLN 98  94  94  GLN GLN A . n 
A 1 99  LYS 99  95  95  LYS LYS A . n 
A 1 100 ILE 100 96  96  ILE ILE A . n 
A 1 101 LYS 101 97  97  LYS LYS A . n 
A 1 102 SER 102 98  98  SER SER A . n 
A 1 103 GLY 103 99  99  GLY GLY A . n 
A 1 104 GLU 104 100 100 GLU GLU A . n 
A 1 105 GLU 105 101 101 GLU GLU A . n 
A 1 106 ASP 106 102 102 ASP ASP A . n 
A 1 107 PHE 107 103 103 PHE PHE A . n 
A 1 108 GLU 108 104 104 GLU GLU A . n 
A 1 109 SER 109 105 105 SER SER A . n 
A 1 110 LEU 110 106 106 LEU LEU A . n 
A 1 111 ALA 111 107 107 ALA ALA A . n 
A 1 112 SER 112 108 108 SER SER A . n 
A 1 113 GLN 113 109 109 GLN GLN A . n 
A 1 114 PHE 114 110 110 PHE PHE A . n 
A 1 115 SER 115 111 111 SER SER A . n 
A 1 116 ASP 116 112 112 ASP ASP A . n 
A 1 117 CYS 117 113 113 CYS CYS A . n 
A 1 118 SER 118 114 114 SER SER A . n 
A 1 119 SER 119 115 115 SER SER A . n 
A 1 120 ALA 120 116 116 ALA ALA A . n 
A 1 121 LYS 121 117 117 LYS LYS A . n 
A 1 122 ALA 122 118 118 ALA ALA A . n 
A 1 123 ARG 123 119 119 ARG ARG A . n 
A 1 124 GLY 124 120 120 GLY GLY A . n 
A 1 125 ASP 125 121 121 ASP ASP A . n 
A 1 126 LEU 126 122 122 LEU LEU A . n 
A 1 127 GLY 127 123 123 GLY GLY A . n 
A 1 128 ALA 128 124 124 ALA ALA A . n 
A 1 129 PHE 129 125 125 PHE PHE A . n 
A 1 130 SER 130 126 126 SER SER A . n 
A 1 131 ARG 131 127 127 ARG ARG A . n 
A 1 132 GLY 132 128 128 GLY GLY A . n 
A 1 133 GLN 133 129 129 GLN GLN A . n 
A 1 134 MET 134 130 130 MET MET A . n 
A 1 135 GLN 135 131 131 GLN GLN A . n 
A 1 136 LYS 136 132 132 LYS LYS A . n 
A 1 137 PRO 137 133 133 PRO PRO A . n 
A 1 138 PHE 138 134 134 PHE PHE A . n 
A 1 139 GLU 139 135 135 GLU GLU A . n 
A 1 140 ASP 140 136 136 ASP ASP A . n 
A 1 141 ALA 141 137 137 ALA ALA A . n 
A 1 142 SER 142 138 138 SER SER A . n 
A 1 143 PHE 143 139 139 PHE PHE A . n 
A 1 144 ALA 144 140 140 ALA ALA A . n 
A 1 145 LEU 145 141 141 LEU LEU A . n 
A 1 146 ARG 146 142 142 ARG ARG A . n 
A 1 147 THR 147 143 143 THR THR A . n 
A 1 148 GLY 148 144 144 GLY GLY A . n 
A 1 149 GLU 149 145 145 GLU GLU A . n 
A 1 150 MET 150 146 146 MET MET A . n 
A 1 151 SER 151 147 147 SER SER A . n 
A 1 152 GLY 152 148 148 GLY GLY A . n 
A 1 153 PRO 153 149 149 PRO PRO A . n 
A 1 154 VAL 154 150 150 VAL VAL A . n 
A 1 155 PHE 155 151 151 PHE PHE A . n 
A 1 156 THR 156 152 152 THR THR A . n 
A 1 157 ASP 157 153 153 ASP ASP A . n 
A 1 158 SER 158 154 154 SER SER A . n 
A 1 159 GLY 159 155 155 GLY GLY A . n 
A 1 160 ILE 160 156 156 ILE ILE A . n 
A 1 161 HIS 161 157 157 HIS HIS A . n 
A 1 162 ILE 162 158 158 ILE ILE A . n 
A 1 163 ILE 163 159 159 ILE ILE A . n 
A 1 164 LEU 164 160 160 LEU LEU A . n 
A 1 165 ARG 165 161 161 ARG ARG A . n 
A 1 166 THR 166 162 162 THR THR A . n 
A 1 167 GLU 167 163 163 GLU GLU A . n 
# 
loop_
_pdbx_nonpoly_scheme.asym_id 
_pdbx_nonpoly_scheme.entity_id 
_pdbx_nonpoly_scheme.mon_id 
_pdbx_nonpoly_scheme.ndb_seq_num 
_pdbx_nonpoly_scheme.pdb_seq_num 
_pdbx_nonpoly_scheme.auth_seq_num 
_pdbx_nonpoly_scheme.pdb_mon_id 
_pdbx_nonpoly_scheme.auth_mon_id 
_pdbx_nonpoly_scheme.pdb_strand_id 
_pdbx_nonpoly_scheme.pdb_ins_code 
B 2 4F8 1   1164 1164 4F8 4F8 A . 
C 3 12P 1   1165 1165 12P 12P A . 
D 4 HOH 1   2001 2001 HOH HOH A . 
D 4 HOH 2   2002 2002 HOH HOH A . 
D 4 HOH 3   2003 2003 HOH HOH A . 
D 4 HOH 4   2004 2004 HOH HOH A . 
D 4 HOH 5   2005 2005 HOH HOH A . 
D 4 HOH 6   2006 2006 HOH HOH A . 
D 4 HOH 7   2007 2007 HOH HOH A . 
D 4 HOH 8   2008 2008 HOH HOH A . 
D 4 HOH 9   2009 2009 HOH HOH A . 
D 4 HOH 10  2010 2010 HOH HOH A . 
D 4 HOH 11  2011 2011 HOH HOH A . 
D 4 HOH 12  2012 2012 HOH HOH A . 
D 4 HOH 13  2013 2013 HOH HOH A . 
D 4 HOH 14  2014 2014 HOH HOH A . 
D 4 HOH 15  2015 2015 HOH HOH A . 
D 4 HOH 16  2016 2016 HOH HOH A . 
D 4 HOH 17  2017 2017 HOH HOH A . 
D 4 HOH 18  2018 2018 HOH HOH A . 
D 4 HOH 19  2019 2019 HOH HOH A . 
D 4 HOH 20  2020 2020 HOH HOH A . 
D 4 HOH 21  2021 2021 HOH HOH A . 
D 4 HOH 22  2022 2022 HOH HOH A . 
D 4 HOH 23  2023 2023 HOH HOH A . 
D 4 HOH 24  2024 2024 HOH HOH A . 
D 4 HOH 25  2025 2025 HOH HOH A . 
D 4 HOH 26  2026 2026 HOH HOH A . 
D 4 HOH 27  2027 2027 HOH HOH A . 
D 4 HOH 28  2028 2028 HOH HOH A . 
D 4 HOH 29  2029 2029 HOH HOH A . 
D 4 HOH 30  2030 2030 HOH HOH A . 
D 4 HOH 31  2031 2031 HOH HOH A . 
D 4 HOH 32  2032 2032 HOH HOH A . 
D 4 HOH 33  2033 2033 HOH HOH A . 
D 4 HOH 34  2034 2034 HOH HOH A . 
D 4 HOH 35  2035 2035 HOH HOH A . 
D 4 HOH 36  2036 2036 HOH HOH A . 
D 4 HOH 37  2037 2037 HOH HOH A . 
D 4 HOH 38  2038 2038 HOH HOH A . 
D 4 HOH 39  2039 2039 HOH HOH A . 
D 4 HOH 40  2040 2040 HOH HOH A . 
D 4 HOH 41  2041 2041 HOH HOH A . 
D 4 HOH 42  2042 2042 HOH HOH A . 
D 4 HOH 43  2043 2043 HOH HOH A . 
D 4 HOH 44  2044 2044 HOH HOH A . 
D 4 HOH 45  2045 2045 HOH HOH A . 
D 4 HOH 46  2046 2046 HOH HOH A . 
D 4 HOH 47  2047 2047 HOH HOH A . 
D 4 HOH 48  2048 2048 HOH HOH A . 
D 4 HOH 49  2049 2049 HOH HOH A . 
D 4 HOH 50  2050 2050 HOH HOH A . 
D 4 HOH 51  2051 2051 HOH HOH A . 
D 4 HOH 52  2052 2052 HOH HOH A . 
D 4 HOH 53  2053 2053 HOH HOH A . 
D 4 HOH 54  2054 2054 HOH HOH A . 
D 4 HOH 55  2055 2055 HOH HOH A . 
D 4 HOH 56  2056 2056 HOH HOH A . 
D 4 HOH 57  2057 2057 HOH HOH A . 
D 4 HOH 58  2058 2058 HOH HOH A . 
D 4 HOH 59  2059 2059 HOH HOH A . 
D 4 HOH 60  2060 2060 HOH HOH A . 
D 4 HOH 61  2061 2061 HOH HOH A . 
D 4 HOH 62  2062 2062 HOH HOH A . 
D 4 HOH 63  2063 2063 HOH HOH A . 
D 4 HOH 64  2064 2064 HOH HOH A . 
D 4 HOH 65  2065 2065 HOH HOH A . 
D 4 HOH 66  2066 2066 HOH HOH A . 
D 4 HOH 67  2067 2067 HOH HOH A . 
D 4 HOH 68  2068 2068 HOH HOH A . 
D 4 HOH 69  2069 2069 HOH HOH A . 
D 4 HOH 70  2070 2070 HOH HOH A . 
D 4 HOH 71  2071 2071 HOH HOH A . 
D 4 HOH 72  2072 2072 HOH HOH A . 
D 4 HOH 73  2073 2073 HOH HOH A . 
D 4 HOH 74  2074 2074 HOH HOH A . 
D 4 HOH 75  2075 2075 HOH HOH A . 
D 4 HOH 76  2076 2076 HOH HOH A . 
D 4 HOH 77  2077 2077 HOH HOH A . 
D 4 HOH 78  2078 2078 HOH HOH A . 
D 4 HOH 79  2079 2079 HOH HOH A . 
D 4 HOH 80  2080 2080 HOH HOH A . 
D 4 HOH 81  2081 2081 HOH HOH A . 
D 4 HOH 82  2082 2082 HOH HOH A . 
D 4 HOH 83  2083 2083 HOH HOH A . 
D 4 HOH 84  2084 2084 HOH HOH A . 
D 4 HOH 85  2085 2085 HOH HOH A . 
D 4 HOH 86  2086 2086 HOH HOH A . 
D 4 HOH 87  2087 2087 HOH HOH A . 
D 4 HOH 88  2088 2088 HOH HOH A . 
D 4 HOH 89  2089 2089 HOH HOH A . 
D 4 HOH 90  2090 2090 HOH HOH A . 
D 4 HOH 91  2091 2091 HOH HOH A . 
D 4 HOH 92  2092 2092 HOH HOH A . 
D 4 HOH 93  2093 2093 HOH HOH A . 
D 4 HOH 94  2094 2094 HOH HOH A . 
D 4 HOH 95  2095 2095 HOH HOH A . 
D 4 HOH 96  2096 2096 HOH HOH A . 
D 4 HOH 97  2097 2097 HOH HOH A . 
D 4 HOH 98  2098 2098 HOH HOH A . 
D 4 HOH 99  2099 2099 HOH HOH A . 
D 4 HOH 100 2100 2100 HOH HOH A . 
D 4 HOH 101 2101 2101 HOH HOH A . 
D 4 HOH 102 2102 2102 HOH HOH A . 
D 4 HOH 103 2103 2103 HOH HOH A . 
D 4 HOH 104 2104 2104 HOH HOH A . 
D 4 HOH 105 2105 2105 HOH HOH A . 
D 4 HOH 106 2106 2106 HOH HOH A . 
D 4 HOH 107 2107 2107 HOH HOH A . 
D 4 HOH 108 2108 2108 HOH HOH A . 
D 4 HOH 109 2109 2109 HOH HOH A . 
D 4 HOH 110 2110 2110 HOH HOH A . 
D 4 HOH 111 2111 2111 HOH HOH A . 
D 4 HOH 112 2112 2112 HOH HOH A . 
D 4 HOH 113 2113 2113 HOH HOH A . 
D 4 HOH 114 2114 2114 HOH HOH A . 
D 4 HOH 115 2115 2115 HOH HOH A . 
D 4 HOH 116 2116 2116 HOH HOH A . 
D 4 HOH 117 2117 2117 HOH HOH A . 
D 4 HOH 118 2118 2118 HOH HOH A . 
D 4 HOH 119 2119 2119 HOH HOH A . 
D 4 HOH 120 2120 2120 HOH HOH A . 
D 4 HOH 121 2121 2121 HOH HOH A . 
D 4 HOH 122 2122 2122 HOH HOH A . 
D 4 HOH 123 2123 2123 HOH HOH A . 
D 4 HOH 124 2124 2124 HOH HOH A . 
D 4 HOH 125 2125 2125 HOH HOH A . 
D 4 HOH 126 2126 2126 HOH HOH A . 
D 4 HOH 127 2127 2127 HOH HOH A . 
D 4 HOH 128 2128 2128 HOH HOH A . 
D 4 HOH 129 2129 2129 HOH HOH A . 
D 4 HOH 130 2130 2130 HOH HOH A . 
D 4 HOH 131 2131 2131 HOH HOH A . 
D 4 HOH 132 2132 2132 HOH HOH A . 
D 4 HOH 133 2133 2133 HOH HOH A . 
D 4 HOH 134 2134 2134 HOH HOH A . 
D 4 HOH 135 2135 2135 HOH HOH A . 
D 4 HOH 136 2136 2136 HOH HOH A . 
D 4 HOH 137 2137 2137 HOH HOH A . 
D 4 HOH 138 2138 2138 HOH HOH A . 
# 
_pdbx_struct_assembly.id                   1 
_pdbx_struct_assembly.details              author_and_software_defined_assembly 
_pdbx_struct_assembly.method_details       PISA 
_pdbx_struct_assembly.oligomeric_details   monomeric 
_pdbx_struct_assembly.oligomeric_count     1 
# 
_pdbx_struct_assembly_gen.assembly_id       1 
_pdbx_struct_assembly_gen.oper_expression   1 
_pdbx_struct_assembly_gen.asym_id_list      A,B,C,D 
# 
_pdbx_struct_oper_list.id                   1 
_pdbx_struct_oper_list.type                 'identity operation' 
_pdbx_struct_oper_list.name                 1_555 
_pdbx_struct_oper_list.symmetry_operation   x,y,z 
_pdbx_struct_oper_list.matrix[1][1]         1.0000000000 
_pdbx_struct_oper_list.matrix[1][2]         0.0000000000 
_pdbx_struct_oper_list.matrix[1][3]         0.0000000000 
_pdbx_struct_oper_list.vector[1]            0.0000000000 
_pdbx_struct_oper_list.matrix[2][1]         0.0000000000 
_pdbx_struct_oper_list.matrix[2][2]         1.0000000000 
_pdbx_struct_oper_list.matrix[2][3]         0.0000000000 
_pdbx_struct_oper_list.vector[2]            0.0000000000 
_pdbx_struct_oper_list.matrix[3][1]         0.0000000000 
_pdbx_struct_oper_list.matrix[3][2]         0.0000000000 
_pdbx_struct_oper_list.matrix[3][3]         1.0000000000 
_pdbx_struct_oper_list.vector[3]            0.0000000000 
# 
loop_
_pdbx_audit_revision_history.ordinal 
_pdbx_audit_revision_history.data_content_type 
_pdbx_audit_revision_history.major_revision 
_pdbx_audit_revision_history.minor_revision 
_pdbx_audit_revision_history.revision_date 
1 'Structure model' 1 0 2011-01-12 
2 'Structure model' 1 1 2011-05-08 
3 'Structure model' 1 2 2011-07-13 
4 'Structure model' 1 3 2019-01-30 
5 'Structure model' 1 4 2019-02-06 
6 'Structure model' 1 5 2023-12-20 
# 
_pdbx_audit_revision_details.ordinal             1 
_pdbx_audit_revision_details.revision_ordinal    1 
_pdbx_audit_revision_details.data_content_type   'Structure model' 
_pdbx_audit_revision_details.provider            repository 
_pdbx_audit_revision_details.type                'Initial release' 
_pdbx_audit_revision_details.description         ? 
_pdbx_audit_revision_details.details             ? 
# 
loop_
_pdbx_audit_revision_group.ordinal 
_pdbx_audit_revision_group.revision_ordinal 
_pdbx_audit_revision_group.data_content_type 
_pdbx_audit_revision_group.group 
1  2 'Structure model' 'Version format compliance' 
2  3 'Structure model' 'Version format compliance' 
3  4 'Structure model' 'Data collection'           
4  4 'Structure model' 'Experimental preparation'  
5  4 'Structure model' Other                       
6  5 'Structure model' 'Data collection'           
7  5 'Structure model' 'Experimental preparation'  
8  6 'Structure model' 'Data collection'           
9  6 'Structure model' 'Database references'       
10 6 'Structure model' 'Derived calculations'      
11 6 'Structure model' Other                       
12 6 'Structure model' 'Refinement description'    
# 
loop_
_pdbx_audit_revision_category.ordinal 
_pdbx_audit_revision_category.revision_ordinal 
_pdbx_audit_revision_category.data_content_type 
_pdbx_audit_revision_category.category 
1  4 'Structure model' exptl_crystal_grow            
2  4 'Structure model' pdbx_database_proc            
3  4 'Structure model' pdbx_database_status          
4  5 'Structure model' exptl_crystal_grow            
5  6 'Structure model' chem_comp_atom                
6  6 'Structure model' chem_comp_bond                
7  6 'Structure model' database_2                    
8  6 'Structure model' pdbx_database_status          
9  6 'Structure model' pdbx_initial_refinement_model 
10 6 'Structure model' struct_site                   
# 
loop_
_pdbx_audit_revision_item.ordinal 
_pdbx_audit_revision_item.revision_ordinal 
_pdbx_audit_revision_item.data_content_type 
_pdbx_audit_revision_item.item 
1 4 'Structure model' '_exptl_crystal_grow.method'                  
2 4 'Structure model' '_pdbx_database_status.recvd_author_approval' 
3 5 'Structure model' '_exptl_crystal_grow.temp'                    
4 6 'Structure model' '_database_2.pdbx_DOI'                        
5 6 'Structure model' '_database_2.pdbx_database_accession'         
6 6 'Structure model' '_pdbx_database_status.status_code_sf'        
7 6 'Structure model' '_struct_site.pdbx_auth_asym_id'              
8 6 'Structure model' '_struct_site.pdbx_auth_comp_id'              
9 6 'Structure model' '_struct_site.pdbx_auth_seq_id'               
# 
loop_
_software.name 
_software.classification 
_software.version 
_software.citation_id 
_software.pdbx_ordinal 
_software.date 
_software.type 
_software.location 
_software.language 
REFMAC refinement       5.5.0109 ? 1 ? ? ? ? 
d*TREK 'data reduction' .        ? 2 ? ? ? ? 
d*TREK 'data scaling'   .        ? 3 ? ? ? ? 
AMoRE  phasing          .        ? 4 ? ? ? ? 
# 
_pdbx_entry_details.entry_id                 2XP7 
_pdbx_entry_details.compound_details         'ENGINEERED RESIDUE IN CHAIN A, ARG  14 TO ALA' 
_pdbx_entry_details.source_details           ? 
_pdbx_entry_details.nonpolymer_details       ? 
_pdbx_entry_details.sequence_details         ? 
_pdbx_entry_details.has_ligand_of_interest   ? 
# 
loop_
_pdbx_validate_close_contact.id 
_pdbx_validate_close_contact.PDB_model_num 
_pdbx_validate_close_contact.auth_atom_id_1 
_pdbx_validate_close_contact.auth_asym_id_1 
_pdbx_validate_close_contact.auth_comp_id_1 
_pdbx_validate_close_contact.auth_seq_id_1 
_pdbx_validate_close_contact.PDB_ins_code_1 
_pdbx_validate_close_contact.label_alt_id_1 
_pdbx_validate_close_contact.auth_atom_id_2 
_pdbx_validate_close_contact.auth_asym_id_2 
_pdbx_validate_close_contact.auth_comp_id_2 
_pdbx_validate_close_contact.auth_seq_id_2 
_pdbx_validate_close_contact.PDB_ins_code_2 
_pdbx_validate_close_contact.label_alt_id_2 
_pdbx_validate_close_contact.dist 
1 1 O A HOH 2059 ? ? O A HOH 2068 ? ? 2.13 
2 1 N A GLY 10   ? ? O A HOH 2006 ? ? 2.16 
# 
loop_
_pdbx_validate_rmsd_bond.id 
_pdbx_validate_rmsd_bond.PDB_model_num 
_pdbx_validate_rmsd_bond.auth_atom_id_1 
_pdbx_validate_rmsd_bond.auth_asym_id_1 
_pdbx_validate_rmsd_bond.auth_comp_id_1 
_pdbx_validate_rmsd_bond.auth_seq_id_1 
_pdbx_validate_rmsd_bond.PDB_ins_code_1 
_pdbx_validate_rmsd_bond.label_alt_id_1 
_pdbx_validate_rmsd_bond.auth_atom_id_2 
_pdbx_validate_rmsd_bond.auth_asym_id_2 
_pdbx_validate_rmsd_bond.auth_comp_id_2 
_pdbx_validate_rmsd_bond.auth_seq_id_2 
_pdbx_validate_rmsd_bond.PDB_ins_code_2 
_pdbx_validate_rmsd_bond.label_alt_id_2 
_pdbx_validate_rmsd_bond.bond_value 
_pdbx_validate_rmsd_bond.bond_target_value 
_pdbx_validate_rmsd_bond.bond_deviation 
_pdbx_validate_rmsd_bond.bond_standard_deviation 
_pdbx_validate_rmsd_bond.linker_flag 
1 1 CB A GLU 83  ? ? CG A GLU 83  ? ? 1.636 1.517 0.119 0.019 N 
2 1 CG A GLU 83  ? ? CD A GLU 83  ? ? 1.609 1.515 0.094 0.015 N 
3 1 CG A GLU 145 ? ? CD A GLU 145 ? ? 1.613 1.515 0.098 0.015 N 
# 
_pdbx_validate_rmsd_angle.id                         1 
_pdbx_validate_rmsd_angle.PDB_model_num              1 
_pdbx_validate_rmsd_angle.auth_atom_id_1             NE 
_pdbx_validate_rmsd_angle.auth_asym_id_1             A 
_pdbx_validate_rmsd_angle.auth_comp_id_1             ARG 
_pdbx_validate_rmsd_angle.auth_seq_id_1              161 
_pdbx_validate_rmsd_angle.PDB_ins_code_1             ? 
_pdbx_validate_rmsd_angle.label_alt_id_1             ? 
_pdbx_validate_rmsd_angle.auth_atom_id_2             CZ 
_pdbx_validate_rmsd_angle.auth_asym_id_2             A 
_pdbx_validate_rmsd_angle.auth_comp_id_2             ARG 
_pdbx_validate_rmsd_angle.auth_seq_id_2              161 
_pdbx_validate_rmsd_angle.PDB_ins_code_2             ? 
_pdbx_validate_rmsd_angle.label_alt_id_2             ? 
_pdbx_validate_rmsd_angle.auth_atom_id_3             NH1 
_pdbx_validate_rmsd_angle.auth_asym_id_3             A 
_pdbx_validate_rmsd_angle.auth_comp_id_3             ARG 
_pdbx_validate_rmsd_angle.auth_seq_id_3              161 
_pdbx_validate_rmsd_angle.PDB_ins_code_3             ? 
_pdbx_validate_rmsd_angle.label_alt_id_3             ? 
_pdbx_validate_rmsd_angle.angle_value                123.36 
_pdbx_validate_rmsd_angle.angle_target_value         120.30 
_pdbx_validate_rmsd_angle.angle_deviation            3.06 
_pdbx_validate_rmsd_angle.angle_standard_deviation   0.50 
_pdbx_validate_rmsd_angle.linker_flag                N 
# 
loop_
_pdbx_validate_torsion.id 
_pdbx_validate_torsion.PDB_model_num 
_pdbx_validate_torsion.auth_comp_id 
_pdbx_validate_torsion.auth_asym_id 
_pdbx_validate_torsion.auth_seq_id 
_pdbx_validate_torsion.PDB_ins_code 
_pdbx_validate_torsion.label_alt_id 
_pdbx_validate_torsion.phi 
_pdbx_validate_torsion.psi 
1 1 PRO A 8  ? ? -46.85  161.73 
2 1 PRO A 70 ? ? -69.89  54.53  
3 1 GLN A 75 ? ? -161.95 115.19 
# 
_pdbx_distant_solvent_atoms.id                                1 
_pdbx_distant_solvent_atoms.PDB_model_num                     1 
_pdbx_distant_solvent_atoms.auth_atom_id                      O 
_pdbx_distant_solvent_atoms.label_alt_id                      ? 
_pdbx_distant_solvent_atoms.auth_asym_id                      A 
_pdbx_distant_solvent_atoms.auth_comp_id                      HOH 
_pdbx_distant_solvent_atoms.auth_seq_id                       2026 
_pdbx_distant_solvent_atoms.PDB_ins_code                      ? 
_pdbx_distant_solvent_atoms.neighbor_macromolecule_distance   6.70 
_pdbx_distant_solvent_atoms.neighbor_ligand_distance          . 
# 
loop_
_pdbx_unobs_or_zero_occ_atoms.id 
_pdbx_unobs_or_zero_occ_atoms.PDB_model_num 
_pdbx_unobs_or_zero_occ_atoms.polymer_flag 
_pdbx_unobs_or_zero_occ_atoms.occupancy_flag 
_pdbx_unobs_or_zero_occ_atoms.auth_asym_id 
_pdbx_unobs_or_zero_occ_atoms.auth_comp_id 
_pdbx_unobs_or_zero_occ_atoms.auth_seq_id 
_pdbx_unobs_or_zero_occ_atoms.PDB_ins_code 
_pdbx_unobs_or_zero_occ_atoms.auth_atom_id 
_pdbx_unobs_or_zero_occ_atoms.label_alt_id 
_pdbx_unobs_or_zero_occ_atoms.label_asym_id 
_pdbx_unobs_or_zero_occ_atoms.label_comp_id 
_pdbx_unobs_or_zero_occ_atoms.label_seq_id 
_pdbx_unobs_or_zero_occ_atoms.label_atom_id 
1  1 Y 1 A GLU 87   ? CD  ? A GLU 91 CD  
2  1 Y 1 A GLU 87   ? OE1 ? A GLU 91 OE1 
3  1 Y 1 A GLU 87   ? OE2 ? A GLU 91 OE2 
4  1 N 1 A 12P 1165 ? O13 ? C 12P 1  O13 
5  1 N 1 A 12P 1165 ? C12 ? C 12P 1  C12 
6  1 N 1 A 12P 1165 ? C11 ? C 12P 1  C11 
7  1 N 1 A 12P 1165 ? O10 ? C 12P 1  O10 
8  1 N 1 A 12P 1165 ? C9  ? C 12P 1  C9  
9  1 N 1 A 12P 1165 ? C8  ? C 12P 1  C8  
10 1 N 1 A 12P 1165 ? O7  ? C 12P 1  O7  
11 1 N 1 A 12P 1165 ? C6  ? C 12P 1  C6  
12 1 N 1 A 12P 1165 ? C5  ? C 12P 1  C5  
13 1 N 1 A 12P 1165 ? O4  ? C 12P 1  O4  
14 1 N 1 A 12P 1165 ? C3  ? C 12P 1  C3  
15 1 N 1 A 12P 1165 ? C2  ? C 12P 1  C2  
16 1 N 1 A 12P 1165 ? O1  ? C 12P 1  O1  
# 
loop_
_pdbx_unobs_or_zero_occ_residues.id 
_pdbx_unobs_or_zero_occ_residues.PDB_model_num 
_pdbx_unobs_or_zero_occ_residues.polymer_flag 
_pdbx_unobs_or_zero_occ_residues.occupancy_flag 
_pdbx_unobs_or_zero_occ_residues.auth_asym_id 
_pdbx_unobs_or_zero_occ_residues.auth_comp_id 
_pdbx_unobs_or_zero_occ_residues.auth_seq_id 
_pdbx_unobs_or_zero_occ_residues.PDB_ins_code 
_pdbx_unobs_or_zero_occ_residues.label_asym_id 
_pdbx_unobs_or_zero_occ_residues.label_comp_id 
_pdbx_unobs_or_zero_occ_residues.label_seq_id 
1  1 Y 1 A GLY -3 ? A GLY 1  
2  1 Y 1 A SER -2 ? A SER 2  
3  1 Y 1 A HIS -1 ? A HIS 3  
4  1 Y 1 A GLY 0  ? A GLY 4  
5  1 Y 1 A MET 1  ? A MET 5  
6  1 Y 1 A ALA 2  ? A ALA 6  
7  1 Y 1 A ASP 3  ? A ASP 7  
8  1 Y 1 A GLU 4  ? A GLU 8  
9  1 Y 1 A GLU 5  ? A GLU 9  
10 1 Y 1 A LYS 6  ? A LYS 10 
11 1 Y 1 A GLY 39 ? A GLY 43 
12 1 Y 1 A ASN 40 ? A ASN 44 
13 1 Y 1 A SER 41 ? A SER 45 
14 1 Y 1 A SER 42 ? A SER 46 
15 1 Y 1 A SER 43 ? A SER 47 
16 1 Y 1 A GLY 44 ? A GLY 48 
17 1 Y 1 A GLY 45 ? A GLY 49 
18 1 Y 1 A LYS 46 ? A LYS 50 
19 1 Y 1 A ASN 47 ? A ASN 51 
20 1 Y 1 A GLY 48 ? A GLY 52 
21 1 Y 1 A GLN 49 ? A GLN 53 
22 1 Y 1 A GLY 50 ? A GLY 54 
# 
loop_
_chem_comp_atom.comp_id 
_chem_comp_atom.atom_id 
_chem_comp_atom.type_symbol 
_chem_comp_atom.pdbx_aromatic_flag 
_chem_comp_atom.pdbx_stereo_config 
_chem_comp_atom.pdbx_ordinal 
12P O37  O N N 1   
12P C36  C N N 2   
12P C35  C N N 3   
12P O34  O N N 4   
12P C33  C N N 5   
12P C32  C N N 6   
12P O31  O N N 7   
12P C30  C N N 8   
12P C29  C N N 9   
12P O28  O N N 10  
12P C27  C N N 11  
12P C26  C N N 12  
12P O25  O N N 13  
12P C24  C N N 14  
12P C23  C N N 15  
12P O22  O N N 16  
12P C21  C N N 17  
12P C20  C N N 18  
12P O19  O N N 19  
12P C18  C N N 20  
12P C17  C N N 21  
12P O16  O N N 22  
12P C15  C N N 23  
12P C14  C N N 24  
12P O13  O N N 25  
12P C12  C N N 26  
12P C11  C N N 27  
12P O10  O N N 28  
12P C9   C N N 29  
12P C8   C N N 30  
12P O7   O N N 31  
12P C6   C N N 32  
12P C5   C N N 33  
12P O4   O N N 34  
12P C3   C N N 35  
12P C2   C N N 36  
12P O1   O N N 37  
12P H37  H N N 38  
12P H361 H N N 39  
12P H362 H N N 40  
12P H351 H N N 41  
12P H352 H N N 42  
12P H331 H N N 43  
12P H332 H N N 44  
12P H321 H N N 45  
12P H322 H N N 46  
12P H301 H N N 47  
12P H302 H N N 48  
12P H291 H N N 49  
12P H292 H N N 50  
12P H271 H N N 51  
12P H272 H N N 52  
12P H261 H N N 53  
12P H262 H N N 54  
12P H241 H N N 55  
12P H242 H N N 56  
12P H231 H N N 57  
12P H232 H N N 58  
12P H211 H N N 59  
12P H212 H N N 60  
12P H201 H N N 61  
12P H202 H N N 62  
12P H181 H N N 63  
12P H182 H N N 64  
12P H171 H N N 65  
12P H172 H N N 66  
12P H151 H N N 67  
12P H152 H N N 68  
12P H141 H N N 69  
12P H142 H N N 70  
12P H121 H N N 71  
12P H122 H N N 72  
12P H111 H N N 73  
12P H112 H N N 74  
12P H91  H N N 75  
12P H92  H N N 76  
12P H81  H N N 77  
12P H82  H N N 78  
12P H61  H N N 79  
12P H62  H N N 80  
12P H51  H N N 81  
12P H52  H N N 82  
12P H31  H N N 83  
12P H32  H N N 84  
12P H21  H N N 85  
12P H22  H N N 86  
12P HO1  H N N 87  
4F8 N4C  N Y N 88  
4F8 C5C  C Y N 89  
4F8 C6C  C Y N 90  
4F8 C7C  C N N 91  
4F8 O8C  O N N 92  
4F8 O9C  O N N 93  
4F8 C1D  C Y N 94  
4F8 C2D  C Y N 95  
4F8 C3D  C Y N 96  
4F8 C4D  C Y N 97  
4F8 C5D  C Y N 98  
4F8 C6D  C Y N 99  
4F8 C7D  C Y N 100 
4F8 O    O N N 101 
4F8 O2   O N N 102 
4F8 N3   N Y N 103 
4F8 C6   C N N 104 
4F8 H3   H N N 105 
4F8 H9C  H N N 106 
4F8 H2D  H N N 107 
4F8 H6D  H N N 108 
4F8 H3D  H N N 109 
4F8 H4D  H N N 110 
4F8 H5D  H N N 111 
4F8 H2   H N N 112 
ALA N    N N N 113 
ALA CA   C N S 114 
ALA C    C N N 115 
ALA O    O N N 116 
ALA CB   C N N 117 
ALA OXT  O N N 118 
ALA H    H N N 119 
ALA H2   H N N 120 
ALA HA   H N N 121 
ALA HB1  H N N 122 
ALA HB2  H N N 123 
ALA HB3  H N N 124 
ALA HXT  H N N 125 
ARG N    N N N 126 
ARG CA   C N S 127 
ARG C    C N N 128 
ARG O    O N N 129 
ARG CB   C N N 130 
ARG CG   C N N 131 
ARG CD   C N N 132 
ARG NE   N N N 133 
ARG CZ   C N N 134 
ARG NH1  N N N 135 
ARG NH2  N N N 136 
ARG OXT  O N N 137 
ARG H    H N N 138 
ARG H2   H N N 139 
ARG HA   H N N 140 
ARG HB2  H N N 141 
ARG HB3  H N N 142 
ARG HG2  H N N 143 
ARG HG3  H N N 144 
ARG HD2  H N N 145 
ARG HD3  H N N 146 
ARG HE   H N N 147 
ARG HH11 H N N 148 
ARG HH12 H N N 149 
ARG HH21 H N N 150 
ARG HH22 H N N 151 
ARG HXT  H N N 152 
ASN N    N N N 153 
ASN CA   C N S 154 
ASN C    C N N 155 
ASN O    O N N 156 
ASN CB   C N N 157 
ASN CG   C N N 158 
ASN OD1  O N N 159 
ASN ND2  N N N 160 
ASN OXT  O N N 161 
ASN H    H N N 162 
ASN H2   H N N 163 
ASN HA   H N N 164 
ASN HB2  H N N 165 
ASN HB3  H N N 166 
ASN HD21 H N N 167 
ASN HD22 H N N 168 
ASN HXT  H N N 169 
ASP N    N N N 170 
ASP CA   C N S 171 
ASP C    C N N 172 
ASP O    O N N 173 
ASP CB   C N N 174 
ASP CG   C N N 175 
ASP OD1  O N N 176 
ASP OD2  O N N 177 
ASP OXT  O N N 178 
ASP H    H N N 179 
ASP H2   H N N 180 
ASP HA   H N N 181 
ASP HB2  H N N 182 
ASP HB3  H N N 183 
ASP HD2  H N N 184 
ASP HXT  H N N 185 
CYS N    N N N 186 
CYS CA   C N R 187 
CYS C    C N N 188 
CYS O    O N N 189 
CYS CB   C N N 190 
CYS SG   S N N 191 
CYS OXT  O N N 192 
CYS H    H N N 193 
CYS H2   H N N 194 
CYS HA   H N N 195 
CYS HB2  H N N 196 
CYS HB3  H N N 197 
CYS HG   H N N 198 
CYS HXT  H N N 199 
GLN N    N N N 200 
GLN CA   C N S 201 
GLN C    C N N 202 
GLN O    O N N 203 
GLN CB   C N N 204 
GLN CG   C N N 205 
GLN CD   C N N 206 
GLN OE1  O N N 207 
GLN NE2  N N N 208 
GLN OXT  O N N 209 
GLN H    H N N 210 
GLN H2   H N N 211 
GLN HA   H N N 212 
GLN HB2  H N N 213 
GLN HB3  H N N 214 
GLN HG2  H N N 215 
GLN HG3  H N N 216 
GLN HE21 H N N 217 
GLN HE22 H N N 218 
GLN HXT  H N N 219 
GLU N    N N N 220 
GLU CA   C N S 221 
GLU C    C N N 222 
GLU O    O N N 223 
GLU CB   C N N 224 
GLU CG   C N N 225 
GLU CD   C N N 226 
GLU OE1  O N N 227 
GLU OE2  O N N 228 
GLU OXT  O N N 229 
GLU H    H N N 230 
GLU H2   H N N 231 
GLU HA   H N N 232 
GLU HB2  H N N 233 
GLU HB3  H N N 234 
GLU HG2  H N N 235 
GLU HG3  H N N 236 
GLU HE2  H N N 237 
GLU HXT  H N N 238 
GLY N    N N N 239 
GLY CA   C N N 240 
GLY C    C N N 241 
GLY O    O N N 242 
GLY OXT  O N N 243 
GLY H    H N N 244 
GLY H2   H N N 245 
GLY HA2  H N N 246 
GLY HA3  H N N 247 
GLY HXT  H N N 248 
HIS N    N N N 249 
HIS CA   C N S 250 
HIS C    C N N 251 
HIS O    O N N 252 
HIS CB   C N N 253 
HIS CG   C Y N 254 
HIS ND1  N Y N 255 
HIS CD2  C Y N 256 
HIS CE1  C Y N 257 
HIS NE2  N Y N 258 
HIS OXT  O N N 259 
HIS H    H N N 260 
HIS H2   H N N 261 
HIS HA   H N N 262 
HIS HB2  H N N 263 
HIS HB3  H N N 264 
HIS HD1  H N N 265 
HIS HD2  H N N 266 
HIS HE1  H N N 267 
HIS HE2  H N N 268 
HIS HXT  H N N 269 
HOH O    O N N 270 
HOH H1   H N N 271 
HOH H2   H N N 272 
ILE N    N N N 273 
ILE CA   C N S 274 
ILE C    C N N 275 
ILE O    O N N 276 
ILE CB   C N S 277 
ILE CG1  C N N 278 
ILE CG2  C N N 279 
ILE CD1  C N N 280 
ILE OXT  O N N 281 
ILE H    H N N 282 
ILE H2   H N N 283 
ILE HA   H N N 284 
ILE HB   H N N 285 
ILE HG12 H N N 286 
ILE HG13 H N N 287 
ILE HG21 H N N 288 
ILE HG22 H N N 289 
ILE HG23 H N N 290 
ILE HD11 H N N 291 
ILE HD12 H N N 292 
ILE HD13 H N N 293 
ILE HXT  H N N 294 
LEU N    N N N 295 
LEU CA   C N S 296 
LEU C    C N N 297 
LEU O    O N N 298 
LEU CB   C N N 299 
LEU CG   C N N 300 
LEU CD1  C N N 301 
LEU CD2  C N N 302 
LEU OXT  O N N 303 
LEU H    H N N 304 
LEU H2   H N N 305 
LEU HA   H N N 306 
LEU HB2  H N N 307 
LEU HB3  H N N 308 
LEU HG   H N N 309 
LEU HD11 H N N 310 
LEU HD12 H N N 311 
LEU HD13 H N N 312 
LEU HD21 H N N 313 
LEU HD22 H N N 314 
LEU HD23 H N N 315 
LEU HXT  H N N 316 
LYS N    N N N 317 
LYS CA   C N S 318 
LYS C    C N N 319 
LYS O    O N N 320 
LYS CB   C N N 321 
LYS CG   C N N 322 
LYS CD   C N N 323 
LYS CE   C N N 324 
LYS NZ   N N N 325 
LYS OXT  O N N 326 
LYS H    H N N 327 
LYS H2   H N N 328 
LYS HA   H N N 329 
LYS HB2  H N N 330 
LYS HB3  H N N 331 
LYS HG2  H N N 332 
LYS HG3  H N N 333 
LYS HD2  H N N 334 
LYS HD3  H N N 335 
LYS HE2  H N N 336 
LYS HE3  H N N 337 
LYS HZ1  H N N 338 
LYS HZ2  H N N 339 
LYS HZ3  H N N 340 
LYS HXT  H N N 341 
MET N    N N N 342 
MET CA   C N S 343 
MET C    C N N 344 
MET O    O N N 345 
MET CB   C N N 346 
MET CG   C N N 347 
MET SD   S N N 348 
MET CE   C N N 349 
MET OXT  O N N 350 
MET H    H N N 351 
MET H2   H N N 352 
MET HA   H N N 353 
MET HB2  H N N 354 
MET HB3  H N N 355 
MET HG2  H N N 356 
MET HG3  H N N 357 
MET HE1  H N N 358 
MET HE2  H N N 359 
MET HE3  H N N 360 
MET HXT  H N N 361 
PHE N    N N N 362 
PHE CA   C N S 363 
PHE C    C N N 364 
PHE O    O N N 365 
PHE CB   C N N 366 
PHE CG   C Y N 367 
PHE CD1  C Y N 368 
PHE CD2  C Y N 369 
PHE CE1  C Y N 370 
PHE CE2  C Y N 371 
PHE CZ   C Y N 372 
PHE OXT  O N N 373 
PHE H    H N N 374 
PHE H2   H N N 375 
PHE HA   H N N 376 
PHE HB2  H N N 377 
PHE HB3  H N N 378 
PHE HD1  H N N 379 
PHE HD2  H N N 380 
PHE HE1  H N N 381 
PHE HE2  H N N 382 
PHE HZ   H N N 383 
PHE HXT  H N N 384 
PRO N    N N N 385 
PRO CA   C N S 386 
PRO C    C N N 387 
PRO O    O N N 388 
PRO CB   C N N 389 
PRO CG   C N N 390 
PRO CD   C N N 391 
PRO OXT  O N N 392 
PRO H    H N N 393 
PRO HA   H N N 394 
PRO HB2  H N N 395 
PRO HB3  H N N 396 
PRO HG2  H N N 397 
PRO HG3  H N N 398 
PRO HD2  H N N 399 
PRO HD3  H N N 400 
PRO HXT  H N N 401 
SER N    N N N 402 
SER CA   C N S 403 
SER C    C N N 404 
SER O    O N N 405 
SER CB   C N N 406 
SER OG   O N N 407 
SER OXT  O N N 408 
SER H    H N N 409 
SER H2   H N N 410 
SER HA   H N N 411 
SER HB2  H N N 412 
SER HB3  H N N 413 
SER HG   H N N 414 
SER HXT  H N N 415 
THR N    N N N 416 
THR CA   C N S 417 
THR C    C N N 418 
THR O    O N N 419 
THR CB   C N R 420 
THR OG1  O N N 421 
THR CG2  C N N 422 
THR OXT  O N N 423 
THR H    H N N 424 
THR H2   H N N 425 
THR HA   H N N 426 
THR HB   H N N 427 
THR HG1  H N N 428 
THR HG21 H N N 429 
THR HG22 H N N 430 
THR HG23 H N N 431 
THR HXT  H N N 432 
TRP N    N N N 433 
TRP CA   C N S 434 
TRP C    C N N 435 
TRP O    O N N 436 
TRP CB   C N N 437 
TRP CG   C Y N 438 
TRP CD1  C Y N 439 
TRP CD2  C Y N 440 
TRP NE1  N Y N 441 
TRP CE2  C Y N 442 
TRP CE3  C Y N 443 
TRP CZ2  C Y N 444 
TRP CZ3  C Y N 445 
TRP CH2  C Y N 446 
TRP OXT  O N N 447 
TRP H    H N N 448 
TRP H2   H N N 449 
TRP HA   H N N 450 
TRP HB2  H N N 451 
TRP HB3  H N N 452 
TRP HD1  H N N 453 
TRP HE1  H N N 454 
TRP HE3  H N N 455 
TRP HZ2  H N N 456 
TRP HZ3  H N N 457 
TRP HH2  H N N 458 
TRP HXT  H N N 459 
TYR N    N N N 460 
TYR CA   C N S 461 
TYR C    C N N 462 
TYR O    O N N 463 
TYR CB   C N N 464 
TYR CG   C Y N 465 
TYR CD1  C Y N 466 
TYR CD2  C Y N 467 
TYR CE1  C Y N 468 
TYR CE2  C Y N 469 
TYR CZ   C Y N 470 
TYR OH   O N N 471 
TYR OXT  O N N 472 
TYR H    H N N 473 
TYR H2   H N N 474 
TYR HA   H N N 475 
TYR HB2  H N N 476 
TYR HB3  H N N 477 
TYR HD1  H N N 478 
TYR HD2  H N N 479 
TYR HE1  H N N 480 
TYR HE2  H N N 481 
TYR HH   H N N 482 
TYR HXT  H N N 483 
VAL N    N N N 484 
VAL CA   C N S 485 
VAL C    C N N 486 
VAL O    O N N 487 
VAL CB   C N N 488 
VAL CG1  C N N 489 
VAL CG2  C N N 490 
VAL OXT  O N N 491 
VAL H    H N N 492 
VAL H2   H N N 493 
VAL HA   H N N 494 
VAL HB   H N N 495 
VAL HG11 H N N 496 
VAL HG12 H N N 497 
VAL HG13 H N N 498 
VAL HG21 H N N 499 
VAL HG22 H N N 500 
VAL HG23 H N N 501 
VAL HXT  H N N 502 
# 
loop_
_chem_comp_bond.comp_id 
_chem_comp_bond.atom_id_1 
_chem_comp_bond.atom_id_2 
_chem_comp_bond.value_order 
_chem_comp_bond.pdbx_aromatic_flag 
_chem_comp_bond.pdbx_stereo_config 
_chem_comp_bond.pdbx_ordinal 
12P O37 C36  sing N N 1   
12P O37 H37  sing N N 2   
12P C36 C35  sing N N 3   
12P C36 H361 sing N N 4   
12P C36 H362 sing N N 5   
12P C35 O34  sing N N 6   
12P C35 H351 sing N N 7   
12P C35 H352 sing N N 8   
12P O34 C33  sing N N 9   
12P C33 C32  sing N N 10  
12P C33 H331 sing N N 11  
12P C33 H332 sing N N 12  
12P C32 O31  sing N N 13  
12P C32 H321 sing N N 14  
12P C32 H322 sing N N 15  
12P O31 C30  sing N N 16  
12P C30 C29  sing N N 17  
12P C30 H301 sing N N 18  
12P C30 H302 sing N N 19  
12P C29 O28  sing N N 20  
12P C29 H291 sing N N 21  
12P C29 H292 sing N N 22  
12P O28 C27  sing N N 23  
12P C27 C26  sing N N 24  
12P C27 H271 sing N N 25  
12P C27 H272 sing N N 26  
12P C26 O25  sing N N 27  
12P C26 H261 sing N N 28  
12P C26 H262 sing N N 29  
12P O25 C24  sing N N 30  
12P C24 C23  sing N N 31  
12P C24 H241 sing N N 32  
12P C24 H242 sing N N 33  
12P C23 O22  sing N N 34  
12P C23 H231 sing N N 35  
12P C23 H232 sing N N 36  
12P O22 C21  sing N N 37  
12P C21 C20  sing N N 38  
12P C21 H211 sing N N 39  
12P C21 H212 sing N N 40  
12P C20 O19  sing N N 41  
12P C20 H201 sing N N 42  
12P C20 H202 sing N N 43  
12P O19 C18  sing N N 44  
12P C18 C17  sing N N 45  
12P C18 H181 sing N N 46  
12P C18 H182 sing N N 47  
12P C17 O16  sing N N 48  
12P C17 H171 sing N N 49  
12P C17 H172 sing N N 50  
12P O16 C15  sing N N 51  
12P C15 C14  sing N N 52  
12P C15 H151 sing N N 53  
12P C15 H152 sing N N 54  
12P C14 O13  sing N N 55  
12P C14 H141 sing N N 56  
12P C14 H142 sing N N 57  
12P O13 C12  sing N N 58  
12P C12 C11  sing N N 59  
12P C12 H121 sing N N 60  
12P C12 H122 sing N N 61  
12P C11 O10  sing N N 62  
12P C11 H111 sing N N 63  
12P C11 H112 sing N N 64  
12P O10 C9   sing N N 65  
12P C9  C8   sing N N 66  
12P C9  H91  sing N N 67  
12P C9  H92  sing N N 68  
12P C8  O7   sing N N 69  
12P C8  H81  sing N N 70  
12P C8  H82  sing N N 71  
12P O7  C6   sing N N 72  
12P C6  C5   sing N N 73  
12P C6  H61  sing N N 74  
12P C6  H62  sing N N 75  
12P C5  O4   sing N N 76  
12P C5  H51  sing N N 77  
12P C5  H52  sing N N 78  
12P O4  C3   sing N N 79  
12P C3  C2   sing N N 80  
12P C3  H31  sing N N 81  
12P C3  H32  sing N N 82  
12P C2  O1   sing N N 83  
12P C2  H21  sing N N 84  
12P C2  H22  sing N N 85  
12P O1  HO1  sing N N 86  
4F8 N4C C5C  sing Y N 87  
4F8 N4C C7D  doub Y N 88  
4F8 C5C C6C  doub Y N 89  
4F8 C5C C6   sing N N 90  
4F8 C6C C7C  sing N N 91  
4F8 C6C N3   sing Y N 92  
4F8 C7C O8C  doub N N 93  
4F8 C7C O9C  sing N N 94  
4F8 C1D C2D  sing Y N 95  
4F8 C1D C6D  doub Y N 96  
4F8 C1D C7D  sing Y N 97  
4F8 C2D C3D  doub Y N 98  
4F8 C3D C4D  sing Y N 99  
4F8 C4D C5D  doub Y N 100 
4F8 C5D C6D  sing Y N 101 
4F8 C7D N3   sing Y N 102 
4F8 O   C6   doub N N 103 
4F8 O2  C6   sing N N 104 
4F8 N3  H3   sing N N 105 
4F8 O9C H9C  sing N N 106 
4F8 C2D H2D  sing N N 107 
4F8 C6D H6D  sing N N 108 
4F8 C3D H3D  sing N N 109 
4F8 C4D H4D  sing N N 110 
4F8 C5D H5D  sing N N 111 
4F8 O2  H2   sing N N 112 
ALA N   CA   sing N N 113 
ALA N   H    sing N N 114 
ALA N   H2   sing N N 115 
ALA CA  C    sing N N 116 
ALA CA  CB   sing N N 117 
ALA CA  HA   sing N N 118 
ALA C   O    doub N N 119 
ALA C   OXT  sing N N 120 
ALA CB  HB1  sing N N 121 
ALA CB  HB2  sing N N 122 
ALA CB  HB3  sing N N 123 
ALA OXT HXT  sing N N 124 
ARG N   CA   sing N N 125 
ARG N   H    sing N N 126 
ARG N   H2   sing N N 127 
ARG CA  C    sing N N 128 
ARG CA  CB   sing N N 129 
ARG CA  HA   sing N N 130 
ARG C   O    doub N N 131 
ARG C   OXT  sing N N 132 
ARG CB  CG   sing N N 133 
ARG CB  HB2  sing N N 134 
ARG CB  HB3  sing N N 135 
ARG CG  CD   sing N N 136 
ARG CG  HG2  sing N N 137 
ARG CG  HG3  sing N N 138 
ARG CD  NE   sing N N 139 
ARG CD  HD2  sing N N 140 
ARG CD  HD3  sing N N 141 
ARG NE  CZ   sing N N 142 
ARG NE  HE   sing N N 143 
ARG CZ  NH1  sing N N 144 
ARG CZ  NH2  doub N N 145 
ARG NH1 HH11 sing N N 146 
ARG NH1 HH12 sing N N 147 
ARG NH2 HH21 sing N N 148 
ARG NH2 HH22 sing N N 149 
ARG OXT HXT  sing N N 150 
ASN N   CA   sing N N 151 
ASN N   H    sing N N 152 
ASN N   H2   sing N N 153 
ASN CA  C    sing N N 154 
ASN CA  CB   sing N N 155 
ASN CA  HA   sing N N 156 
ASN C   O    doub N N 157 
ASN C   OXT  sing N N 158 
ASN CB  CG   sing N N 159 
ASN CB  HB2  sing N N 160 
ASN CB  HB3  sing N N 161 
ASN CG  OD1  doub N N 162 
ASN CG  ND2  sing N N 163 
ASN ND2 HD21 sing N N 164 
ASN ND2 HD22 sing N N 165 
ASN OXT HXT  sing N N 166 
ASP N   CA   sing N N 167 
ASP N   H    sing N N 168 
ASP N   H2   sing N N 169 
ASP CA  C    sing N N 170 
ASP CA  CB   sing N N 171 
ASP CA  HA   sing N N 172 
ASP C   O    doub N N 173 
ASP C   OXT  sing N N 174 
ASP CB  CG   sing N N 175 
ASP CB  HB2  sing N N 176 
ASP CB  HB3  sing N N 177 
ASP CG  OD1  doub N N 178 
ASP CG  OD2  sing N N 179 
ASP OD2 HD2  sing N N 180 
ASP OXT HXT  sing N N 181 
CYS N   CA   sing N N 182 
CYS N   H    sing N N 183 
CYS N   H2   sing N N 184 
CYS CA  C    sing N N 185 
CYS CA  CB   sing N N 186 
CYS CA  HA   sing N N 187 
CYS C   O    doub N N 188 
CYS C   OXT  sing N N 189 
CYS CB  SG   sing N N 190 
CYS CB  HB2  sing N N 191 
CYS CB  HB3  sing N N 192 
CYS SG  HG   sing N N 193 
CYS OXT HXT  sing N N 194 
GLN N   CA   sing N N 195 
GLN N   H    sing N N 196 
GLN N   H2   sing N N 197 
GLN CA  C    sing N N 198 
GLN CA  CB   sing N N 199 
GLN CA  HA   sing N N 200 
GLN C   O    doub N N 201 
GLN C   OXT  sing N N 202 
GLN CB  CG   sing N N 203 
GLN CB  HB2  sing N N 204 
GLN CB  HB3  sing N N 205 
GLN CG  CD   sing N N 206 
GLN CG  HG2  sing N N 207 
GLN CG  HG3  sing N N 208 
GLN CD  OE1  doub N N 209 
GLN CD  NE2  sing N N 210 
GLN NE2 HE21 sing N N 211 
GLN NE2 HE22 sing N N 212 
GLN OXT HXT  sing N N 213 
GLU N   CA   sing N N 214 
GLU N   H    sing N N 215 
GLU N   H2   sing N N 216 
GLU CA  C    sing N N 217 
GLU CA  CB   sing N N 218 
GLU CA  HA   sing N N 219 
GLU C   O    doub N N 220 
GLU C   OXT  sing N N 221 
GLU CB  CG   sing N N 222 
GLU CB  HB2  sing N N 223 
GLU CB  HB3  sing N N 224 
GLU CG  CD   sing N N 225 
GLU CG  HG2  sing N N 226 
GLU CG  HG3  sing N N 227 
GLU CD  OE1  doub N N 228 
GLU CD  OE2  sing N N 229 
GLU OE2 HE2  sing N N 230 
GLU OXT HXT  sing N N 231 
GLY N   CA   sing N N 232 
GLY N   H    sing N N 233 
GLY N   H2   sing N N 234 
GLY CA  C    sing N N 235 
GLY CA  HA2  sing N N 236 
GLY CA  HA3  sing N N 237 
GLY C   O    doub N N 238 
GLY C   OXT  sing N N 239 
GLY OXT HXT  sing N N 240 
HIS N   CA   sing N N 241 
HIS N   H    sing N N 242 
HIS N   H2   sing N N 243 
HIS CA  C    sing N N 244 
HIS CA  CB   sing N N 245 
HIS CA  HA   sing N N 246 
HIS C   O    doub N N 247 
HIS C   OXT  sing N N 248 
HIS CB  CG   sing N N 249 
HIS CB  HB2  sing N N 250 
HIS CB  HB3  sing N N 251 
HIS CG  ND1  sing Y N 252 
HIS CG  CD2  doub Y N 253 
HIS ND1 CE1  doub Y N 254 
HIS ND1 HD1  sing N N 255 
HIS CD2 NE2  sing Y N 256 
HIS CD2 HD2  sing N N 257 
HIS CE1 NE2  sing Y N 258 
HIS CE1 HE1  sing N N 259 
HIS NE2 HE2  sing N N 260 
HIS OXT HXT  sing N N 261 
HOH O   H1   sing N N 262 
HOH O   H2   sing N N 263 
ILE N   CA   sing N N 264 
ILE N   H    sing N N 265 
ILE N   H2   sing N N 266 
ILE CA  C    sing N N 267 
ILE CA  CB   sing N N 268 
ILE CA  HA   sing N N 269 
ILE C   O    doub N N 270 
ILE C   OXT  sing N N 271 
ILE CB  CG1  sing N N 272 
ILE CB  CG2  sing N N 273 
ILE CB  HB   sing N N 274 
ILE CG1 CD1  sing N N 275 
ILE CG1 HG12 sing N N 276 
ILE CG1 HG13 sing N N 277 
ILE CG2 HG21 sing N N 278 
ILE CG2 HG22 sing N N 279 
ILE CG2 HG23 sing N N 280 
ILE CD1 HD11 sing N N 281 
ILE CD1 HD12 sing N N 282 
ILE CD1 HD13 sing N N 283 
ILE OXT HXT  sing N N 284 
LEU N   CA   sing N N 285 
LEU N   H    sing N N 286 
LEU N   H2   sing N N 287 
LEU CA  C    sing N N 288 
LEU CA  CB   sing N N 289 
LEU CA  HA   sing N N 290 
LEU C   O    doub N N 291 
LEU C   OXT  sing N N 292 
LEU CB  CG   sing N N 293 
LEU CB  HB2  sing N N 294 
LEU CB  HB3  sing N N 295 
LEU CG  CD1  sing N N 296 
LEU CG  CD2  sing N N 297 
LEU CG  HG   sing N N 298 
LEU CD1 HD11 sing N N 299 
LEU CD1 HD12 sing N N 300 
LEU CD1 HD13 sing N N 301 
LEU CD2 HD21 sing N N 302 
LEU CD2 HD22 sing N N 303 
LEU CD2 HD23 sing N N 304 
LEU OXT HXT  sing N N 305 
LYS N   CA   sing N N 306 
LYS N   H    sing N N 307 
LYS N   H2   sing N N 308 
LYS CA  C    sing N N 309 
LYS CA  CB   sing N N 310 
LYS CA  HA   sing N N 311 
LYS C   O    doub N N 312 
LYS C   OXT  sing N N 313 
LYS CB  CG   sing N N 314 
LYS CB  HB2  sing N N 315 
LYS CB  HB3  sing N N 316 
LYS CG  CD   sing N N 317 
LYS CG  HG2  sing N N 318 
LYS CG  HG3  sing N N 319 
LYS CD  CE   sing N N 320 
LYS CD  HD2  sing N N 321 
LYS CD  HD3  sing N N 322 
LYS CE  NZ   sing N N 323 
LYS CE  HE2  sing N N 324 
LYS CE  HE3  sing N N 325 
LYS NZ  HZ1  sing N N 326 
LYS NZ  HZ2  sing N N 327 
LYS NZ  HZ3  sing N N 328 
LYS OXT HXT  sing N N 329 
MET N   CA   sing N N 330 
MET N   H    sing N N 331 
MET N   H2   sing N N 332 
MET CA  C    sing N N 333 
MET CA  CB   sing N N 334 
MET CA  HA   sing N N 335 
MET C   O    doub N N 336 
MET C   OXT  sing N N 337 
MET CB  CG   sing N N 338 
MET CB  HB2  sing N N 339 
MET CB  HB3  sing N N 340 
MET CG  SD   sing N N 341 
MET CG  HG2  sing N N 342 
MET CG  HG3  sing N N 343 
MET SD  CE   sing N N 344 
MET CE  HE1  sing N N 345 
MET CE  HE2  sing N N 346 
MET CE  HE3  sing N N 347 
MET OXT HXT  sing N N 348 
PHE N   CA   sing N N 349 
PHE N   H    sing N N 350 
PHE N   H2   sing N N 351 
PHE CA  C    sing N N 352 
PHE CA  CB   sing N N 353 
PHE CA  HA   sing N N 354 
PHE C   O    doub N N 355 
PHE C   OXT  sing N N 356 
PHE CB  CG   sing N N 357 
PHE CB  HB2  sing N N 358 
PHE CB  HB3  sing N N 359 
PHE CG  CD1  doub Y N 360 
PHE CG  CD2  sing Y N 361 
PHE CD1 CE1  sing Y N 362 
PHE CD1 HD1  sing N N 363 
PHE CD2 CE2  doub Y N 364 
PHE CD2 HD2  sing N N 365 
PHE CE1 CZ   doub Y N 366 
PHE CE1 HE1  sing N N 367 
PHE CE2 CZ   sing Y N 368 
PHE CE2 HE2  sing N N 369 
PHE CZ  HZ   sing N N 370 
PHE OXT HXT  sing N N 371 
PRO N   CA   sing N N 372 
PRO N   CD   sing N N 373 
PRO N   H    sing N N 374 
PRO CA  C    sing N N 375 
PRO CA  CB   sing N N 376 
PRO CA  HA   sing N N 377 
PRO C   O    doub N N 378 
PRO C   OXT  sing N N 379 
PRO CB  CG   sing N N 380 
PRO CB  HB2  sing N N 381 
PRO CB  HB3  sing N N 382 
PRO CG  CD   sing N N 383 
PRO CG  HG2  sing N N 384 
PRO CG  HG3  sing N N 385 
PRO CD  HD2  sing N N 386 
PRO CD  HD3  sing N N 387 
PRO OXT HXT  sing N N 388 
SER N   CA   sing N N 389 
SER N   H    sing N N 390 
SER N   H2   sing N N 391 
SER CA  C    sing N N 392 
SER CA  CB   sing N N 393 
SER CA  HA   sing N N 394 
SER C   O    doub N N 395 
SER C   OXT  sing N N 396 
SER CB  OG   sing N N 397 
SER CB  HB2  sing N N 398 
SER CB  HB3  sing N N 399 
SER OG  HG   sing N N 400 
SER OXT HXT  sing N N 401 
THR N   CA   sing N N 402 
THR N   H    sing N N 403 
THR N   H2   sing N N 404 
THR CA  C    sing N N 405 
THR CA  CB   sing N N 406 
THR CA  HA   sing N N 407 
THR C   O    doub N N 408 
THR C   OXT  sing N N 409 
THR CB  OG1  sing N N 410 
THR CB  CG2  sing N N 411 
THR CB  HB   sing N N 412 
THR OG1 HG1  sing N N 413 
THR CG2 HG21 sing N N 414 
THR CG2 HG22 sing N N 415 
THR CG2 HG23 sing N N 416 
THR OXT HXT  sing N N 417 
TRP N   CA   sing N N 418 
TRP N   H    sing N N 419 
TRP N   H2   sing N N 420 
TRP CA  C    sing N N 421 
TRP CA  CB   sing N N 422 
TRP CA  HA   sing N N 423 
TRP C   O    doub N N 424 
TRP C   OXT  sing N N 425 
TRP CB  CG   sing N N 426 
TRP CB  HB2  sing N N 427 
TRP CB  HB3  sing N N 428 
TRP CG  CD1  doub Y N 429 
TRP CG  CD2  sing Y N 430 
TRP CD1 NE1  sing Y N 431 
TRP CD1 HD1  sing N N 432 
TRP CD2 CE2  doub Y N 433 
TRP CD2 CE3  sing Y N 434 
TRP NE1 CE2  sing Y N 435 
TRP NE1 HE1  sing N N 436 
TRP CE2 CZ2  sing Y N 437 
TRP CE3 CZ3  doub Y N 438 
TRP CE3 HE3  sing N N 439 
TRP CZ2 CH2  doub Y N 440 
TRP CZ2 HZ2  sing N N 441 
TRP CZ3 CH2  sing Y N 442 
TRP CZ3 HZ3  sing N N 443 
TRP CH2 HH2  sing N N 444 
TRP OXT HXT  sing N N 445 
TYR N   CA   sing N N 446 
TYR N   H    sing N N 447 
TYR N   H2   sing N N 448 
TYR CA  C    sing N N 449 
TYR CA  CB   sing N N 450 
TYR CA  HA   sing N N 451 
TYR C   O    doub N N 452 
TYR C   OXT  sing N N 453 
TYR CB  CG   sing N N 454 
TYR CB  HB2  sing N N 455 
TYR CB  HB3  sing N N 456 
TYR CG  CD1  doub Y N 457 
TYR CG  CD2  sing Y N 458 
TYR CD1 CE1  sing Y N 459 
TYR CD1 HD1  sing N N 460 
TYR CD2 CE2  doub Y N 461 
TYR CD2 HD2  sing N N 462 
TYR CE1 CZ   doub Y N 463 
TYR CE1 HE1  sing N N 464 
TYR CE2 CZ   sing Y N 465 
TYR CE2 HE2  sing N N 466 
TYR CZ  OH   sing N N 467 
TYR OH  HH   sing N N 468 
TYR OXT HXT  sing N N 469 
VAL N   CA   sing N N 470 
VAL N   H    sing N N 471 
VAL N   H2   sing N N 472 
VAL CA  C    sing N N 473 
VAL CA  CB   sing N N 474 
VAL CA  HA   sing N N 475 
VAL C   O    doub N N 476 
VAL C   OXT  sing N N 477 
VAL CB  CG1  sing N N 478 
VAL CB  CG2  sing N N 479 
VAL CB  HB   sing N N 480 
VAL CG1 HG11 sing N N 481 
VAL CG1 HG12 sing N N 482 
VAL CG1 HG13 sing N N 483 
VAL CG2 HG21 sing N N 484 
VAL CG2 HG22 sing N N 485 
VAL CG2 HG23 sing N N 486 
VAL OXT HXT  sing N N 487 
# 
loop_
_pdbx_entity_nonpoly.entity_id 
_pdbx_entity_nonpoly.name 
_pdbx_entity_nonpoly.comp_id 
2 '2-PHENYL-1H-IMIDAZOLE-4,5-DICARBOXYLIC ACID' 4F8 
3 'DODECAETHYLENE GLYCOL'                       12P 
4 water                                         HOH 
# 
_pdbx_initial_refinement_model.id               1 
_pdbx_initial_refinement_model.entity_id_list   ? 
_pdbx_initial_refinement_model.type             'experimental model' 
_pdbx_initial_refinement_model.source_name      PDB 
_pdbx_initial_refinement_model.accession_code   3KCE 
_pdbx_initial_refinement_model.details          'PDB ENTRY 3KCE' 
# 
